data_8OR4
#
_entry.id   8OR4
#
_cell.length_a   1.00
_cell.length_b   1.00
_cell.length_c   1.00
_cell.angle_alpha   90.00
_cell.angle_beta   90.00
_cell.angle_gamma   90.00
#
_symmetry.space_group_name_H-M   'P 1'
#
loop_
_entity.id
_entity.type
_entity.pdbx_description
1 polymer Cullin-1
2 polymer 'E3 ubiquitin-protein ligase RBX1'
3 polymer 'Cullin-associated NEDD8-dissociated protein 1'
4 polymer 'S-phase kinase-associated protein 1'
5 polymer 'S-phase kinase-associated protein 2'
6 polymer 'Cyclin-dependent kinases regulatory subunit 1'
7 polymer 'Cyclin-dependent kinase 2'
#
loop_
_entity_poly.entity_id
_entity_poly.type
_entity_poly.pdbx_seq_one_letter_code
_entity_poly.pdbx_strand_id
1 'polypeptide(L)'
;MWSHPQFEKGSAGSAAGSGAGWSHPQFEKLEVLFQGPMSSTRSQNPHGLKQIGLDQIWDDLRAGIQQVYTRQSMAKSRYM
ELYTHVYNYCTSVHQSNQARGAGVPPSKSKKGQTPGGAQFVGLELYKRLKEFLKNYLTNLLKDGEDLMDESVLKFYTQQW
EDYRFSSKVLNGICAYLNRHWVRRECDEGRKGIYEIYSLALVTWRDCLFRPLNKQVTNAVLKLIEKERNGETINTRLISG
VVQSYVELGLNEDDAFAKGPTLTVYKESFESQFLADTERFYTRESTEFLQQNPVTEYMKKAEARLLEEQRRVQVYLHEST
QDELARKCEQVLIEKHLEIFHTEFQNLLDADKNEDLGRMYNLVSRIQDGLGELKKLLETHIHNQGLAAIEKCGEAALNDP
KMYVQTVLDVHKKYNALVMSAFNNDAGFVAALDKACGRFINNNAVTKMAQSSSKSPELLARYCDSLLKKSSKNPEEAELE
DTLNQVMVVFKYIEDKDVFQKFYAKMLAKRLVHQNSASDDAEASMISKLKQACGFEYTSKLQRMFQDIGVSKDLNEQFKK
HLTNSEPLDLDFSIQVLSSGSWPFQQSCTFALPSELERSYQRFTAFYASRHSGRKLTWLYQLSKGELVTNCFKNRYTLQA
STFQMAILLQYNTEDAYTVQQLTDSTQIKMDILAQVLQILLKSKLLVLEDENANVDEVELKPDTLIKLYLGYKNKKLRVN
INVPMKTEQKQEQETTHKNIEEDRKLLIQAAIVRIMKMRKVLKHQQLLGEVLTQLSSRFKPRVPVIKKCIDILIEKEYLE
RVDGEKDTYSYLA
;
A
2 'polypeptide(L)'
;MAAAMDVDTPSGTNSGAGKKRFEVKKWNAVALWAWDIVVDNCAICRNHIMDLCIECQANQASATSEECTVAWGVCNHAFH
FHCISRWLKTRQVCPLDNREWEFQKYGH
;
B
3 'polypeptide(L)'
;GSPEFPGRMASASYHISNLLEKMTSSDKDFRFMATNDLMTELQKDSIKLDDDSERKVVKMILKLLEDKNGEVQNLAVKCL
GPLVSKVKEYQVETIVDTLCTNMLSDKEQLRDISSIGLKTVIGELPPASSGSALAANVCKKITGRLTSAIAKQEDVSVQL
EALDIMADMLSRQGGLLVNFHPSILTCLLPQLTSPRLAVRKRTIIALGHLVMSCGNIVFVDLIEHLLSELSKNDSMSTTR
TYIQCIAAISRQAGHRIGEYLEKIIPLVVKFCNVDDDELREYCIQAFESFVRRCPKEVYPHVSTIINICLKYLTYDPNYN
YDDEDEDENAMDADGGDDDDQGSDDEYSDDDDMSWKVRRAAAKCLDAVVSTRHEMLPEFYKTVSPALISRFKEREENVKA
DVFHAYLSLLKQTRPVQSWLCDPDAMEQGETPLTMLQSQVPNIVKALHKQMKEKSVKTRQCCFNMLTELVNVLPGALTQH
IPVLVPGIIFSLNDKSSSSNLKIDALSCLYVILCNHSPQVFHPHVQALVPPVVACVGDPFYKITSEALLVTQQLVKVIRP
LDQPSSFDATPYIKDLFTCTIKRLKAADIDQEVKERAISCMGQIICNLGDNLGSDLPNTLQIFLERLKNEITRLTTVKAL
TLIAGSPLKIDLRPVLGEGVPILASFLRKNQRALKLGTLSALDILIKNYSDSLTAAMIDAVLDELPPLISESDMHVSQMA
ISFLTTLAKVYPSSLSKISGSILNELIGLVRSPLLQGGALSAMLDFFQALVVTGTNNLGYMDLLRMLTGPVYSQSTALTH
KQSYYSIAKCVAALTRACPKEGPAVVGQFIQDVKNSRSTDSIRLLALLSLGEVGHHIDLSGQLELKSVILEAFSSPSEEV
KSAASYALGSISVGNLPEYLPFVLQEITSQPKRQYLLLHSLKEIISSASVVGLKPYVENIWALLLKHCECAEEGTRNVVA
ECLGKLTLIDPETLLPRLKGYLISGSSYARSSVVTAVKFTISDHPQPIDPLLKNCIGDFLKTLEDPDLNVRRVALVTFNS
AAHNKPSLIRDLLDTVLPHLYNETKVRKELIREVEMGPFKHTVDDGLDIRKAAFECMYTLLDSCLDRLDIFEFLNHVEDG
LKDHYDIKMLTFLMLVRLSTLCPSAVLQRLDRLVEPLRATCTTKVKANSVKQEFEKQDELKRSAMRAVAALLTIPEAEKS
PLMSEFQSQISSNPELAAIFESIQKDSSSTNLESMDTS
;
C
4 'polypeptide(L)'
;MPSIKLQSSDGEIFEVDVEIAKQSVTIKTMLEDLGMDDEGDDDPVPLPNVNAAILKKVIQWCTHHKDDPPPPEDDENKEK
RTDDIPVWDQEFLKVDQGTLFELILAANYLDIKGLLDVTCKTVANMIKGKTPEEIRKTFNIKNDFTEEEEAQVRKENQWC
EEK
;
D
5 'polypeptide(L)'
;GSPEFMHRKHLQEIPDLSSNVATSFTWGWDSSKTSELLSGMGVSALEKEEPDSENIPQELLSNLGHPESPPRKRLKSKGS
DKDFVIVRRPKLNRENFPGVSWDSLPDELLLGIFSCLCLPELLKVSGVCKRWYRLASDESLWQTLDLTGKNLHPDVTGRL
LSQGVIAFRCPRSFMDQPLAEHFSPFRVQHMDLSNSVIEVSTLHGILSQCSKLQNLSLEGLRLSDPIVNTLAKNSNLVRL
NLSGCSGFSEFALQTLLSSCSRLDELNLSWCFDFTEKHVQVAVAHVSETITQLNLSGYRKNLQKSDLSTLVRRCPNLVHL
DLSDSVMLKNDCFQEFFQLNYLQHLSLSRCYDIIPETLLELGEIPTLKTLQVFGIVPDGTLQLLKEALPHLQINCSHFTT
IARPTIGNKKNQEIWGIKCRLTLQKPSCL
;
E
6 'polypeptide(L)' GPLGSQIYYSDKYDDEEFEYRHVMLPKDIAKLVPKTHLMSESEWRNLGVQQSQGWVHYMIHEPEPHILLFRRPL G
7 'polypeptide(L)'
;MENFQKVEKIGEGTYGVVYKARNKLTGEVVALKKIRLDTETEGVPSTAIREISLLKELNHPNIVKLLDVIHTENKLYLVF
EFLHQDLKKFMDASALTGIPLPLIKSYLFQLLQGLAFCHSHRVLHRDLKPQNLLINTEGAIKLADFGLARAFGVPVRTYT
HEVVTLWYRAPEILLGCKYYSTAVDIWSLGCIFAEMVTRRALFPGDSEIDQLFRIFRTLGTPDEVVWPGVTSMPDYKPSF
PKWARQDFSKVVPPLDEDGRSLLSQMLHYDPNKRISAKAALAHPFFQDVTKPVPHLRL
;
H
#
# COMPACT_ATOMS: atom_id res chain seq x y z
N ASP A 55 62.68 10.22 24.96
CA ASP A 55 63.20 11.22 25.89
C ASP A 55 62.08 11.82 26.72
N GLN A 56 62.44 12.68 27.68
CA GLN A 56 61.46 13.31 28.57
C GLN A 56 61.05 14.65 27.98
N ILE A 57 60.16 14.57 27.00
CA ILE A 57 59.56 15.76 26.39
C ILE A 57 58.05 15.65 26.53
N TRP A 58 57.60 14.93 27.58
CA TRP A 58 56.18 14.73 27.80
C TRP A 58 55.46 16.01 28.20
N ASP A 59 56.18 17.06 28.58
CA ASP A 59 55.59 18.30 29.07
C ASP A 59 55.12 19.21 27.94
N ASP A 60 55.00 18.68 26.71
CA ASP A 60 54.46 19.44 25.59
C ASP A 60 53.11 18.95 25.13
N LEU A 61 52.85 17.63 25.16
CA LEU A 61 51.53 17.13 24.84
C LEU A 61 50.51 17.48 25.91
N ARG A 62 50.98 17.71 27.15
CA ARG A 62 50.08 18.02 28.25
C ARG A 62 49.21 19.23 27.92
N ALA A 63 49.84 20.39 27.74
CA ALA A 63 49.10 21.60 27.41
C ALA A 63 48.35 21.45 26.10
N GLY A 64 48.89 20.68 25.15
CA GLY A 64 48.19 20.47 23.89
C GLY A 64 46.83 19.84 24.10
N ILE A 65 46.78 18.73 24.83
CA ILE A 65 45.49 18.08 25.07
C ILE A 65 44.63 18.91 25.99
N GLN A 66 45.25 19.64 26.93
CA GLN A 66 44.47 20.49 27.83
C GLN A 66 43.72 21.57 27.06
N GLN A 67 44.39 22.19 26.09
CA GLN A 67 43.73 23.20 25.27
C GLN A 67 42.74 22.57 24.30
N VAL A 68 43.13 21.46 23.66
CA VAL A 68 42.22 20.77 22.75
C VAL A 68 41.00 20.26 23.50
N TYR A 69 41.15 19.97 24.80
CA TYR A 69 39.99 19.58 25.60
C TYR A 69 38.95 20.68 25.67
N THR A 70 39.33 21.93 25.42
CA THR A 70 38.38 23.02 25.38
C THR A 70 37.68 23.06 24.02
N ARG A 71 36.60 23.85 23.95
CA ARG A 71 35.82 23.96 22.73
C ARG A 71 36.38 24.99 21.76
N GLN A 72 37.34 25.80 22.19
CA GLN A 72 37.96 26.79 21.30
C GLN A 72 39.01 26.11 20.43
N SER A 73 39.01 26.43 19.14
CA SER A 73 39.92 25.79 18.20
C SER A 73 41.36 26.13 18.54
N MET A 74 42.30 25.55 17.80
CA MET A 74 43.73 25.72 18.05
C MET A 74 44.42 26.11 16.76
N ALA A 75 45.38 27.02 16.85
CA ALA A 75 46.11 27.48 15.67
C ALA A 75 46.88 26.32 15.04
N LYS A 76 46.81 26.25 13.70
CA LYS A 76 47.48 25.17 12.99
C LYS A 76 48.99 25.38 12.88
N SER A 77 49.44 26.64 12.89
CA SER A 77 50.85 26.91 12.66
C SER A 77 51.73 26.25 13.71
N ARG A 78 51.42 26.48 14.99
CA ARG A 78 52.25 25.94 16.06
C ARG A 78 52.03 24.45 16.30
N TYR A 79 51.02 23.85 15.67
CA TYR A 79 50.73 22.45 15.93
C TYR A 79 51.89 21.54 15.58
N MET A 80 52.79 21.96 14.68
CA MET A 80 53.94 21.14 14.35
C MET A 80 54.81 20.87 15.57
N GLU A 81 54.73 21.72 16.61
CA GLU A 81 55.49 21.46 17.83
C GLU A 81 55.03 20.19 18.53
N LEU A 82 53.80 19.74 18.29
CA LEU A 82 53.27 18.56 18.96
C LEU A 82 53.49 17.29 18.14
N TYR A 83 52.94 17.25 16.92
CA TYR A 83 53.02 16.04 16.12
C TYR A 83 54.47 15.64 15.89
N THR A 84 55.32 16.59 15.51
CA THR A 84 56.73 16.29 15.29
C THR A 84 57.36 15.69 16.54
N HIS A 85 56.93 16.13 17.72
CA HIS A 85 57.48 15.59 18.96
C HIS A 85 57.16 14.10 19.09
N VAL A 86 55.98 13.69 18.65
CA VAL A 86 55.66 12.27 18.62
C VAL A 86 56.67 11.53 17.75
N TYR A 87 57.07 12.16 16.65
CA TYR A 87 58.11 11.58 15.80
C TYR A 87 59.35 11.25 16.60
N ASN A 88 59.71 12.10 17.57
CA ASN A 88 60.90 11.85 18.36
C ASN A 88 60.77 10.58 19.19
N TYR A 89 59.55 10.22 19.57
CA TYR A 89 59.35 9.03 20.39
C TYR A 89 59.77 7.77 19.64
N CYS A 90 59.35 7.64 18.39
CA CYS A 90 59.66 6.46 17.58
C CYS A 90 60.88 6.71 16.71
N THR A 91 62.00 7.04 17.38
CA THR A 91 63.26 7.27 16.70
C THR A 91 64.40 6.83 17.61
N SER A 92 65.44 6.27 17.00
CA SER A 92 66.61 5.81 17.75
C SER A 92 66.26 4.71 18.74
N VAL A 121 59.23 2.21 19.29
CA VAL A 121 58.39 1.41 20.19
C VAL A 121 58.77 1.73 21.64
N GLY A 122 58.42 0.83 22.55
CA GLY A 122 58.72 1.02 23.95
C GLY A 122 57.57 0.60 24.86
N LEU A 123 56.33 0.73 24.37
CA LEU A 123 55.15 0.29 25.11
C LEU A 123 55.08 0.96 26.48
N GLU A 124 55.17 2.29 26.48
CA GLU A 124 55.14 3.05 27.72
C GLU A 124 54.17 4.23 27.66
N LEU A 125 53.91 4.76 26.46
CA LEU A 125 53.08 5.95 26.33
C LEU A 125 51.60 5.63 26.51
N TYR A 126 51.17 4.43 26.11
CA TYR A 126 49.75 4.08 26.21
C TYR A 126 49.28 4.17 27.66
N LYS A 127 50.05 3.62 28.59
CA LYS A 127 49.65 3.65 29.99
C LYS A 127 49.59 5.07 30.53
N ARG A 128 50.57 5.90 30.18
CA ARG A 128 50.58 7.29 30.66
C ARG A 128 49.37 8.06 30.14
N LEU A 129 49.06 7.91 28.85
CA LEU A 129 47.91 8.60 28.29
C LEU A 129 46.61 8.07 28.88
N LYS A 130 46.53 6.76 29.14
CA LYS A 130 45.35 6.20 29.80
C LYS A 130 45.18 6.81 31.19
N GLU A 131 46.26 6.93 31.94
CA GLU A 131 46.18 7.53 33.28
C GLU A 131 45.74 8.99 33.20
N PHE A 132 46.28 9.74 32.23
CA PHE A 132 45.89 11.13 32.08
C PHE A 132 44.40 11.25 31.74
N LEU A 133 43.92 10.41 30.83
CA LEU A 133 42.51 10.45 30.47
C LEU A 133 41.64 10.09 31.66
N LYS A 134 42.05 9.09 32.44
CA LYS A 134 41.27 8.72 33.62
C LYS A 134 41.21 9.88 34.62
N ASN A 135 42.34 10.54 34.85
CA ASN A 135 42.36 11.65 35.80
C ASN A 135 41.48 12.81 35.32
N TYR A 136 41.58 13.14 34.04
CA TYR A 136 40.77 14.24 33.50
C TYR A 136 39.29 13.89 33.59
N LEU A 137 38.92 12.65 33.27
CA LEU A 137 37.52 12.25 33.32
C LEU A 137 37.00 12.25 34.76
N THR A 138 37.84 11.82 35.71
CA THR A 138 37.44 11.87 37.11
C THR A 138 37.22 13.31 37.57
N ASN A 139 38.11 14.22 37.17
CA ASN A 139 37.92 15.62 37.52
C ASN A 139 36.64 16.17 36.93
N LEU A 140 36.37 15.85 35.65
CA LEU A 140 35.14 16.31 35.02
C LEU A 140 33.92 15.78 35.74
N LEU A 141 33.95 14.49 36.12
CA LEU A 141 32.83 13.92 36.88
C LEU A 141 32.64 14.64 38.21
N LYS A 142 33.75 14.92 38.91
CA LYS A 142 33.65 15.63 40.18
C LYS A 142 33.09 17.03 40.00
N ASP A 143 33.32 17.64 38.83
CA ASP A 143 32.84 19.00 38.61
C ASP A 143 31.32 19.09 38.71
N GLY A 144 30.61 18.14 38.10
CA GLY A 144 29.16 18.19 38.05
C GLY A 144 28.47 16.95 38.59
N GLU A 145 29.01 16.40 39.68
CA GLU A 145 28.44 15.16 40.23
C GLU A 145 27.02 15.37 40.71
N ASP A 146 26.74 16.50 41.37
CA ASP A 146 25.45 16.70 42.02
C ASP A 146 24.32 16.99 41.04
N LEU A 147 24.61 17.31 39.79
CA LEU A 147 23.57 17.66 38.83
C LEU A 147 22.65 16.48 38.56
N MET A 148 21.35 16.76 38.50
CA MET A 148 20.34 15.78 38.14
C MET A 148 19.01 16.51 38.01
N ASP A 149 17.97 15.77 37.60
CA ASP A 149 16.67 16.35 37.29
C ASP A 149 16.79 17.37 36.15
N GLU A 150 17.19 16.87 34.99
CA GLU A 150 17.38 17.62 33.75
C GLU A 150 18.63 18.49 33.79
N SER A 151 19.32 18.59 34.92
CA SER A 151 20.60 19.29 34.97
C SER A 151 21.77 18.38 34.61
N VAL A 152 21.70 17.10 34.96
CA VAL A 152 22.68 16.14 34.49
C VAL A 152 22.59 15.98 32.98
N LEU A 153 21.36 15.99 32.45
CA LEU A 153 21.17 15.81 31.02
C LEU A 153 21.83 16.93 30.20
N LYS A 154 21.99 18.11 30.81
CA LYS A 154 22.69 19.21 30.17
C LYS A 154 24.19 19.18 30.47
N PHE A 155 24.65 18.16 31.20
CA PHE A 155 26.07 17.99 31.52
C PHE A 155 26.72 16.93 30.64
N TYR A 156 26.19 15.71 30.62
CA TYR A 156 26.78 14.65 29.81
C TYR A 156 26.77 15.03 28.34
N THR A 157 25.60 15.45 27.82
CA THR A 157 25.51 15.81 26.42
C THR A 157 26.40 17.02 26.11
N GLN A 158 26.39 18.02 26.98
CA GLN A 158 27.19 19.21 26.75
C GLN A 158 28.67 18.86 26.67
N GLN A 159 29.15 18.00 27.57
CA GLN A 159 30.56 17.66 27.60
C GLN A 159 30.96 16.70 26.49
N TRP A 160 30.05 15.83 26.04
CA TRP A 160 30.44 14.79 25.09
C TRP A 160 30.82 15.39 23.74
N GLU A 161 30.11 16.42 23.28
CA GLU A 161 30.46 17.01 21.99
C GLU A 161 31.89 17.53 22.00
N ASP A 162 32.23 18.30 23.04
CA ASP A 162 33.58 18.84 23.15
C ASP A 162 34.61 17.72 23.30
N TYR A 163 34.29 16.69 24.10
CA TYR A 163 35.24 15.61 24.30
C TYR A 163 35.46 14.82 23.02
N ARG A 164 34.40 14.58 22.25
CA ARG A 164 34.54 13.87 20.98
C ARG A 164 35.34 14.69 19.98
N PHE A 165 35.11 16.01 19.92
CA PHE A 165 35.92 16.85 19.04
C PHE A 165 37.38 16.81 19.46
N SER A 166 37.64 16.88 20.77
CA SER A 166 39.02 16.83 21.26
C SER A 166 39.67 15.50 20.92
N SER A 167 38.94 14.39 21.08
CA SER A 167 39.50 13.09 20.77
C SER A 167 39.78 12.96 19.27
N LYS A 168 38.87 13.45 18.43
CA LYS A 168 39.11 13.40 16.99
C LYS A 168 40.32 14.23 16.60
N VAL A 169 40.48 15.41 17.19
CA VAL A 169 41.64 16.24 16.90
C VAL A 169 42.92 15.55 17.37
N LEU A 170 42.90 14.97 18.57
CA LEU A 170 44.07 14.29 19.11
C LEU A 170 44.40 13.02 18.34
N ASN A 171 43.43 12.44 17.64
CA ASN A 171 43.67 11.21 16.91
C ASN A 171 44.84 11.37 15.93
N GLY A 172 44.84 12.48 15.18
CA GLY A 172 45.92 12.71 14.22
C GLY A 172 47.27 12.91 14.86
N ILE A 173 47.30 13.32 16.14
CA ILE A 173 48.58 13.54 16.81
C ILE A 173 49.34 12.23 16.96
N CYS A 174 48.64 11.16 17.36
CA CYS A 174 49.25 9.85 17.55
C CYS A 174 48.81 8.85 16.48
N ALA A 175 48.29 9.33 15.35
CA ALA A 175 47.97 8.44 14.25
C ALA A 175 49.18 7.61 13.83
N TYR A 176 50.39 8.15 13.96
CA TYR A 176 51.57 7.37 13.63
C TYR A 176 51.65 6.11 14.49
N LEU A 177 51.53 6.27 15.81
CA LEU A 177 51.54 5.13 16.71
C LEU A 177 50.37 4.20 16.40
N ASN A 178 49.18 4.77 16.24
CA ASN A 178 48.01 3.94 15.94
C ASN A 178 48.23 3.11 14.68
N ARG A 179 48.98 3.64 13.72
CA ARG A 179 49.31 2.89 12.52
C ARG A 179 50.31 1.79 12.82
N HIS A 180 51.36 2.09 13.59
CA HIS A 180 52.44 1.15 13.83
C HIS A 180 52.28 0.37 15.13
N TRP A 181 51.16 0.52 15.83
CA TRP A 181 50.90 -0.19 17.08
C TRP A 181 49.69 -1.09 16.89
N VAL A 182 49.94 -2.37 16.60
CA VAL A 182 48.89 -3.38 16.45
C VAL A 182 49.41 -4.68 17.05
N ARG A 183 48.83 -5.10 18.16
CA ARG A 183 49.25 -6.33 18.83
C ARG A 183 48.20 -7.43 18.65
N GLU A 195 44.36 3.09 18.11
CA GLU A 195 43.55 2.67 19.25
C GLU A 195 43.37 3.81 20.24
N ILE A 196 43.93 4.98 19.92
CA ILE A 196 43.81 6.12 20.81
C ILE A 196 42.35 6.54 20.93
N TYR A 197 41.64 6.59 19.81
CA TYR A 197 40.21 6.88 19.85
C TYR A 197 39.45 5.76 20.57
N SER A 198 39.84 4.51 20.33
CA SER A 198 39.23 3.40 21.04
C SER A 198 39.51 3.49 22.54
N LEU A 199 40.73 3.88 22.91
CA LEU A 199 41.04 4.09 24.32
C LEU A 199 40.17 5.18 24.91
N ALA A 200 39.98 6.28 24.18
CA ALA A 200 39.15 7.37 24.68
C ALA A 200 37.71 6.91 24.87
N LEU A 201 37.19 6.12 23.93
CA LEU A 201 35.83 5.60 24.07
C LEU A 201 35.72 4.65 25.27
N VAL A 202 36.71 3.78 25.45
CA VAL A 202 36.69 2.86 26.58
C VAL A 202 36.73 3.63 27.89
N THR A 203 37.53 4.70 27.95
CA THR A 203 37.56 5.54 29.14
C THR A 203 36.24 6.26 29.35
N TRP A 204 35.63 6.75 28.27
CA TRP A 204 34.27 7.29 28.37
C TRP A 204 33.33 6.27 28.99
N ARG A 205 33.56 4.99 28.72
CA ARG A 205 32.77 3.95 29.36
C ARG A 205 32.87 4.03 30.88
N ASP A 206 33.96 4.61 31.40
CA ASP A 206 34.10 4.76 32.85
C ASP A 206 33.05 5.69 33.42
N CYS A 207 32.87 6.86 32.81
CA CYS A 207 31.81 7.77 33.25
C CYS A 207 30.43 7.25 32.87
N LEU A 208 30.32 6.54 31.75
CA LEU A 208 29.03 5.95 31.40
C LEU A 208 28.55 5.01 32.51
N PHE A 209 29.36 3.99 32.82
CA PHE A 209 29.03 3.07 33.90
C PHE A 209 29.18 3.68 35.28
N ARG A 210 29.59 4.94 35.37
CA ARG A 210 29.72 5.64 36.64
C ARG A 210 28.34 5.99 37.17
N PRO A 211 28.24 6.66 38.33
CA PRO A 211 26.92 6.99 38.88
C PRO A 211 26.03 7.74 37.90
N LEU A 212 26.62 8.32 36.85
CA LEU A 212 25.84 9.08 35.88
C LEU A 212 24.82 8.21 35.15
N ASN A 213 25.06 6.90 35.05
CA ASN A 213 24.18 6.06 34.25
C ASN A 213 22.75 6.13 34.73
N LYS A 214 22.52 5.89 36.02
CA LYS A 214 21.17 5.78 36.54
C LYS A 214 20.42 7.10 36.40
N GLN A 215 21.03 8.19 36.87
CA GLN A 215 20.34 9.48 36.83
C GLN A 215 20.12 9.95 35.39
N VAL A 216 21.10 9.73 34.51
CA VAL A 216 20.93 10.12 33.11
C VAL A 216 19.79 9.34 32.47
N THR A 217 19.73 8.03 32.71
CA THR A 217 18.66 7.22 32.14
C THR A 217 17.30 7.67 32.70
N ASN A 218 17.23 7.95 34.00
CA ASN A 218 15.98 8.39 34.59
C ASN A 218 15.53 9.72 33.98
N ALA A 219 16.47 10.66 33.81
CA ALA A 219 16.12 11.94 33.20
C ALA A 219 15.63 11.77 31.77
N VAL A 220 16.30 10.90 31.00
CA VAL A 220 15.88 10.66 29.62
C VAL A 220 14.47 10.08 29.61
N LEU A 221 14.21 9.08 30.44
CA LEU A 221 12.89 8.47 30.46
C LEU A 221 11.83 9.44 30.94
N LYS A 222 12.18 10.35 31.86
CA LYS A 222 11.25 11.40 32.27
C LYS A 222 10.95 12.33 31.11
N LEU A 223 11.95 12.64 30.28
CA LEU A 223 11.70 13.44 29.09
C LEU A 223 10.74 12.72 28.15
N ILE A 224 10.95 11.42 27.93
CA ILE A 224 10.01 10.66 27.10
C ILE A 224 8.61 10.72 27.68
N GLU A 225 8.49 10.55 29.00
CA GLU A 225 7.18 10.56 29.64
C GLU A 225 6.49 11.90 29.46
N LYS A 226 7.24 13.00 29.63
CA LYS A 226 6.66 14.32 29.43
C LYS A 226 6.23 14.50 27.98
N GLU A 227 7.03 13.98 27.03
CA GLU A 227 6.63 14.03 25.64
C GLU A 227 5.32 13.28 25.41
N ARG A 228 5.16 12.12 26.04
CA ARG A 228 3.91 11.38 25.93
C ARG A 228 2.76 12.19 26.50
N ASN A 229 2.99 12.88 27.62
CA ASN A 229 1.93 13.67 28.24
C ASN A 229 1.43 14.76 27.28
N GLY A 230 2.35 15.43 26.59
CA GLY A 230 1.98 16.46 25.65
C GLY A 230 2.91 17.65 25.68
N GLU A 231 3.58 17.87 26.81
CA GLU A 231 4.49 19.00 26.93
C GLU A 231 5.65 18.85 25.95
N THR A 232 6.01 19.94 25.30
CA THR A 232 7.03 19.94 24.26
C THR A 232 8.42 20.18 24.86
N ILE A 233 9.39 19.39 24.43
CA ILE A 233 10.78 19.53 24.88
C ILE A 233 11.69 19.33 23.67
N ASN A 234 12.77 20.10 23.62
CA ASN A 234 13.75 19.95 22.56
C ASN A 234 14.39 18.56 22.61
N THR A 235 14.61 17.97 21.45
CA THR A 235 15.12 16.61 21.34
C THR A 235 16.59 16.54 20.93
N ARG A 236 17.31 17.67 20.97
CA ARG A 236 18.73 17.66 20.62
C ARG A 236 19.54 16.87 21.64
N LEU A 237 19.34 17.16 22.92
CA LEU A 237 20.14 16.53 23.97
C LEU A 237 19.89 15.03 24.03
N ILE A 238 18.64 14.60 23.83
CA ILE A 238 18.37 13.17 23.82
C ILE A 238 19.03 12.50 22.63
N SER A 239 19.07 13.17 21.49
CA SER A 239 19.80 12.63 20.34
C SER A 239 21.28 12.48 20.67
N GLY A 240 21.86 13.47 21.35
CA GLY A 240 23.24 13.34 21.78
C GLY A 240 23.45 12.17 22.72
N VAL A 241 22.52 11.97 23.66
CA VAL A 241 22.64 10.87 24.60
C VAL A 241 22.55 9.52 23.88
N VAL A 242 21.62 9.42 22.92
CA VAL A 242 21.48 8.18 22.17
C VAL A 242 22.75 7.90 21.37
N GLN A 243 23.32 8.93 20.76
CA GLN A 243 24.59 8.75 20.04
C GLN A 243 25.69 8.32 21.01
N SER A 244 25.72 8.91 22.21
CA SER A 244 26.63 8.45 23.25
C SER A 244 26.51 6.95 23.54
N TYR A 245 25.28 6.49 23.74
CA TYR A 245 25.06 5.09 24.11
C TYR A 245 25.38 4.15 22.95
N VAL A 246 25.09 4.58 21.72
CA VAL A 246 25.34 3.73 20.55
C VAL A 246 26.82 3.64 20.23
N GLU A 247 27.54 4.77 20.29
CA GLU A 247 28.93 4.78 19.86
C GLU A 247 29.78 3.86 20.73
N LEU A 248 29.54 3.85 22.04
CA LEU A 248 30.33 3.03 22.94
C LEU A 248 30.28 1.56 22.51
N GLY A 249 31.42 0.90 22.59
CA GLY A 249 31.50 -0.51 22.25
C GLY A 249 32.88 -0.83 21.70
N LEU A 250 32.99 -2.06 21.19
CA LEU A 250 34.24 -2.53 20.60
C LEU A 250 34.36 -2.07 19.16
N GLY A 259 27.33 1.78 13.54
CA GLY A 259 26.79 0.81 14.47
C GLY A 259 27.69 -0.40 14.62
N PRO A 260 28.89 -0.20 15.18
CA PRO A 260 29.80 -1.34 15.36
C PRO A 260 29.25 -2.41 16.28
N THR A 261 28.86 -2.05 17.50
CA THR A 261 28.29 -2.99 18.46
C THR A 261 27.20 -2.30 19.24
N LEU A 262 26.06 -2.99 19.41
CA LEU A 262 24.92 -2.47 20.13
C LEU A 262 24.77 -3.09 21.52
N THR A 263 25.76 -3.85 21.98
CA THR A 263 25.62 -4.54 23.26
C THR A 263 25.46 -3.56 24.40
N VAL A 264 26.38 -2.60 24.52
CA VAL A 264 26.30 -1.63 25.60
C VAL A 264 25.06 -0.76 25.46
N TYR A 265 24.77 -0.29 24.24
CA TYR A 265 23.57 0.50 24.02
C TYR A 265 22.33 -0.26 24.47
N LYS A 266 22.20 -1.50 24.03
CA LYS A 266 21.07 -2.32 24.43
C LYS A 266 20.99 -2.41 25.95
N GLU A 267 22.02 -3.00 26.57
CA GLU A 267 21.98 -3.29 28.00
C GLU A 267 21.76 -2.02 28.83
N SER A 268 22.16 -0.86 28.31
CA SER A 268 22.11 0.36 29.11
C SER A 268 20.87 1.20 28.88
N PHE A 269 20.22 1.09 27.71
CA PHE A 269 19.05 1.94 27.45
C PHE A 269 17.82 1.17 27.05
N GLU A 270 17.97 0.11 26.23
CA GLU A 270 16.81 -0.48 25.58
C GLU A 270 15.89 -1.17 26.59
N SER A 271 16.46 -1.99 27.47
CA SER A 271 15.63 -2.73 28.42
C SER A 271 14.82 -1.79 29.29
N GLN A 272 15.47 -0.76 29.83
CA GLN A 272 14.75 0.13 30.75
C GLN A 272 13.76 1.02 30.00
N PHE A 273 14.10 1.46 28.78
CA PHE A 273 13.14 2.22 27.98
C PHE A 273 11.90 1.37 27.71
N LEU A 274 12.09 0.12 27.32
CA LEU A 274 10.95 -0.74 27.04
C LEU A 274 10.14 -1.01 28.30
N ALA A 275 10.81 -1.21 29.43
CA ALA A 275 10.09 -1.44 30.68
C ALA A 275 9.23 -0.24 31.07
N ASP A 276 9.80 0.97 30.94
CA ASP A 276 9.03 2.18 31.19
C ASP A 276 7.83 2.22 30.24
N THR A 277 8.03 1.84 28.98
CA THR A 277 6.93 1.82 28.03
C THR A 277 5.82 0.87 28.49
N GLU A 278 6.20 -0.34 28.92
CA GLU A 278 5.17 -1.31 29.33
C GLU A 278 4.38 -0.75 30.50
N ARG A 279 5.07 -0.28 31.54
CA ARG A 279 4.36 0.18 32.72
C ARG A 279 3.48 1.38 32.39
N PHE A 280 3.99 2.32 31.59
CA PHE A 280 3.21 3.50 31.22
C PHE A 280 1.94 3.11 30.48
N TYR A 281 2.09 2.31 29.42
CA TYR A 281 0.92 1.96 28.62
C TYR A 281 -0.08 1.12 29.39
N THR A 282 0.41 0.16 30.18
CA THR A 282 -0.49 -0.67 30.97
C THR A 282 -1.24 0.17 32.00
N ARG A 283 -0.56 1.12 32.64
CA ARG A 283 -1.22 1.97 33.62
C ARG A 283 -2.27 2.84 32.97
N GLU A 284 -1.96 3.42 31.80
CA GLU A 284 -2.88 4.38 31.21
C GLU A 284 -4.08 3.70 30.55
N SER A 285 -3.86 2.56 29.88
CA SER A 285 -4.93 1.94 29.11
C SER A 285 -6.07 1.49 30.00
N THR A 286 -5.76 0.99 31.20
CA THR A 286 -6.80 0.49 32.09
C THR A 286 -7.84 1.57 32.37
N GLU A 287 -7.43 2.68 33.02
CA GLU A 287 -8.39 3.70 33.35
C GLU A 287 -8.90 4.44 32.13
N PHE A 288 -8.14 4.48 31.03
CA PHE A 288 -8.66 5.09 29.82
C PHE A 288 -9.86 4.32 29.30
N LEU A 289 -9.75 2.99 29.24
CA LEU A 289 -10.90 2.17 28.87
C LEU A 289 -12.01 2.27 29.90
N GLN A 290 -11.66 2.40 31.18
CA GLN A 290 -12.68 2.54 32.21
C GLN A 290 -13.53 3.78 31.99
N GLN A 291 -12.89 4.91 31.65
CA GLN A 291 -13.60 6.18 31.52
C GLN A 291 -13.99 6.50 30.07
N ASN A 292 -13.05 6.41 29.14
CA ASN A 292 -13.32 6.80 27.76
C ASN A 292 -13.95 5.64 26.99
N PRO A 293 -14.64 5.94 25.89
CA PRO A 293 -15.29 4.87 25.12
C PRO A 293 -14.27 4.03 24.37
N VAL A 294 -14.68 2.79 24.08
CA VAL A 294 -13.83 1.86 23.34
C VAL A 294 -13.74 2.23 21.86
N THR A 295 -14.72 2.97 21.34
CA THR A 295 -14.75 3.28 19.92
C THR A 295 -13.52 4.09 19.50
N GLU A 296 -13.15 5.09 20.31
CA GLU A 296 -12.01 5.94 20.00
C GLU A 296 -10.70 5.35 20.51
N TYR A 297 -10.74 4.26 21.26
CA TYR A 297 -9.52 3.62 21.74
C TYR A 297 -8.66 3.16 20.56
N MET A 298 -9.29 2.63 19.52
CA MET A 298 -8.53 2.16 18.36
C MET A 298 -7.82 3.32 17.66
N LYS A 299 -8.53 4.45 17.49
CA LYS A 299 -7.90 5.61 16.87
C LYS A 299 -6.75 6.13 17.72
N LYS A 300 -6.94 6.17 19.05
CA LYS A 300 -5.85 6.62 19.92
C LYS A 300 -4.66 5.68 19.84
N ALA A 301 -4.90 4.37 19.78
CA ALA A 301 -3.81 3.42 19.67
C ALA A 301 -3.06 3.61 18.36
N GLU A 302 -3.79 3.81 17.26
CA GLU A 302 -3.14 4.06 15.98
C GLU A 302 -2.30 5.32 16.03
N ALA A 303 -2.83 6.39 16.61
CA ALA A 303 -2.08 7.64 16.72
C ALA A 303 -0.83 7.45 17.57
N ARG A 304 -0.95 6.74 18.69
CA ARG A 304 0.20 6.48 19.54
C ARG A 304 1.27 5.68 18.79
N LEU A 305 0.84 4.63 18.07
CA LEU A 305 1.79 3.82 17.32
C LEU A 305 2.51 4.65 16.26
N LEU A 306 1.76 5.51 15.56
CA LEU A 306 2.40 6.38 14.58
C LEU A 306 3.38 7.33 15.27
N GLU A 307 3.04 7.83 16.45
CA GLU A 307 3.94 8.71 17.18
C GLU A 307 5.24 8.00 17.52
N GLU A 308 5.17 6.76 17.99
CA GLU A 308 6.40 6.02 18.28
C GLU A 308 7.18 5.74 16.99
N GLN A 309 6.48 5.35 15.94
CA GLN A 309 7.15 5.06 14.66
C GLN A 309 7.79 6.29 14.07
N ARG A 310 7.36 7.48 14.48
CA ARG A 310 8.05 8.70 14.07
C ARG A 310 9.22 9.01 15.00
N ARG A 311 9.00 8.89 16.31
CA ARG A 311 10.05 9.20 17.27
C ARG A 311 11.29 8.35 17.02
N VAL A 312 11.10 7.10 16.62
CA VAL A 312 12.26 6.21 16.51
C VAL A 312 13.26 6.72 15.48
N GLN A 313 12.77 7.25 14.35
CA GLN A 313 13.74 7.90 13.46
C GLN A 313 14.11 9.29 13.95
N VAL A 314 13.21 9.99 14.65
CA VAL A 314 13.49 11.36 15.04
C VAL A 314 14.72 11.41 15.94
N TYR A 315 14.66 10.74 17.09
CA TYR A 315 15.76 10.80 18.05
C TYR A 315 16.04 9.44 18.68
N LEU A 316 16.09 8.39 17.87
CA LEU A 316 16.49 7.08 18.36
C LEU A 316 17.15 6.31 17.23
N HIS A 317 17.93 5.29 17.61
CA HIS A 317 18.56 4.42 16.63
C HIS A 317 17.51 3.53 15.98
N GLU A 318 17.66 3.32 14.67
CA GLU A 318 16.69 2.53 13.91
C GLU A 318 16.76 1.05 14.23
N SER A 319 17.81 0.58 14.92
CA SER A 319 17.93 -0.84 15.21
C SER A 319 16.76 -1.34 16.04
N THR A 320 16.15 -0.47 16.85
CA THR A 320 15.01 -0.83 17.68
C THR A 320 13.68 -0.62 16.94
N GLN A 321 13.70 -0.58 15.61
CA GLN A 321 12.46 -0.35 14.86
C GLN A 321 11.46 -1.48 15.11
N ASP A 322 11.93 -2.72 15.08
CA ASP A 322 11.03 -3.87 15.20
C ASP A 322 10.61 -4.09 16.64
N GLU A 323 11.58 -4.34 17.53
CA GLU A 323 11.25 -4.75 18.90
C GLU A 323 10.29 -3.78 19.56
N LEU A 324 10.63 -2.48 19.54
CA LEU A 324 9.77 -1.48 20.17
C LEU A 324 8.34 -1.61 19.68
N ALA A 325 8.17 -1.78 18.36
CA ALA A 325 6.83 -1.98 17.82
C ALA A 325 6.23 -3.29 18.34
N ARG A 326 6.97 -4.39 18.18
CA ARG A 326 6.39 -5.70 18.45
C ARG A 326 5.86 -5.78 19.88
N LYS A 327 6.70 -5.47 20.86
CA LYS A 327 6.26 -5.56 22.25
C LYS A 327 5.16 -4.56 22.54
N CYS A 328 5.16 -3.42 21.84
CA CYS A 328 4.10 -2.43 22.05
C CYS A 328 2.76 -2.93 21.53
N GLU A 329 2.75 -3.91 20.63
CA GLU A 329 1.50 -4.59 20.31
C GLU A 329 1.04 -5.45 21.48
N GLN A 330 1.98 -6.03 22.22
CA GLN A 330 1.62 -6.88 23.35
C GLN A 330 0.85 -6.09 24.41
N VAL A 331 1.35 -4.91 24.78
CA VAL A 331 0.74 -4.14 25.85
C VAL A 331 -0.60 -3.57 25.40
N LEU A 332 -0.69 -3.10 24.16
CA LEU A 332 -1.85 -2.35 23.71
C LEU A 332 -2.94 -3.24 23.12
N ILE A 333 -2.60 -4.08 22.15
CA ILE A 333 -3.60 -4.78 21.34
C ILE A 333 -3.85 -6.18 21.89
N GLU A 334 -2.80 -7.01 21.92
CA GLU A 334 -2.98 -8.42 22.25
C GLU A 334 -3.51 -8.60 23.67
N LYS A 335 -2.99 -7.81 24.62
CA LYS A 335 -3.44 -7.96 26.00
C LYS A 335 -4.91 -7.59 26.16
N HIS A 336 -5.42 -6.70 25.29
CA HIS A 336 -6.81 -6.26 25.33
C HIS A 336 -7.66 -6.90 24.24
N LEU A 337 -7.25 -8.05 23.73
CA LEU A 337 -7.99 -8.68 22.63
C LEU A 337 -9.38 -9.12 23.06
N GLU A 338 -9.55 -9.50 24.33
CA GLU A 338 -10.84 -9.98 24.78
C GLU A 338 -11.92 -8.90 24.67
N ILE A 339 -11.61 -7.69 25.14
CA ILE A 339 -12.58 -6.61 25.06
C ILE A 339 -12.85 -6.23 23.61
N PHE A 340 -11.82 -6.28 22.76
CA PHE A 340 -12.02 -6.03 21.34
C PHE A 340 -12.98 -7.04 20.73
N HIS A 341 -12.82 -8.32 21.08
CA HIS A 341 -13.73 -9.35 20.59
C HIS A 341 -15.14 -9.11 21.08
N THR A 342 -15.29 -8.75 22.36
CA THR A 342 -16.63 -8.53 22.91
C THR A 342 -17.30 -7.32 22.26
N GLU A 343 -16.53 -6.30 21.91
CA GLU A 343 -17.10 -5.09 21.32
C GLU A 343 -17.23 -5.15 19.80
N PHE A 344 -16.61 -6.14 19.15
CA PHE A 344 -16.76 -6.28 17.71
C PHE A 344 -18.23 -6.46 17.34
N GLN A 345 -18.92 -7.36 18.03
CA GLN A 345 -20.35 -7.55 17.78
C GLN A 345 -21.14 -6.27 18.10
N ASN A 346 -20.81 -5.64 19.23
CA ASN A 346 -21.54 -4.44 19.64
C ASN A 346 -21.49 -3.37 18.54
N LEU A 347 -20.30 -3.09 18.03
CA LEU A 347 -20.14 -2.02 17.05
C LEU A 347 -20.29 -2.50 15.61
N LEU A 348 -20.52 -3.80 15.40
CA LEU A 348 -20.93 -4.31 14.10
C LEU A 348 -22.44 -4.33 13.94
N ASP A 349 -23.18 -4.47 15.04
CA ASP A 349 -24.64 -4.41 14.95
C ASP A 349 -25.10 -3.07 14.38
N ALA A 350 -24.46 -1.99 14.81
CA ALA A 350 -24.70 -0.66 14.26
C ALA A 350 -23.61 -0.30 13.27
N ASP A 351 -24.00 0.33 12.17
CA ASP A 351 -23.06 0.62 11.08
C ASP A 351 -21.94 1.54 11.55
N LYS A 352 -20.73 1.00 11.66
CA LYS A 352 -19.54 1.75 12.03
C LYS A 352 -18.39 1.35 11.12
N ASN A 353 -18.66 1.37 9.80
CA ASN A 353 -17.72 0.79 8.84
C ASN A 353 -16.33 1.41 8.95
N GLU A 354 -16.26 2.72 9.20
CA GLU A 354 -14.96 3.35 9.40
C GLU A 354 -14.25 2.75 10.61
N ASP A 355 -14.99 2.57 11.71
CA ASP A 355 -14.43 1.91 12.88
C ASP A 355 -14.08 0.46 12.57
N LEU A 356 -14.86 -0.21 11.72
CA LEU A 356 -14.50 -1.57 11.31
C LEU A 356 -13.15 -1.59 10.61
N GLY A 357 -12.94 -0.67 9.68
CA GLY A 357 -11.66 -0.61 8.99
C GLY A 357 -10.51 -0.30 9.92
N ARG A 358 -10.71 0.66 10.83
CA ARG A 358 -9.65 0.99 11.79
C ARG A 358 -9.33 -0.21 12.68
N MET A 359 -10.36 -0.92 13.16
CA MET A 359 -10.13 -2.10 13.99
C MET A 359 -9.40 -3.18 13.22
N TYR A 360 -9.80 -3.41 11.96
CA TYR A 360 -9.14 -4.42 11.16
C TYR A 360 -7.67 -4.09 10.95
N ASN A 361 -7.37 -2.81 10.67
CA ASN A 361 -5.98 -2.42 10.51
C ASN A 361 -5.21 -2.59 11.81
N LEU A 362 -5.81 -2.23 12.94
CA LEU A 362 -5.12 -2.33 14.22
C LEU A 362 -4.82 -3.78 14.59
N VAL A 363 -5.78 -4.68 14.34
CA VAL A 363 -5.67 -6.06 14.82
C VAL A 363 -4.94 -6.98 13.84
N SER A 364 -4.74 -6.57 12.59
CA SER A 364 -4.07 -7.41 11.62
C SER A 364 -2.56 -7.49 11.83
N ARG A 365 -1.99 -6.59 12.64
CA ARG A 365 -0.54 -6.59 12.82
C ARG A 365 -0.07 -7.86 13.52
N ILE A 366 -0.85 -8.35 14.49
CA ILE A 366 -0.45 -9.50 15.30
C ILE A 366 -0.52 -10.77 14.47
N GLN A 367 0.08 -11.85 14.97
CA GLN A 367 0.10 -13.14 14.29
C GLN A 367 -1.14 -13.93 14.69
N ASP A 368 -1.89 -14.39 13.70
CA ASP A 368 -3.13 -15.13 13.93
C ASP A 368 -4.10 -14.31 14.78
N GLY A 369 -4.41 -13.11 14.29
CA GLY A 369 -5.34 -12.24 14.96
C GLY A 369 -6.65 -12.10 14.21
N LEU A 370 -6.59 -12.23 12.88
CA LEU A 370 -7.78 -12.10 12.05
C LEU A 370 -8.65 -13.34 12.06
N GLY A 371 -8.11 -14.48 12.47
CA GLY A 371 -8.86 -15.73 12.34
C GLY A 371 -10.12 -15.75 13.18
N GLU A 372 -10.02 -15.34 14.45
CA GLU A 372 -11.15 -15.47 15.35
C GLU A 372 -12.32 -14.60 14.91
N LEU A 373 -12.05 -13.37 14.49
CA LEU A 373 -13.13 -12.46 14.12
C LEU A 373 -13.95 -13.00 12.94
N LYS A 374 -13.38 -13.86 12.12
CA LYS A 374 -14.14 -14.44 11.01
C LYS A 374 -15.30 -15.27 11.53
N LYS A 375 -15.08 -16.03 12.60
CA LYS A 375 -16.14 -16.84 13.19
C LYS A 375 -17.31 -15.95 13.61
N LEU A 376 -17.01 -14.86 14.33
CA LEU A 376 -18.06 -13.95 14.77
C LEU A 376 -18.75 -13.32 13.56
N LEU A 377 -17.99 -12.98 12.52
CA LEU A 377 -18.59 -12.40 11.33
C LEU A 377 -19.60 -13.36 10.70
N GLU A 378 -19.20 -14.62 10.52
CA GLU A 378 -20.13 -15.58 9.92
C GLU A 378 -21.35 -15.78 10.81
N THR A 379 -21.14 -15.89 12.12
CA THR A 379 -22.26 -16.12 13.03
C THR A 379 -23.25 -14.97 12.97
N HIS A 380 -22.75 -13.73 12.99
CA HIS A 380 -23.64 -12.58 12.96
C HIS A 380 -24.35 -12.46 11.62
N ILE A 381 -23.65 -12.75 10.52
CA ILE A 381 -24.29 -12.70 9.21
C ILE A 381 -25.42 -13.71 9.14
N HIS A 382 -25.15 -14.94 9.61
CA HIS A 382 -26.16 -15.98 9.59
C HIS A 382 -27.36 -15.59 10.45
N ASN A 383 -27.10 -15.08 11.66
CA ASN A 383 -28.19 -14.69 12.55
C ASN A 383 -29.03 -13.57 11.95
N GLN A 384 -28.38 -12.56 11.37
CA GLN A 384 -29.11 -11.44 10.79
C GLN A 384 -29.92 -11.89 9.57
N GLY A 385 -29.35 -12.76 8.74
CA GLY A 385 -30.11 -13.26 7.60
C GLY A 385 -31.34 -14.04 8.02
N LEU A 386 -31.19 -14.92 9.01
CA LEU A 386 -32.34 -15.68 9.50
C LEU A 386 -33.37 -14.75 10.13
N ALA A 387 -32.92 -13.74 10.87
CA ALA A 387 -33.86 -12.79 11.47
C ALA A 387 -34.64 -12.04 10.40
N ALA A 388 -33.96 -11.59 9.35
CA ALA A 388 -34.64 -10.89 8.27
C ALA A 388 -35.65 -11.81 7.57
N ILE A 389 -35.25 -13.06 7.31
CA ILE A 389 -36.16 -13.98 6.64
C ILE A 389 -37.39 -14.25 7.52
N GLU A 390 -37.18 -14.43 8.82
CA GLU A 390 -38.31 -14.65 9.72
C GLU A 390 -39.21 -13.43 9.77
N LYS A 391 -38.64 -12.23 9.80
CA LYS A 391 -39.44 -11.02 9.82
C LYS A 391 -40.27 -10.91 8.55
N CYS A 392 -39.69 -11.26 7.40
CA CYS A 392 -40.48 -11.35 6.17
C CYS A 392 -41.61 -12.35 6.33
N GLY A 393 -41.31 -13.52 6.90
CA GLY A 393 -42.34 -14.45 7.30
C GLY A 393 -43.08 -15.09 6.13
N GLU A 394 -44.37 -15.33 6.34
CA GLU A 394 -45.17 -16.05 5.35
C GLU A 394 -45.22 -15.31 4.02
N ALA A 395 -45.27 -13.97 4.07
CA ALA A 395 -45.31 -13.20 2.84
C ALA A 395 -44.14 -13.54 1.92
N ALA A 396 -42.99 -13.88 2.50
CA ALA A 396 -41.83 -14.25 1.69
C ALA A 396 -42.07 -15.54 0.93
N LEU A 397 -42.85 -16.46 1.49
CA LEU A 397 -43.04 -17.76 0.84
C LEU A 397 -43.80 -17.62 -0.47
N ASN A 398 -44.93 -16.92 -0.46
CA ASN A 398 -45.78 -16.79 -1.64
C ASN A 398 -45.49 -15.53 -2.45
N ASP A 399 -44.50 -14.73 -2.05
CA ASP A 399 -44.11 -13.52 -2.76
C ASP A 399 -42.62 -13.61 -3.06
N PRO A 400 -42.24 -14.20 -4.20
CA PRO A 400 -40.80 -14.31 -4.51
C PRO A 400 -40.12 -12.96 -4.58
N LYS A 401 -40.82 -11.93 -5.03
CA LYS A 401 -40.19 -10.61 -5.14
C LYS A 401 -39.63 -10.16 -3.80
N MET A 402 -40.43 -10.24 -2.74
CA MET A 402 -39.99 -9.76 -1.43
C MET A 402 -38.79 -10.56 -0.92
N TYR A 403 -38.88 -11.89 -0.99
CA TYR A 403 -37.83 -12.74 -0.47
C TYR A 403 -36.51 -12.50 -1.20
N VAL A 404 -36.55 -12.51 -2.53
CA VAL A 404 -35.32 -12.33 -3.30
C VAL A 404 -34.78 -10.91 -3.12
N GLN A 405 -35.68 -9.91 -3.02
CA GLN A 405 -35.21 -8.55 -2.81
C GLN A 405 -34.50 -8.42 -1.47
N THR A 406 -35.05 -9.01 -0.41
CA THR A 406 -34.39 -8.95 0.89
C THR A 406 -33.05 -9.68 0.86
N VAL A 407 -33.01 -10.85 0.22
CA VAL A 407 -31.76 -11.61 0.16
C VAL A 407 -30.69 -10.80 -0.58
N LEU A 408 -31.06 -10.22 -1.71
CA LEU A 408 -30.09 -9.42 -2.47
C LEU A 408 -29.68 -8.17 -1.71
N ASP A 409 -30.62 -7.57 -0.96
CA ASP A 409 -30.27 -6.37 -0.18
C ASP A 409 -29.23 -6.71 0.88
N VAL A 410 -29.45 -7.78 1.63
CA VAL A 410 -28.49 -8.17 2.67
C VAL A 410 -27.16 -8.56 2.03
N HIS A 411 -27.21 -9.29 0.91
CA HIS A 411 -25.98 -9.70 0.23
C HIS A 411 -25.20 -8.48 -0.23
N LYS A 412 -25.89 -7.50 -0.82
CA LYS A 412 -25.19 -6.30 -1.30
C LYS A 412 -24.60 -5.53 -0.14
N LYS A 413 -25.34 -5.41 0.96
CA LYS A 413 -24.83 -4.67 2.11
C LYS A 413 -23.55 -5.30 2.64
N TYR A 414 -23.58 -6.61 2.87
CA TYR A 414 -22.39 -7.25 3.42
C TYR A 414 -21.24 -7.32 2.41
N ASN A 415 -21.55 -7.48 1.12
CA ASN A 415 -20.50 -7.47 0.11
C ASN A 415 -19.81 -6.12 0.05
N ALA A 416 -20.57 -5.03 0.06
CA ALA A 416 -19.98 -3.70 0.07
C ALA A 416 -19.16 -3.50 1.35
N LEU A 417 -19.68 -3.95 2.49
CA LEU A 417 -18.96 -3.78 3.74
C LEU A 417 -17.61 -4.49 3.69
N VAL A 418 -17.60 -5.74 3.23
CA VAL A 418 -16.36 -6.51 3.20
C VAL A 418 -15.39 -5.93 2.17
N MET A 419 -15.91 -5.47 1.03
CA MET A 419 -15.03 -4.92 0.00
C MET A 419 -14.41 -3.59 0.44
N SER A 420 -15.14 -2.80 1.24
CA SER A 420 -14.63 -1.50 1.66
C SER A 420 -13.74 -1.61 2.90
N ALA A 421 -14.29 -2.14 3.99
CA ALA A 421 -13.58 -2.10 5.27
C ALA A 421 -12.44 -3.09 5.33
N PHE A 422 -12.65 -4.31 4.82
CA PHE A 422 -11.71 -5.41 5.02
C PHE A 422 -10.67 -5.54 3.93
N ASN A 423 -10.63 -4.62 2.95
CA ASN A 423 -9.60 -4.60 1.93
C ASN A 423 -9.64 -5.85 1.05
N ASN A 424 -10.82 -6.43 0.88
CA ASN A 424 -11.03 -7.56 -0.03
C ASN A 424 -10.06 -8.70 0.27
N ASP A 425 -10.21 -9.26 1.47
CA ASP A 425 -9.40 -10.40 1.89
C ASP A 425 -10.06 -11.70 1.49
N ALA A 426 -9.26 -12.63 0.95
CA ALA A 426 -9.81 -13.87 0.44
C ALA A 426 -10.52 -14.66 1.53
N GLY A 427 -9.96 -14.69 2.74
CA GLY A 427 -10.62 -15.37 3.83
C GLY A 427 -11.97 -14.77 4.15
N PHE A 428 -12.04 -13.43 4.16
CA PHE A 428 -13.29 -12.76 4.49
C PHE A 428 -14.37 -13.05 3.44
N VAL A 429 -14.02 -13.00 2.16
CA VAL A 429 -15.01 -13.27 1.11
C VAL A 429 -15.42 -14.74 1.14
N ALA A 430 -14.48 -15.64 1.44
CA ALA A 430 -14.83 -17.05 1.56
C ALA A 430 -15.81 -17.27 2.71
N ALA A 431 -15.56 -16.62 3.85
CA ALA A 431 -16.48 -16.72 4.97
C ALA A 431 -17.85 -16.16 4.61
N LEU A 432 -17.87 -15.03 3.91
CA LEU A 432 -19.14 -14.45 3.48
C LEU A 432 -19.89 -15.41 2.56
N ASP A 433 -19.18 -16.05 1.62
CA ASP A 433 -19.81 -16.99 0.72
C ASP A 433 -20.39 -18.18 1.48
N LYS A 434 -19.62 -18.72 2.43
CA LYS A 434 -20.10 -19.85 3.22
C LYS A 434 -21.34 -19.48 4.02
N ALA A 435 -21.32 -18.31 4.67
CA ALA A 435 -22.47 -17.87 5.45
C ALA A 435 -23.68 -17.66 4.56
N CYS A 436 -23.49 -17.04 3.39
CA CYS A 436 -24.60 -16.82 2.47
C CYS A 436 -25.20 -18.14 2.02
N GLY A 437 -24.36 -19.10 1.66
CA GLY A 437 -24.86 -20.42 1.29
C GLY A 437 -25.67 -21.03 2.42
N ARG A 438 -25.13 -20.98 3.65
CA ARG A 438 -25.81 -21.61 4.78
C ARG A 438 -27.17 -20.97 5.05
N PHE A 439 -27.25 -19.64 5.06
CA PHE A 439 -28.48 -18.98 5.46
C PHE A 439 -29.40 -18.65 4.29
N ILE A 440 -29.03 -19.00 3.06
CA ILE A 440 -29.94 -18.87 1.93
C ILE A 440 -30.37 -20.23 1.37
N ASN A 441 -29.62 -21.31 1.64
CA ASN A 441 -30.04 -22.62 1.19
C ASN A 441 -31.23 -23.12 1.99
N ASN A 442 -31.10 -23.18 3.30
CA ASN A 442 -32.17 -23.56 4.21
C ASN A 442 -32.39 -22.46 5.22
N ASN A 443 -33.62 -21.98 5.33
CA ASN A 443 -33.96 -20.90 6.25
C ASN A 443 -35.40 -21.10 6.71
N ALA A 444 -35.96 -20.08 7.38
CA ALA A 444 -37.29 -20.22 7.95
C ALA A 444 -38.34 -20.49 6.88
N VAL A 445 -38.26 -19.80 5.75
CA VAL A 445 -39.27 -19.96 4.71
C VAL A 445 -39.28 -21.39 4.19
N THR A 446 -38.10 -22.02 4.07
CA THR A 446 -38.04 -23.38 3.57
C THR A 446 -38.71 -24.35 4.53
N LYS A 447 -38.59 -24.12 5.84
CA LYS A 447 -39.17 -25.05 6.81
C LYS A 447 -40.67 -25.20 6.62
N MET A 448 -41.35 -24.17 6.12
CA MET A 448 -42.79 -24.27 5.88
C MET A 448 -43.10 -25.14 4.68
N ALA A 449 -42.16 -25.29 3.74
CA ALA A 449 -42.34 -26.15 2.58
C ALA A 449 -41.77 -27.54 2.78
N GLN A 450 -41.27 -27.86 3.98
CA GLN A 450 -40.65 -29.14 4.27
C GLN A 450 -39.72 -29.58 3.16
N SER A 451 -38.99 -28.64 2.58
CA SER A 451 -38.05 -28.95 1.51
C SER A 451 -37.05 -27.81 1.38
N SER A 452 -35.84 -28.14 0.96
CA SER A 452 -34.77 -27.18 0.77
C SER A 452 -34.65 -26.68 -0.66
N SER A 453 -35.52 -27.13 -1.56
CA SER A 453 -35.47 -26.74 -2.97
C SER A 453 -36.34 -25.53 -3.28
N LYS A 454 -37.08 -25.01 -2.31
CA LYS A 454 -37.98 -23.90 -2.60
C LYS A 454 -37.20 -22.61 -2.85
N SER A 455 -36.10 -22.40 -2.14
CA SER A 455 -35.34 -21.16 -2.32
C SER A 455 -34.81 -21.02 -3.74
N PRO A 456 -34.11 -22.00 -4.31
CA PRO A 456 -33.75 -21.88 -5.74
C PRO A 456 -34.95 -21.80 -6.65
N GLU A 457 -36.04 -22.50 -6.32
CA GLU A 457 -37.21 -22.52 -7.19
C GLU A 457 -37.82 -21.12 -7.33
N LEU A 458 -37.93 -20.39 -6.22
CA LEU A 458 -38.55 -19.08 -6.26
C LEU A 458 -37.74 -18.08 -7.07
N LEU A 459 -36.43 -18.30 -7.21
CA LEU A 459 -35.60 -17.40 -7.99
C LEU A 459 -36.03 -17.39 -9.45
N ALA A 460 -36.36 -18.56 -10.01
CA ALA A 460 -36.81 -18.62 -11.40
C ALA A 460 -38.10 -17.83 -11.58
N ARG A 461 -39.05 -17.97 -10.65
CA ARG A 461 -40.29 -17.22 -10.75
C ARG A 461 -40.03 -15.72 -10.63
N TYR A 462 -39.13 -15.33 -9.72
CA TYR A 462 -38.80 -13.91 -9.59
C TYR A 462 -38.20 -13.37 -10.88
N CYS A 463 -37.30 -14.14 -11.50
CA CYS A 463 -36.74 -13.72 -12.78
C CYS A 463 -37.81 -13.59 -13.85
N ASP A 464 -38.71 -14.58 -13.93
CA ASP A 464 -39.76 -14.54 -14.94
C ASP A 464 -40.65 -13.32 -14.76
N SER A 465 -41.02 -13.01 -13.52
CA SER A 465 -41.85 -11.84 -13.27
C SER A 465 -41.09 -10.56 -13.57
N LEU A 466 -39.80 -10.52 -13.24
CA LEU A 466 -39.01 -9.30 -13.40
C LEU A 466 -38.89 -8.91 -14.87
N LEU A 467 -38.54 -9.87 -15.73
CA LEU A 467 -38.32 -9.60 -17.14
C LEU A 467 -39.56 -9.85 -17.99
N LYS A 468 -40.75 -9.68 -17.43
CA LYS A 468 -42.00 -9.80 -18.16
C LYS A 468 -42.48 -8.41 -18.58
N LYS A 469 -42.97 -8.33 -19.82
CA LYS A 469 -43.40 -7.07 -20.40
C LYS A 469 -44.90 -6.81 -20.21
N SER A 470 -45.58 -7.65 -19.44
CA SER A 470 -47.04 -7.59 -19.36
C SER A 470 -47.54 -6.70 -18.23
N SER A 471 -46.87 -6.69 -17.08
CA SER A 471 -47.46 -6.13 -15.88
C SER A 471 -47.80 -4.65 -16.01
N LYS A 472 -46.78 -3.79 -16.07
CA LYS A 472 -47.01 -2.35 -16.20
C LYS A 472 -46.28 -1.76 -17.39
N ASN A 473 -44.99 -2.05 -17.53
CA ASN A 473 -44.15 -1.32 -18.48
C ASN A 473 -42.78 -1.97 -18.60
N PRO A 474 -41.99 -1.62 -19.62
CA PRO A 474 -40.63 -2.13 -19.71
C PRO A 474 -39.61 -1.20 -19.06
N GLU A 475 -38.61 -1.80 -18.43
CA GLU A 475 -37.53 -1.08 -17.78
C GLU A 475 -36.20 -1.45 -18.44
N GLU A 476 -35.39 -0.44 -18.75
CA GLU A 476 -34.12 -0.64 -19.41
C GLU A 476 -33.04 0.17 -18.71
N ALA A 477 -31.79 -0.30 -18.83
CA ALA A 477 -30.60 0.29 -18.24
C ALA A 477 -30.51 0.00 -16.74
N GLU A 478 -31.51 -0.63 -16.14
CA GLU A 478 -31.47 -0.99 -14.72
C GLU A 478 -31.76 -2.46 -14.54
N LEU A 479 -32.54 -3.04 -15.46
CA LEU A 479 -32.83 -4.47 -15.41
C LEU A 479 -31.56 -5.30 -15.54
N GLU A 480 -30.56 -4.79 -16.26
CA GLU A 480 -29.30 -5.53 -16.41
C GLU A 480 -28.62 -5.71 -15.07
N ASP A 481 -28.61 -4.67 -14.23
CA ASP A 481 -28.00 -4.79 -12.91
C ASP A 481 -28.73 -5.83 -12.07
N THR A 482 -30.06 -5.84 -12.12
CA THR A 482 -30.82 -6.84 -11.37
C THR A 482 -30.50 -8.24 -11.86
N LEU A 483 -30.40 -8.42 -13.18
CA LEU A 483 -30.05 -9.73 -13.72
C LEU A 483 -28.66 -10.17 -13.27
N ASN A 484 -27.70 -9.23 -13.26
CA ASN A 484 -26.35 -9.56 -12.82
C ASN A 484 -26.34 -9.95 -11.35
N GLN A 485 -27.09 -9.23 -10.51
CA GLN A 485 -27.15 -9.58 -9.10
C GLN A 485 -27.82 -10.93 -8.89
N VAL A 486 -28.83 -11.23 -9.71
CA VAL A 486 -29.47 -12.55 -9.63
C VAL A 486 -28.49 -13.64 -10.02
N MET A 487 -27.65 -13.37 -11.03
CA MET A 487 -26.61 -14.33 -11.39
C MET A 487 -25.66 -14.54 -10.22
N VAL A 488 -25.26 -13.46 -9.55
CA VAL A 488 -24.34 -13.57 -8.42
C VAL A 488 -24.95 -14.42 -7.31
N VAL A 489 -26.22 -14.15 -6.99
CA VAL A 489 -26.86 -14.92 -5.91
C VAL A 489 -27.10 -16.37 -6.35
N PHE A 490 -27.29 -16.60 -7.65
CA PHE A 490 -27.46 -17.96 -8.14
C PHE A 490 -26.15 -18.74 -8.09
N LYS A 491 -25.01 -18.04 -8.16
CA LYS A 491 -23.72 -18.73 -8.09
C LYS A 491 -23.62 -19.57 -6.82
N TYR A 492 -24.24 -19.12 -5.73
CA TYR A 492 -24.13 -19.82 -4.47
C TYR A 492 -24.98 -21.09 -4.44
N ILE A 493 -26.13 -21.07 -5.12
CA ILE A 493 -27.14 -22.11 -4.97
C ILE A 493 -26.52 -23.50 -5.12
N GLU A 494 -26.71 -24.34 -4.11
CA GLU A 494 -26.20 -25.71 -4.17
C GLU A 494 -27.00 -26.55 -5.16
N ASP A 495 -28.32 -26.43 -5.14
CA ASP A 495 -29.22 -27.21 -6.01
C ASP A 495 -29.57 -26.34 -7.21
N LYS A 496 -28.79 -26.47 -8.28
CA LYS A 496 -28.98 -25.68 -9.49
C LYS A 496 -29.87 -26.38 -10.52
N ASP A 497 -30.28 -27.62 -10.26
CA ASP A 497 -31.13 -28.33 -11.22
C ASP A 497 -32.54 -27.76 -11.24
N VAL A 498 -33.08 -27.42 -10.06
CA VAL A 498 -34.44 -26.90 -9.98
C VAL A 498 -34.56 -25.60 -10.77
N PHE A 499 -33.58 -24.70 -10.60
CA PHE A 499 -33.62 -23.42 -11.31
C PHE A 499 -33.68 -23.63 -12.81
N GLN A 500 -32.78 -24.45 -13.34
CA GLN A 500 -32.75 -24.67 -14.79
C GLN A 500 -34.03 -25.33 -15.28
N LYS A 501 -34.51 -26.34 -14.55
CA LYS A 501 -35.71 -27.06 -14.99
C LYS A 501 -36.91 -26.13 -15.01
N PHE A 502 -37.09 -25.31 -13.97
CA PHE A 502 -38.20 -24.37 -13.94
C PHE A 502 -38.05 -23.30 -15.02
N TYR A 503 -36.83 -22.80 -15.21
CA TYR A 503 -36.61 -21.73 -16.18
C TYR A 503 -36.89 -22.20 -17.60
N ALA A 504 -36.51 -23.42 -17.93
CA ALA A 504 -36.78 -23.92 -19.27
C ALA A 504 -38.27 -23.88 -19.58
N LYS A 505 -39.08 -24.47 -18.69
CA LYS A 505 -40.52 -24.50 -18.92
C LYS A 505 -41.12 -23.10 -18.92
N MET A 506 -40.69 -22.25 -17.99
CA MET A 506 -41.24 -20.90 -17.92
C MET A 506 -40.91 -20.10 -19.17
N LEU A 507 -39.67 -20.20 -19.66
CA LEU A 507 -39.29 -19.50 -20.88
C LEU A 507 -40.05 -20.04 -22.08
N ALA A 508 -40.23 -21.36 -22.15
CA ALA A 508 -41.00 -21.92 -23.25
C ALA A 508 -42.43 -21.38 -23.24
N LYS A 509 -43.07 -21.40 -22.07
CA LYS A 509 -44.43 -20.87 -21.98
C LYS A 509 -44.49 -19.39 -22.34
N ARG A 510 -43.52 -18.61 -21.85
CA ARG A 510 -43.50 -17.19 -22.16
C ARG A 510 -43.34 -16.94 -23.65
N LEU A 511 -42.45 -17.68 -24.30
CA LEU A 511 -42.08 -17.40 -25.68
C LEU A 511 -43.02 -18.04 -26.69
N VAL A 512 -43.87 -18.98 -26.25
CA VAL A 512 -44.94 -19.48 -27.13
C VAL A 512 -45.84 -18.33 -27.53
N HIS A 513 -46.22 -17.49 -26.58
CA HIS A 513 -46.93 -16.25 -26.85
C HIS A 513 -45.94 -15.13 -27.14
N GLN A 514 -46.47 -14.04 -27.71
CA GLN A 514 -45.62 -12.91 -28.08
C GLN A 514 -45.07 -12.17 -26.87
N ASN A 515 -45.57 -12.43 -25.67
CA ASN A 515 -45.11 -11.72 -24.49
C ASN A 515 -43.60 -11.90 -24.31
N SER A 516 -42.89 -10.78 -24.21
CA SER A 516 -41.45 -10.80 -24.01
C SER A 516 -40.97 -9.38 -23.73
N ALA A 517 -39.98 -9.27 -22.84
CA ALA A 517 -39.42 -7.97 -22.48
C ALA A 517 -38.40 -7.56 -23.53
N SER A 518 -37.61 -6.53 -23.23
CA SER A 518 -36.60 -6.05 -24.16
C SER A 518 -35.65 -7.18 -24.53
N ASP A 519 -35.36 -7.32 -25.83
CA ASP A 519 -34.55 -8.43 -26.31
C ASP A 519 -33.11 -8.32 -25.79
N ASP A 520 -32.62 -7.11 -25.52
CA ASP A 520 -31.25 -6.95 -25.06
C ASP A 520 -31.04 -7.64 -23.71
N ALA A 521 -31.95 -7.38 -22.76
CA ALA A 521 -31.81 -7.99 -21.43
C ALA A 521 -31.91 -9.50 -21.51
N GLU A 522 -32.86 -10.02 -22.29
CA GLU A 522 -33.01 -11.46 -22.42
C GLU A 522 -31.77 -12.09 -23.05
N ALA A 523 -31.23 -11.44 -24.08
CA ALA A 523 -30.01 -11.95 -24.73
C ALA A 523 -28.85 -11.96 -23.75
N SER A 524 -28.69 -10.90 -22.96
CA SER A 524 -27.62 -10.86 -21.97
C SER A 524 -27.81 -11.96 -20.93
N MET A 525 -29.05 -12.17 -20.49
CA MET A 525 -29.32 -13.20 -19.49
C MET A 525 -28.98 -14.58 -20.02
N ILE A 526 -29.38 -14.88 -21.26
CA ILE A 526 -29.09 -16.20 -21.82
C ILE A 526 -27.60 -16.37 -22.03
N SER A 527 -26.90 -15.31 -22.47
CA SER A 527 -25.45 -15.40 -22.63
C SER A 527 -24.76 -15.67 -21.31
N LYS A 528 -25.18 -14.97 -20.25
CA LYS A 528 -24.59 -15.19 -18.93
C LYS A 528 -24.87 -16.61 -18.43
N LEU A 529 -26.09 -17.10 -18.65
CA LEU A 529 -26.42 -18.45 -18.23
C LEU A 529 -25.56 -19.48 -18.98
N LYS A 530 -25.38 -19.27 -20.29
CA LYS A 530 -24.52 -20.16 -21.07
C LYS A 530 -23.09 -20.13 -20.54
N GLN A 531 -22.57 -18.93 -20.25
CA GLN A 531 -21.21 -18.82 -19.77
C GLN A 531 -21.04 -19.52 -18.42
N ALA A 532 -22.03 -19.37 -17.53
CA ALA A 532 -21.93 -19.93 -16.18
C ALA A 532 -22.38 -21.39 -16.13
N CYS A 533 -23.48 -21.73 -16.78
CA CYS A 533 -24.03 -23.08 -16.73
C CYS A 533 -23.38 -23.97 -17.79
N GLY A 534 -23.81 -25.22 -17.84
CA GLY A 534 -23.23 -26.18 -18.76
C GLY A 534 -23.80 -26.09 -20.16
N PHE A 535 -23.17 -26.85 -21.06
CA PHE A 535 -23.59 -26.83 -22.46
C PHE A 535 -25.00 -27.38 -22.63
N GLU A 536 -25.30 -28.50 -21.96
CA GLU A 536 -26.51 -29.25 -22.25
C GLU A 536 -27.75 -28.36 -22.20
N TYR A 537 -27.79 -27.39 -21.27
CA TYR A 537 -28.95 -26.51 -21.17
C TYR A 537 -29.00 -25.52 -22.32
N THR A 538 -27.84 -25.00 -22.74
CA THR A 538 -27.79 -24.07 -23.86
C THR A 538 -28.16 -24.76 -25.16
N SER A 539 -27.75 -26.03 -25.32
CA SER A 539 -28.11 -26.76 -26.53
C SER A 539 -29.61 -26.86 -26.69
N LYS A 540 -30.36 -26.82 -25.58
CA LYS A 540 -31.81 -26.86 -25.62
C LYS A 540 -32.41 -25.46 -25.77
N LEU A 541 -31.86 -24.47 -25.09
CA LEU A 541 -32.43 -23.12 -25.15
C LEU A 541 -32.19 -22.47 -26.51
N GLN A 542 -31.01 -22.68 -27.10
CA GLN A 542 -30.73 -22.12 -28.41
C GLN A 542 -31.66 -22.70 -29.47
N ARG A 543 -32.14 -23.93 -29.27
CA ARG A 543 -33.10 -24.50 -30.21
C ARG A 543 -34.38 -23.67 -30.23
N MET A 544 -34.90 -23.31 -29.05
CA MET A 544 -36.04 -22.41 -29.00
C MET A 544 -35.71 -21.06 -29.61
N PHE A 545 -34.52 -20.54 -29.29
CA PHE A 545 -34.14 -19.21 -29.82
C PHE A 545 -34.17 -19.20 -31.34
N GLN A 546 -33.65 -20.25 -31.97
CA GLN A 546 -33.61 -20.30 -33.42
C GLN A 546 -34.98 -20.62 -34.01
N ASP A 547 -35.75 -21.49 -33.35
CA ASP A 547 -37.03 -21.91 -33.88
C ASP A 547 -38.04 -20.76 -33.87
N ILE A 548 -37.98 -19.87 -32.87
CA ILE A 548 -38.89 -18.74 -32.87
C ILE A 548 -38.60 -17.82 -34.05
N GLY A 549 -37.33 -17.61 -34.38
CA GLY A 549 -37.00 -16.85 -35.57
C GLY A 549 -37.46 -17.54 -36.84
N VAL A 550 -37.34 -18.88 -36.87
CA VAL A 550 -37.84 -19.64 -38.01
C VAL A 550 -39.34 -19.40 -38.20
N SER A 551 -40.10 -19.45 -37.10
CA SER A 551 -41.54 -19.21 -37.19
C SER A 551 -41.84 -17.78 -37.60
N LYS A 552 -41.08 -16.82 -37.07
CA LYS A 552 -41.27 -15.42 -37.46
C LYS A 552 -41.08 -15.25 -38.97
N ASP A 553 -40.04 -15.87 -39.51
CA ASP A 553 -39.82 -15.81 -40.96
C ASP A 553 -40.94 -16.52 -41.72
N LEU A 554 -41.39 -17.66 -41.21
CA LEU A 554 -42.40 -18.45 -41.91
C LEU A 554 -43.77 -17.79 -41.89
N ASN A 555 -44.02 -16.87 -40.95
CA ASN A 555 -45.35 -16.28 -40.82
C ASN A 555 -45.87 -15.73 -42.15
N GLU A 556 -45.00 -15.06 -42.92
CA GLU A 556 -45.45 -14.41 -44.15
C GLU A 556 -45.89 -15.39 -45.21
N GLN A 557 -45.55 -16.67 -45.09
CA GLN A 557 -45.86 -17.63 -46.14
C GLN A 557 -47.36 -17.77 -46.33
N PHE A 558 -48.11 -17.88 -45.23
CA PHE A 558 -49.56 -18.03 -45.33
C PHE A 558 -50.20 -16.79 -45.96
N LYS A 559 -49.77 -15.61 -45.53
CA LYS A 559 -50.32 -14.38 -46.10
C LYS A 559 -50.05 -14.29 -47.60
N LYS A 560 -48.83 -14.61 -48.02
CA LYS A 560 -48.52 -14.54 -49.45
C LYS A 560 -49.30 -15.59 -50.23
N HIS A 561 -49.45 -16.79 -49.69
CA HIS A 561 -50.23 -17.82 -50.36
C HIS A 561 -51.68 -17.39 -50.51
N LEU A 562 -52.26 -16.80 -49.46
CA LEU A 562 -53.64 -16.32 -49.54
C LEU A 562 -53.76 -15.22 -50.58
N THR A 563 -52.80 -14.28 -50.61
CA THR A 563 -52.85 -13.20 -51.59
C THR A 563 -52.76 -13.74 -53.00
N ASN A 564 -51.86 -14.68 -53.25
CA ASN A 564 -51.74 -15.26 -54.58
C ASN A 564 -53.00 -16.03 -54.97
N SER A 565 -53.56 -16.79 -54.03
CA SER A 565 -54.76 -17.58 -54.30
C SER A 565 -56.01 -16.77 -53.96
N ASP A 571 -54.79 -10.24 -35.11
CA ASP A 571 -54.71 -11.38 -34.21
C ASP A 571 -54.83 -12.69 -34.99
N PHE A 572 -53.99 -12.85 -36.02
CA PHE A 572 -54.00 -14.06 -36.83
C PHE A 572 -52.56 -14.33 -37.28
N SER A 573 -51.87 -15.18 -36.55
CA SER A 573 -50.50 -15.58 -36.89
C SER A 573 -50.28 -16.98 -36.33
N ILE A 574 -50.40 -17.99 -37.19
CA ILE A 574 -50.29 -19.38 -36.77
C ILE A 574 -48.82 -19.68 -36.52
N GLN A 575 -48.45 -19.86 -35.24
CA GLN A 575 -47.10 -20.23 -34.87
C GLN A 575 -46.98 -21.75 -34.88
N VAL A 576 -46.01 -22.27 -35.63
CA VAL A 576 -45.81 -23.70 -35.80
C VAL A 576 -44.37 -24.03 -35.40
N LEU A 577 -44.22 -25.04 -34.54
CA LEU A 577 -42.90 -25.47 -34.11
C LEU A 577 -42.98 -26.93 -33.66
N SER A 578 -41.95 -27.70 -33.99
CA SER A 578 -41.97 -29.13 -33.69
C SER A 578 -42.18 -29.37 -32.21
N SER A 579 -43.16 -30.22 -31.89
CA SER A 579 -43.52 -30.51 -30.52
C SER A 579 -42.71 -31.65 -29.91
N GLY A 580 -41.82 -32.26 -30.69
CA GLY A 580 -41.10 -33.42 -30.18
C GLY A 580 -40.17 -33.09 -29.01
N SER A 581 -39.49 -31.95 -29.09
CA SER A 581 -38.43 -31.61 -28.15
C SER A 581 -38.83 -30.55 -27.13
N TRP A 582 -40.07 -30.00 -27.21
CA TRP A 582 -40.40 -28.95 -26.26
C TRP A 582 -41.13 -29.51 -25.04
N PRO A 583 -41.00 -28.86 -23.87
CA PRO A 583 -41.70 -29.36 -22.66
C PRO A 583 -43.19 -29.01 -22.65
N PHE A 584 -43.96 -29.74 -23.45
CA PHE A 584 -45.40 -29.58 -23.47
C PHE A 584 -46.09 -30.94 -23.40
N GLN A 585 -47.41 -30.95 -23.50
CA GLN A 585 -48.20 -32.17 -23.42
C GLN A 585 -49.15 -32.25 -24.60
N GLN A 586 -49.82 -33.40 -24.72
CA GLN A 586 -50.74 -33.63 -25.83
C GLN A 586 -51.95 -32.71 -25.71
N SER A 587 -52.83 -32.80 -26.70
CA SER A 587 -54.01 -31.96 -26.78
C SER A 587 -55.27 -32.78 -26.51
N CYS A 588 -56.37 -32.07 -26.27
CA CYS A 588 -57.65 -32.69 -26.00
C CYS A 588 -58.40 -32.98 -27.30
N THR A 589 -59.45 -33.79 -27.19
CA THR A 589 -60.28 -34.18 -28.33
C THR A 589 -61.53 -33.30 -28.33
N PHE A 590 -61.58 -32.36 -29.27
CA PHE A 590 -62.73 -31.48 -29.40
C PHE A 590 -62.77 -30.94 -30.82
N ALA A 591 -63.77 -31.35 -31.59
CA ALA A 591 -63.89 -30.91 -32.97
C ALA A 591 -64.23 -29.44 -33.04
N LEU A 592 -63.56 -28.73 -33.94
CA LEU A 592 -63.83 -27.31 -34.10
C LEU A 592 -65.17 -27.10 -34.79
N PRO A 593 -65.93 -26.08 -34.42
CA PRO A 593 -67.25 -25.86 -35.05
C PRO A 593 -67.10 -25.31 -36.46
N SER A 594 -68.25 -25.18 -37.13
CA SER A 594 -68.24 -24.72 -38.52
C SER A 594 -67.71 -23.30 -38.64
N GLU A 595 -68.05 -22.44 -37.67
CA GLU A 595 -67.64 -21.04 -37.76
C GLU A 595 -66.12 -20.90 -37.82
N LEU A 596 -65.39 -21.85 -37.25
CA LEU A 596 -63.94 -21.82 -37.25
C LEU A 596 -63.32 -22.95 -38.06
N GLU A 597 -64.12 -23.88 -38.59
CA GLU A 597 -63.56 -25.01 -39.31
C GLU A 597 -62.85 -24.56 -40.58
N ARG A 598 -63.45 -23.64 -41.33
CA ARG A 598 -62.89 -23.25 -42.61
C ARG A 598 -61.47 -22.69 -42.52
N SER A 599 -61.12 -22.05 -41.40
CA SER A 599 -59.79 -21.45 -41.27
C SER A 599 -58.70 -22.51 -41.27
N TYR A 600 -58.84 -23.53 -40.42
CA TYR A 600 -57.82 -24.58 -40.34
C TYR A 600 -57.96 -25.62 -41.43
N GLN A 601 -59.05 -25.61 -42.20
CA GLN A 601 -59.19 -26.55 -43.30
C GLN A 601 -58.06 -26.39 -44.31
N ARG A 602 -57.52 -25.19 -44.44
CA ARG A 602 -56.37 -24.94 -45.31
C ARG A 602 -55.06 -25.16 -44.56
N PHE A 603 -54.94 -26.33 -43.93
CA PHE A 603 -53.74 -26.65 -43.16
C PHE A 603 -52.54 -26.96 -44.03
N THR A 604 -52.76 -27.37 -45.28
CA THR A 604 -51.66 -27.72 -46.15
C THR A 604 -50.76 -26.52 -46.40
N ALA A 605 -49.45 -26.75 -46.28
CA ALA A 605 -48.44 -25.71 -46.50
C ALA A 605 -47.08 -26.41 -46.58
N PHE A 606 -46.01 -25.62 -46.60
CA PHE A 606 -44.68 -26.22 -46.62
C PHE A 606 -44.44 -27.12 -45.42
N TYR A 607 -45.03 -26.78 -44.26
CA TYR A 607 -44.84 -27.59 -43.08
C TYR A 607 -45.44 -28.98 -43.26
N ALA A 608 -46.63 -29.06 -43.87
CA ALA A 608 -47.35 -30.31 -44.05
C ALA A 608 -47.19 -30.91 -45.44
N SER A 609 -47.25 -30.07 -46.48
CA SER A 609 -47.14 -30.59 -47.84
C SER A 609 -45.79 -31.25 -48.09
N ARG A 610 -44.73 -30.78 -47.41
CA ARG A 610 -43.42 -31.38 -47.60
C ARG A 610 -43.41 -32.84 -47.17
N HIS A 611 -44.07 -33.15 -46.06
CA HIS A 611 -44.12 -34.51 -45.54
C HIS A 611 -45.56 -34.94 -45.27
N LEU A 619 -51.00 -29.88 -28.72
CA LEU A 619 -50.72 -29.05 -29.88
C LEU A 619 -51.78 -27.95 -30.02
N TYR A 620 -53.03 -28.38 -30.19
CA TYR A 620 -54.15 -27.46 -30.37
C TYR A 620 -54.82 -27.08 -29.06
N GLN A 621 -54.32 -27.54 -27.91
CA GLN A 621 -54.94 -27.27 -26.62
C GLN A 621 -54.48 -25.89 -26.12
N LEU A 622 -55.03 -24.87 -26.77
CA LEU A 622 -54.82 -23.48 -26.35
C LEU A 622 -56.04 -22.69 -26.79
N SER A 623 -56.87 -22.32 -25.83
CA SER A 623 -58.17 -21.71 -26.12
C SER A 623 -57.94 -20.30 -26.65
N LYS A 624 -58.05 -20.14 -27.96
CA LYS A 624 -57.96 -18.85 -28.62
C LYS A 624 -59.12 -18.74 -29.61
N GLY A 625 -59.65 -17.53 -29.74
CA GLY A 625 -60.80 -17.32 -30.62
C GLY A 625 -61.08 -15.85 -30.81
N GLU A 626 -62.11 -15.58 -31.60
CA GLU A 626 -62.55 -14.23 -31.92
C GLU A 626 -63.75 -13.85 -31.05
N LEU A 627 -63.84 -12.56 -30.74
CA LEU A 627 -64.87 -12.04 -29.85
C LEU A 627 -65.96 -11.37 -30.69
N VAL A 628 -66.92 -12.17 -31.15
CA VAL A 628 -68.09 -11.66 -31.85
C VAL A 628 -69.32 -12.40 -31.31
N THR A 629 -70.05 -11.77 -30.39
CA THR A 629 -71.20 -12.37 -29.74
C THR A 629 -72.41 -11.47 -29.92
N ASN A 630 -73.53 -12.06 -30.34
CA ASN A 630 -74.78 -11.33 -30.51
C ASN A 630 -75.88 -11.78 -29.56
N CYS A 631 -75.62 -12.79 -28.73
CA CYS A 631 -76.65 -13.26 -27.81
C CYS A 631 -77.05 -12.17 -26.82
N PHE A 632 -76.08 -11.47 -26.28
CA PHE A 632 -76.36 -10.41 -25.32
C PHE A 632 -76.81 -9.13 -26.04
N LYS A 633 -77.48 -8.26 -25.29
CA LYS A 633 -77.99 -7.02 -25.87
C LYS A 633 -76.86 -6.13 -26.37
N ASN A 634 -75.77 -6.05 -25.61
CA ASN A 634 -74.63 -5.20 -25.95
C ASN A 634 -73.41 -6.05 -26.24
N ARG A 635 -72.68 -5.68 -27.29
CA ARG A 635 -71.48 -6.41 -27.69
C ARG A 635 -70.28 -5.96 -26.86
N TYR A 636 -69.36 -6.89 -26.63
CA TYR A 636 -68.15 -6.62 -25.89
C TYR A 636 -66.96 -7.24 -26.61
N THR A 637 -65.75 -6.90 -26.17
CA THR A 637 -64.52 -7.42 -26.74
C THR A 637 -63.59 -7.77 -25.58
N LEU A 638 -63.53 -9.06 -25.24
CA LEU A 638 -62.73 -9.54 -24.12
C LEU A 638 -61.93 -10.75 -24.58
N GLN A 639 -60.60 -10.63 -24.58
CA GLN A 639 -59.73 -11.74 -24.89
C GLN A 639 -59.40 -12.48 -23.60
N ALA A 640 -59.67 -13.78 -23.58
CA ALA A 640 -59.52 -14.58 -22.38
C ALA A 640 -59.33 -16.03 -22.81
N SER A 641 -59.48 -16.95 -21.85
CA SER A 641 -59.52 -18.37 -22.16
C SER A 641 -60.79 -18.64 -22.95
N THR A 642 -60.66 -18.85 -24.26
CA THR A 642 -61.80 -18.88 -25.16
C THR A 642 -62.52 -20.22 -25.17
N PHE A 643 -62.29 -21.08 -24.18
CA PHE A 643 -63.13 -22.26 -24.05
C PHE A 643 -64.57 -21.88 -23.82
N GLN A 644 -64.81 -20.87 -22.97
CA GLN A 644 -66.15 -20.34 -22.78
C GLN A 644 -66.67 -19.73 -24.08
N MET A 645 -65.82 -19.02 -24.81
CA MET A 645 -66.24 -18.44 -26.09
C MET A 645 -66.61 -19.53 -27.08
N ALA A 646 -65.82 -20.60 -27.14
CA ALA A 646 -66.14 -21.71 -28.03
C ALA A 646 -67.46 -22.38 -27.64
N ILE A 647 -67.68 -22.58 -26.34
CA ILE A 647 -68.92 -23.19 -25.88
C ILE A 647 -70.11 -22.28 -26.17
N LEU A 648 -69.90 -20.96 -26.16
CA LEU A 648 -70.99 -20.03 -26.39
C LEU A 648 -71.67 -20.26 -27.74
N LEU A 649 -70.93 -20.79 -28.71
CA LEU A 649 -71.52 -21.03 -30.02
C LEU A 649 -72.73 -21.94 -29.92
N GLN A 650 -72.69 -22.91 -29.02
CA GLN A 650 -73.84 -23.79 -28.82
C GLN A 650 -75.04 -22.99 -28.32
N TYR A 651 -74.82 -22.08 -27.38
CA TYR A 651 -75.89 -21.27 -26.82
C TYR A 651 -75.34 -20.23 -25.85
N THR A 658 -79.57 -25.30 -22.29
CA THR A 658 -79.54 -25.35 -20.83
C THR A 658 -78.10 -25.30 -20.32
N VAL A 659 -77.95 -25.08 -19.02
CA VAL A 659 -76.61 -25.01 -18.43
C VAL A 659 -75.90 -26.34 -18.59
N GLN A 660 -76.59 -27.45 -18.31
CA GLN A 660 -75.99 -28.77 -18.44
C GLN A 660 -75.88 -29.23 -19.88
N GLN A 661 -76.66 -28.64 -20.80
CA GLN A 661 -76.67 -29.11 -22.18
C GLN A 661 -75.33 -28.88 -22.86
N LEU A 662 -74.57 -27.87 -22.43
CA LEU A 662 -73.35 -27.51 -23.14
C LEU A 662 -72.35 -28.66 -23.15
N THR A 663 -72.21 -29.37 -22.03
CA THR A 663 -71.19 -30.40 -21.92
C THR A 663 -71.47 -31.58 -22.86
N ASP A 664 -72.74 -31.95 -23.00
CA ASP A 664 -73.06 -33.19 -23.71
C ASP A 664 -72.57 -33.15 -25.15
N SER A 665 -72.87 -32.07 -25.89
CA SER A 665 -72.52 -32.02 -27.29
C SER A 665 -70.99 -32.01 -27.48
N THR A 666 -70.28 -31.22 -26.66
CA THR A 666 -68.84 -31.13 -26.83
C THR A 666 -68.13 -32.38 -26.32
N GLN A 667 -68.71 -33.06 -25.33
CA GLN A 667 -68.19 -34.33 -24.81
C GLN A 667 -66.69 -34.26 -24.54
N ILE A 668 -66.23 -33.12 -24.03
CA ILE A 668 -64.85 -33.01 -23.58
C ILE A 668 -64.67 -33.77 -22.27
N LYS A 669 -63.43 -34.16 -21.99
CA LYS A 669 -63.14 -34.94 -20.79
C LYS A 669 -63.68 -34.23 -19.55
N MET A 670 -64.28 -35.03 -18.67
CA MET A 670 -65.08 -34.45 -17.58
C MET A 670 -64.23 -33.60 -16.65
N ASP A 671 -62.98 -33.97 -16.40
CA ASP A 671 -62.17 -33.24 -15.43
C ASP A 671 -61.87 -31.82 -15.92
N ILE A 672 -61.19 -31.70 -17.07
CA ILE A 672 -60.83 -30.37 -17.56
C ILE A 672 -62.07 -29.60 -17.95
N LEU A 673 -63.09 -30.27 -18.50
CA LEU A 673 -64.32 -29.58 -18.84
C LEU A 673 -64.99 -29.00 -17.61
N ALA A 674 -65.05 -29.77 -16.52
CA ALA A 674 -65.62 -29.27 -15.28
C ALA A 674 -64.82 -28.12 -14.72
N GLN A 675 -63.49 -28.20 -14.79
CA GLN A 675 -62.67 -27.08 -14.35
C GLN A 675 -62.97 -25.84 -15.17
N VAL A 676 -63.14 -26.00 -16.48
CA VAL A 676 -63.50 -24.88 -17.35
C VAL A 676 -64.85 -24.30 -16.92
N LEU A 677 -65.82 -25.16 -16.63
CA LEU A 677 -67.12 -24.68 -16.21
C LEU A 677 -67.03 -23.89 -14.91
N GLN A 678 -66.24 -24.39 -13.94
CA GLN A 678 -66.10 -23.68 -12.68
C GLN A 678 -65.45 -22.32 -12.87
N ILE A 679 -64.38 -22.26 -13.66
CA ILE A 679 -63.71 -20.97 -13.87
C ILE A 679 -64.63 -20.01 -14.62
N LEU A 680 -65.43 -20.54 -15.56
CA LEU A 680 -66.41 -19.70 -16.25
C LEU A 680 -67.44 -19.14 -15.28
N LEU A 681 -67.95 -20.00 -14.39
CA LEU A 681 -68.94 -19.54 -13.40
C LEU A 681 -68.33 -18.53 -12.44
N LYS A 682 -67.02 -18.64 -12.17
CA LYS A 682 -66.37 -17.63 -11.34
C LYS A 682 -66.56 -16.24 -11.93
N SER A 683 -66.60 -16.11 -13.25
CA SER A 683 -66.87 -14.85 -13.91
C SER A 683 -68.39 -14.62 -13.99
N LYS A 684 -68.78 -13.53 -14.63
CA LYS A 684 -70.18 -13.16 -14.78
C LYS A 684 -70.79 -13.65 -16.10
N LEU A 685 -70.03 -14.41 -16.89
CA LEU A 685 -70.55 -14.87 -18.18
C LEU A 685 -71.79 -15.72 -18.01
N LEU A 686 -71.78 -16.65 -17.06
CA LEU A 686 -72.90 -17.56 -16.83
C LEU A 686 -73.31 -17.48 -15.36
N VAL A 687 -74.56 -17.80 -15.10
CA VAL A 687 -75.10 -17.80 -13.75
C VAL A 687 -75.17 -19.22 -13.22
N LYS A 713 -70.64 -4.68 -19.18
CA LYS A 713 -70.61 -5.29 -17.85
C LYS A 713 -69.45 -4.74 -17.04
N ASN A 714 -68.35 -4.43 -17.71
CA ASN A 714 -67.14 -3.93 -17.07
C ASN A 714 -66.95 -2.45 -17.37
N LYS A 715 -65.89 -1.88 -16.81
CA LYS A 715 -65.67 -0.44 -16.93
C LYS A 715 -65.36 -0.04 -18.36
N LYS A 716 -64.43 -0.75 -19.01
CA LYS A 716 -63.96 -0.39 -20.34
C LYS A 716 -63.85 -1.64 -21.19
N LEU A 717 -63.58 -1.43 -22.48
CA LEU A 717 -63.45 -2.54 -23.41
C LEU A 717 -62.20 -3.36 -23.17
N ARG A 718 -61.23 -2.83 -22.42
CA ARG A 718 -60.00 -3.56 -22.12
C ARG A 718 -60.25 -4.46 -20.93
N VAL A 719 -60.64 -5.70 -21.22
CA VAL A 719 -60.96 -6.70 -20.20
C VAL A 719 -60.32 -8.03 -20.59
N ASN A 720 -59.78 -8.74 -19.60
CA ASN A 720 -59.06 -9.98 -19.84
C ASN A 720 -59.71 -11.18 -19.18
N ILE A 721 -60.07 -11.08 -17.91
CA ILE A 721 -60.65 -12.18 -17.13
C ILE A 721 -59.92 -13.48 -17.45
N ASN A 722 -58.61 -13.41 -17.60
CA ASN A 722 -57.78 -14.54 -18.01
C ASN A 722 -56.94 -15.07 -16.84
N VAL A 723 -57.52 -15.07 -15.64
CA VAL A 723 -56.82 -15.52 -14.44
C VAL A 723 -56.48 -17.00 -14.59
N PRO A 724 -55.20 -17.39 -14.45
CA PRO A 724 -54.87 -18.82 -14.52
C PRO A 724 -55.48 -19.60 -13.36
N MET A 725 -55.75 -20.88 -13.61
CA MET A 725 -56.30 -21.75 -12.59
C MET A 725 -55.29 -21.96 -11.47
N LYS A 726 -55.79 -21.98 -10.23
CA LYS A 726 -54.90 -22.12 -9.07
C LYS A 726 -54.40 -23.56 -8.93
N THR A 727 -55.27 -24.54 -9.15
CA THR A 727 -54.89 -25.94 -8.93
C THR A 727 -53.80 -26.38 -9.90
N GLU A 728 -53.86 -25.90 -11.14
CA GLU A 728 -52.91 -26.33 -12.15
C GLU A 728 -51.49 -25.92 -11.78
N GLN A 729 -51.33 -24.75 -11.15
CA GLN A 729 -50.00 -24.31 -10.74
C GLN A 729 -49.37 -25.29 -9.76
N LYS A 730 -50.10 -25.64 -8.70
CA LYS A 730 -49.57 -26.57 -7.71
C LYS A 730 -49.35 -27.95 -8.30
N GLN A 731 -50.27 -28.42 -9.15
CA GLN A 731 -50.11 -29.72 -9.75
C GLN A 731 -48.85 -29.77 -10.63
N GLU A 732 -48.64 -28.71 -11.42
CA GLU A 732 -47.45 -28.67 -12.27
C GLU A 732 -46.17 -28.59 -11.44
N GLN A 733 -46.19 -27.81 -10.35
CA GLN A 733 -45.01 -27.73 -9.50
C GLN A 733 -44.67 -29.09 -8.90
N GLU A 734 -45.69 -29.80 -8.40
CA GLU A 734 -45.45 -31.13 -7.86
C GLU A 734 -44.93 -32.09 -8.93
N THR A 735 -45.51 -32.04 -10.12
CA THR A 735 -45.09 -32.93 -11.19
C THR A 735 -43.65 -32.65 -11.59
N THR A 736 -43.26 -31.39 -11.71
CA THR A 736 -41.89 -31.08 -12.11
C THR A 736 -40.90 -31.44 -11.00
N HIS A 737 -41.29 -31.28 -9.73
CA HIS A 737 -40.42 -31.72 -8.65
C HIS A 737 -40.20 -33.24 -8.71
N LYS A 738 -41.28 -33.99 -8.95
CA LYS A 738 -41.15 -35.44 -9.08
C LYS A 738 -40.25 -35.80 -10.25
N ASN A 739 -40.43 -35.10 -11.39
CA ASN A 739 -39.61 -35.38 -12.56
C ASN A 739 -38.15 -35.09 -12.27
N ILE A 740 -37.86 -34.01 -11.56
CA ILE A 740 -36.48 -33.67 -11.20
C ILE A 740 -35.89 -34.76 -10.32
N GLU A 741 -36.66 -35.26 -9.36
CA GLU A 741 -36.16 -36.32 -8.50
C GLU A 741 -35.85 -37.58 -9.31
N GLU A 742 -36.75 -37.95 -10.23
CA GLU A 742 -36.51 -39.12 -11.07
C GLU A 742 -35.26 -38.93 -11.92
N ASP A 743 -35.10 -37.74 -12.50
CA ASP A 743 -33.94 -37.46 -13.33
C ASP A 743 -32.66 -37.55 -12.53
N ARG A 744 -32.66 -37.04 -11.30
CA ARG A 744 -31.46 -37.14 -10.46
C ARG A 744 -31.16 -38.59 -10.13
N LYS A 745 -32.19 -39.39 -9.85
CA LYS A 745 -31.97 -40.81 -9.57
C LYS A 745 -31.32 -41.51 -10.76
N LEU A 746 -31.86 -41.27 -11.96
CA LEU A 746 -31.29 -41.88 -13.15
C LEU A 746 -29.86 -41.38 -13.38
N LEU A 747 -29.62 -40.10 -13.13
CA LEU A 747 -28.28 -39.55 -13.33
C LEU A 747 -27.28 -40.19 -12.39
N ILE A 748 -27.65 -40.38 -11.13
CA ILE A 748 -26.72 -41.00 -10.18
C ILE A 748 -26.48 -42.46 -10.55
N GLN A 749 -27.51 -43.16 -11.02
CA GLN A 749 -27.30 -44.54 -11.49
C GLN A 749 -26.29 -44.57 -12.62
N ALA A 750 -26.49 -43.73 -13.64
CA ALA A 750 -25.58 -43.69 -14.76
C ALA A 750 -24.17 -43.28 -14.32
N ALA A 751 -24.10 -42.37 -13.35
CA ALA A 751 -22.80 -41.90 -12.89
C ALA A 751 -22.02 -42.99 -12.18
N ILE A 752 -22.69 -43.79 -11.34
CA ILE A 752 -21.99 -44.89 -10.69
C ILE A 752 -21.54 -45.92 -11.72
N VAL A 753 -22.42 -46.24 -12.68
CA VAL A 753 -22.03 -47.20 -13.71
C VAL A 753 -20.84 -46.69 -14.51
N ARG A 754 -20.79 -45.38 -14.76
CA ARG A 754 -19.70 -44.80 -15.54
C ARG A 754 -18.40 -44.80 -14.74
N ILE A 755 -18.46 -44.39 -13.47
CA ILE A 755 -17.25 -44.32 -12.66
C ILE A 755 -16.65 -45.71 -12.50
N MET A 756 -17.50 -46.73 -12.39
CA MET A 756 -16.95 -48.09 -12.33
C MET A 756 -16.51 -48.62 -13.69
N LYS A 757 -16.75 -47.88 -14.77
CA LYS A 757 -16.20 -48.27 -16.06
C LYS A 757 -14.67 -48.31 -16.03
N MET A 758 -14.06 -47.43 -15.25
CA MET A 758 -12.61 -47.41 -15.08
C MET A 758 -12.15 -48.19 -13.87
N ARG A 759 -12.99 -48.34 -12.85
CA ARG A 759 -12.65 -49.08 -11.64
C ARG A 759 -13.26 -50.48 -11.77
N LYS A 760 -12.41 -51.50 -11.84
CA LYS A 760 -12.89 -52.86 -12.02
C LYS A 760 -13.77 -53.27 -10.85
N VAL A 761 -13.17 -53.38 -9.66
CA VAL A 761 -13.87 -53.62 -8.41
C VAL A 761 -13.05 -52.99 -7.30
N LEU A 762 -13.70 -52.18 -6.47
CA LEU A 762 -12.98 -51.43 -5.44
C LEU A 762 -13.88 -51.32 -4.21
N LYS A 763 -13.44 -50.52 -3.25
CA LYS A 763 -14.09 -50.39 -1.96
C LYS A 763 -15.27 -49.42 -2.05
N HIS A 764 -15.89 -49.16 -0.90
CA HIS A 764 -16.99 -48.21 -0.79
C HIS A 764 -16.58 -46.88 -0.20
N GLN A 765 -15.45 -46.83 0.52
CA GLN A 765 -15.01 -45.58 1.13
C GLN A 765 -14.77 -44.50 0.07
N GLN A 766 -14.05 -44.85 -1.00
CA GLN A 766 -13.74 -43.89 -2.04
C GLN A 766 -14.85 -43.75 -3.07
N LEU A 767 -15.79 -44.70 -3.11
CA LEU A 767 -16.86 -44.64 -4.10
C LEU A 767 -17.72 -43.39 -3.92
N LEU A 768 -18.19 -43.14 -2.69
CA LEU A 768 -19.03 -41.98 -2.45
C LEU A 768 -18.26 -40.68 -2.67
N GLY A 769 -16.99 -40.65 -2.24
CA GLY A 769 -16.19 -39.45 -2.45
C GLY A 769 -16.01 -39.14 -3.92
N GLU A 770 -15.71 -40.16 -4.73
CA GLU A 770 -15.56 -39.96 -6.17
C GLU A 770 -16.88 -39.55 -6.81
N VAL A 771 -17.99 -40.13 -6.35
CA VAL A 771 -19.30 -39.75 -6.87
C VAL A 771 -19.58 -38.27 -6.59
N LEU A 772 -19.34 -37.84 -5.35
CA LEU A 772 -19.65 -36.47 -4.97
C LEU A 772 -18.73 -35.47 -5.67
N THR A 773 -17.43 -35.77 -5.73
CA THR A 773 -16.50 -34.84 -6.36
C THR A 773 -16.72 -34.74 -7.87
N GLN A 774 -17.33 -35.75 -8.48
CA GLN A 774 -17.64 -35.74 -9.90
C GLN A 774 -19.00 -35.14 -10.21
N LEU A 775 -19.79 -34.78 -9.18
CA LEU A 775 -21.10 -34.20 -9.38
C LEU A 775 -21.35 -33.04 -8.42
N SER A 776 -20.29 -32.33 -8.04
CA SER A 776 -20.42 -31.25 -7.06
C SER A 776 -21.07 -30.01 -7.67
N SER A 777 -20.93 -29.82 -8.98
CA SER A 777 -21.46 -28.60 -9.60
C SER A 777 -22.97 -28.51 -9.45
N ARG A 778 -23.68 -29.62 -9.66
CA ARG A 778 -25.13 -29.64 -9.58
C ARG A 778 -25.57 -30.04 -8.17
N PHE A 779 -26.88 -30.21 -8.00
CA PHE A 779 -27.44 -30.56 -6.70
C PHE A 779 -26.82 -31.85 -6.19
N LYS A 780 -26.35 -31.83 -4.95
CA LYS A 780 -25.68 -32.99 -4.39
C LYS A 780 -26.71 -34.02 -3.93
N PRO A 781 -26.38 -35.32 -4.03
CA PRO A 781 -27.35 -36.36 -3.67
C PRO A 781 -27.38 -36.65 -2.17
N ARG A 782 -28.17 -37.66 -1.79
CA ARG A 782 -28.31 -38.08 -0.40
C ARG A 782 -27.83 -39.52 -0.26
N VAL A 783 -27.27 -39.82 0.92
CA VAL A 783 -26.65 -41.13 1.12
C VAL A 783 -27.64 -42.28 0.95
N PRO A 784 -28.84 -42.23 1.56
CA PRO A 784 -29.77 -43.36 1.39
C PRO A 784 -30.14 -43.63 -0.06
N VAL A 785 -30.29 -42.57 -0.86
CA VAL A 785 -30.61 -42.75 -2.28
C VAL A 785 -29.46 -43.48 -2.98
N ILE A 786 -28.23 -43.08 -2.67
CA ILE A 786 -27.07 -43.73 -3.28
C ILE A 786 -27.01 -45.20 -2.85
N LYS A 787 -27.30 -45.48 -1.59
CA LYS A 787 -27.29 -46.87 -1.13
C LYS A 787 -28.34 -47.70 -1.85
N LYS A 788 -29.55 -47.17 -2.01
CA LYS A 788 -30.59 -47.89 -2.72
C LYS A 788 -30.19 -48.11 -4.19
N CYS A 789 -29.61 -47.09 -4.82
CA CYS A 789 -29.17 -47.24 -6.20
C CYS A 789 -28.08 -48.29 -6.33
N ILE A 790 -27.16 -48.33 -5.37
CA ILE A 790 -26.09 -49.33 -5.41
C ILE A 790 -26.67 -50.72 -5.22
N ASP A 791 -27.65 -50.86 -4.33
CA ASP A 791 -28.30 -52.16 -4.16
C ASP A 791 -28.99 -52.61 -5.45
N ILE A 792 -29.68 -51.68 -6.12
CA ILE A 792 -30.33 -52.02 -7.37
C ILE A 792 -29.31 -52.43 -8.42
N LEU A 793 -28.19 -51.70 -8.51
CA LEU A 793 -27.16 -52.05 -9.47
C LEU A 793 -26.55 -53.41 -9.16
N ILE A 794 -26.35 -53.73 -7.88
CA ILE A 794 -25.91 -55.06 -7.49
C ILE A 794 -26.90 -56.10 -7.99
N GLU A 795 -28.20 -55.84 -7.78
CA GLU A 795 -29.21 -56.73 -8.33
C GLU A 795 -29.10 -56.84 -9.84
N LYS A 796 -28.56 -55.81 -10.50
CA LYS A 796 -28.39 -55.82 -11.95
C LYS A 796 -27.15 -56.60 -12.39
N GLU A 797 -26.34 -57.09 -11.46
CA GLU A 797 -25.16 -57.88 -11.79
C GLU A 797 -24.15 -57.04 -12.60
N TYR A 798 -23.75 -55.93 -12.01
CA TYR A 798 -22.80 -55.01 -12.63
C TYR A 798 -21.46 -54.93 -11.92
N LEU A 799 -21.45 -55.04 -10.60
CA LEU A 799 -20.25 -54.82 -9.81
C LEU A 799 -20.28 -55.75 -8.60
N GLU A 800 -19.21 -55.71 -7.81
CA GLU A 800 -19.15 -56.48 -6.57
C GLU A 800 -18.10 -55.89 -5.64
N TRP B 27 -57.67 -15.06 -35.00
CA TRP B 27 -57.33 -16.24 -34.21
C TRP B 27 -55.83 -16.54 -34.31
N ASN B 28 -55.11 -16.28 -33.21
CA ASN B 28 -53.68 -16.52 -33.13
C ASN B 28 -53.42 -17.55 -32.04
N ALA B 29 -52.78 -18.66 -32.40
CA ALA B 29 -52.48 -19.73 -31.47
C ALA B 29 -51.16 -20.37 -31.88
N VAL B 30 -50.84 -21.50 -31.26
CA VAL B 30 -49.60 -22.22 -31.53
C VAL B 30 -49.94 -23.54 -32.20
N ALA B 31 -49.02 -24.00 -33.05
CA ALA B 31 -49.16 -25.25 -33.79
C ALA B 31 -47.84 -26.01 -33.71
N LEU B 32 -47.82 -27.19 -34.34
CA LEU B 32 -46.61 -28.01 -34.32
C LEU B 32 -46.65 -28.98 -35.49
N TRP B 33 -45.46 -29.49 -35.83
CA TRP B 33 -45.31 -30.49 -36.88
C TRP B 33 -44.28 -31.52 -36.42
N ALA B 34 -44.58 -32.79 -36.63
CA ALA B 34 -43.71 -33.87 -36.21
C ALA B 34 -43.64 -34.93 -37.29
N TRP B 35 -42.55 -35.69 -37.28
CA TRP B 35 -42.36 -36.76 -38.26
C TRP B 35 -43.38 -37.86 -38.05
N VAL B 74 -43.97 -41.17 -41.55
CA VAL B 74 -42.57 -40.89 -41.27
C VAL B 74 -41.98 -41.97 -40.38
N CYS B 75 -40.68 -41.86 -40.10
CA CYS B 75 -39.96 -42.83 -39.29
C CYS B 75 -39.27 -42.11 -38.15
N ASN B 76 -39.42 -42.65 -36.93
CA ASN B 76 -38.77 -42.10 -35.76
C ASN B 76 -38.41 -43.23 -34.81
N HIS B 77 -37.42 -42.99 -33.96
CA HIS B 77 -36.91 -43.98 -33.03
C HIS B 77 -37.20 -43.55 -31.60
N ALA B 78 -37.81 -44.44 -30.83
CA ALA B 78 -38.11 -44.18 -29.42
C ALA B 78 -38.47 -45.49 -28.75
N PHE B 79 -37.98 -45.69 -27.53
CA PHE B 79 -38.23 -46.93 -26.81
C PHE B 79 -38.19 -46.65 -25.31
N HIS B 80 -38.75 -47.59 -24.54
CA HIS B 80 -38.79 -47.46 -23.10
C HIS B 80 -37.38 -47.59 -22.50
N PHE B 81 -37.22 -47.03 -21.29
CA PHE B 81 -35.91 -47.00 -20.67
C PHE B 81 -35.37 -48.40 -20.43
N HIS B 82 -36.21 -49.30 -19.90
CA HIS B 82 -35.77 -50.68 -19.69
C HIS B 82 -35.44 -51.35 -21.01
N CYS B 83 -36.34 -51.24 -21.98
CA CYS B 83 -36.07 -51.79 -23.30
C CYS B 83 -34.90 -51.07 -23.96
N ILE B 84 -34.73 -49.78 -23.69
CA ILE B 84 -33.59 -49.06 -24.25
C ILE B 84 -32.28 -49.64 -23.73
N SER B 85 -32.21 -49.88 -22.42
CA SER B 85 -30.99 -50.47 -21.86
C SER B 85 -30.76 -51.88 -22.37
N ARG B 86 -31.82 -52.69 -22.44
CA ARG B 86 -31.66 -54.06 -22.93
C ARG B 86 -31.18 -54.06 -24.37
N TRP B 87 -31.72 -53.16 -25.20
CA TRP B 87 -31.28 -53.06 -26.59
C TRP B 87 -29.84 -52.56 -26.68
N LEU B 88 -29.45 -51.61 -25.81
CA LEU B 88 -28.09 -51.11 -25.83
C LEU B 88 -27.09 -52.19 -25.41
N LYS B 89 -27.53 -53.13 -24.56
CA LYS B 89 -26.60 -54.13 -24.05
C LYS B 89 -26.02 -55.02 -25.15
N THR B 90 -26.78 -55.25 -26.23
CA THR B 90 -26.36 -56.20 -27.27
C THR B 90 -26.45 -55.67 -28.69
N ARG B 91 -27.27 -54.66 -28.96
CA ARG B 91 -27.46 -54.11 -30.30
C ARG B 91 -26.53 -52.94 -30.59
N GLN B 92 -25.60 -52.63 -29.67
CA GLN B 92 -24.77 -51.46 -29.84
C GLN B 92 -23.98 -51.48 -31.15
N VAL B 93 -23.74 -52.65 -31.70
CA VAL B 93 -22.93 -52.79 -32.91
C VAL B 93 -23.69 -53.33 -34.10
N CYS B 94 -24.88 -53.91 -33.93
CA CYS B 94 -25.54 -54.58 -35.04
C CYS B 94 -25.93 -53.59 -36.13
N PRO B 95 -26.82 -52.63 -35.88
CA PRO B 95 -27.09 -51.61 -36.90
C PRO B 95 -26.27 -50.35 -36.69
N LEU B 96 -26.30 -49.49 -37.72
CA LEU B 96 -25.62 -48.20 -37.68
C LEU B 96 -26.68 -47.11 -37.70
N ASP B 97 -27.21 -46.77 -36.52
CA ASP B 97 -28.13 -45.66 -36.35
C ASP B 97 -29.38 -45.81 -37.21
N ASN B 98 -30.28 -44.83 -37.12
CA ASN B 98 -31.50 -44.74 -37.92
C ASN B 98 -32.56 -45.74 -37.49
N ARG B 99 -32.22 -46.63 -36.55
CA ARG B 99 -33.21 -47.52 -35.96
C ARG B 99 -32.94 -47.87 -34.50
N GLU B 100 -31.90 -47.29 -33.89
CA GLU B 100 -31.52 -47.63 -32.52
C GLU B 100 -31.32 -46.35 -31.72
N TRP B 101 -31.61 -46.44 -30.42
CA TRP B 101 -31.42 -45.32 -29.52
C TRP B 101 -32.26 -44.12 -29.97
N TYR C 14 4.87 -44.79 -19.49
CA TYR C 14 3.70 -45.63 -19.72
C TYR C 14 2.41 -44.89 -19.37
N HIS C 15 2.20 -44.68 -18.07
CA HIS C 15 0.98 -44.00 -17.62
C HIS C 15 0.93 -42.55 -18.12
N ILE C 16 2.08 -41.93 -18.34
CA ILE C 16 2.09 -40.53 -18.76
C ILE C 16 1.41 -40.37 -20.11
N SER C 17 1.76 -41.23 -21.07
CA SER C 17 1.20 -41.16 -22.42
C SER C 17 0.08 -42.18 -22.64
N ASN C 18 -0.29 -42.95 -21.62
CA ASN C 18 -1.33 -43.96 -21.80
C ASN C 18 -2.70 -43.33 -22.01
N LEU C 19 -2.95 -42.16 -21.39
CA LEU C 19 -4.26 -41.54 -21.49
C LEU C 19 -4.57 -41.15 -22.93
N LEU C 20 -3.59 -40.60 -23.65
CA LEU C 20 -3.83 -40.16 -25.02
C LEU C 20 -4.20 -41.35 -25.91
N GLU C 21 -3.49 -42.47 -25.76
CA GLU C 21 -3.84 -43.66 -26.52
C GLU C 21 -5.21 -44.20 -26.13
N LYS C 22 -5.52 -44.19 -24.83
CA LYS C 22 -6.80 -44.71 -24.37
C LYS C 22 -7.97 -43.81 -24.76
N MET C 23 -7.71 -42.55 -25.10
CA MET C 23 -8.79 -41.63 -25.43
C MET C 23 -9.65 -42.19 -26.56
N THR C 24 -9.02 -42.66 -27.62
CA THR C 24 -9.73 -43.25 -28.76
C THR C 24 -10.26 -44.62 -28.35
N SER C 25 -11.55 -44.68 -27.99
CA SER C 25 -12.17 -45.92 -27.56
C SER C 25 -13.52 -46.19 -28.21
N SER C 26 -14.11 -45.23 -28.92
CA SER C 26 -15.42 -45.40 -29.53
C SER C 26 -16.46 -45.80 -28.47
N ASP C 27 -16.37 -45.17 -27.30
CA ASP C 27 -17.27 -45.46 -26.19
C ASP C 27 -17.58 -44.16 -25.45
N LYS C 28 -18.68 -44.19 -24.71
CA LYS C 28 -19.14 -43.01 -23.97
C LYS C 28 -18.47 -42.91 -22.60
N ASP C 29 -18.63 -43.95 -21.78
CA ASP C 29 -18.08 -43.91 -20.42
C ASP C 29 -16.56 -43.84 -20.43
N PHE C 30 -15.92 -44.59 -21.34
CA PHE C 30 -14.46 -44.60 -21.39
C PHE C 30 -13.91 -43.22 -21.71
N ARG C 31 -14.46 -42.58 -22.74
CA ARG C 31 -14.02 -41.23 -23.09
C ARG C 31 -14.35 -40.24 -21.98
N PHE C 32 -15.53 -40.38 -21.37
CA PHE C 32 -15.90 -39.52 -20.25
C PHE C 32 -14.85 -39.59 -19.14
N MET C 33 -14.49 -40.80 -18.73
CA MET C 33 -13.53 -40.94 -17.63
C MET C 33 -12.13 -40.50 -18.05
N ALA C 34 -11.74 -40.76 -19.29
CA ALA C 34 -10.43 -40.29 -19.76
C ALA C 34 -10.34 -38.77 -19.69
N THR C 35 -11.37 -38.09 -20.20
CA THR C 35 -11.41 -36.63 -20.10
C THR C 35 -11.38 -36.19 -18.64
N ASN C 36 -12.15 -36.86 -17.79
CA ASN C 36 -12.21 -36.47 -16.39
C ASN C 36 -10.85 -36.55 -15.72
N ASP C 37 -10.16 -37.68 -15.86
CA ASP C 37 -8.90 -37.82 -15.14
C ASP C 37 -7.80 -36.98 -15.77
N LEU C 38 -7.81 -36.78 -17.10
CA LEU C 38 -6.79 -35.92 -17.67
C LEU C 38 -6.99 -34.48 -17.20
N MET C 39 -8.25 -34.02 -17.13
CA MET C 39 -8.51 -32.69 -16.61
C MET C 39 -8.10 -32.57 -15.14
N THR C 40 -8.45 -33.58 -14.34
CA THR C 40 -8.10 -33.52 -12.92
C THR C 40 -6.59 -33.47 -12.72
N GLU C 41 -5.84 -34.28 -13.49
CA GLU C 41 -4.40 -34.26 -13.39
C GLU C 41 -3.83 -32.91 -13.84
N LEU C 42 -4.36 -32.37 -14.94
CA LEU C 42 -3.85 -31.09 -15.43
C LEU C 42 -4.16 -29.96 -14.45
N GLN C 43 -5.24 -30.08 -13.67
CA GLN C 43 -5.53 -29.07 -12.67
C GLN C 43 -4.39 -28.93 -11.67
N LYS C 44 -3.69 -30.03 -11.38
CA LYS C 44 -2.52 -29.97 -10.52
C LYS C 44 -1.37 -29.29 -11.25
N ASP C 45 -0.32 -28.97 -10.50
CA ASP C 45 0.85 -28.32 -11.08
C ASP C 45 1.35 -29.09 -12.31
N SER C 46 1.51 -30.40 -12.16
CA SER C 46 1.94 -31.27 -13.26
C SER C 46 3.21 -30.74 -13.92
N ILE C 47 4.28 -30.73 -13.11
CA ILE C 47 5.56 -30.20 -13.60
C ILE C 47 6.20 -31.19 -14.57
N LYS C 48 7.08 -30.66 -15.43
CA LYS C 48 7.89 -31.46 -16.33
C LYS C 48 7.02 -32.30 -17.27
N LEU C 49 6.26 -31.61 -18.10
CA LEU C 49 5.48 -32.25 -19.16
C LEU C 49 6.23 -32.16 -20.47
N ASP C 50 6.39 -33.30 -21.14
CA ASP C 50 7.15 -33.34 -22.38
C ASP C 50 6.48 -32.47 -23.44
N ASP C 51 7.31 -31.77 -24.22
CA ASP C 51 6.78 -30.88 -25.25
C ASP C 51 6.00 -31.67 -26.29
N ASP C 52 6.53 -32.82 -26.72
CA ASP C 52 5.80 -33.66 -27.66
C ASP C 52 4.51 -34.16 -27.03
N SER C 53 4.57 -34.57 -25.75
CA SER C 53 3.36 -34.97 -25.06
C SER C 53 2.39 -33.81 -24.93
N GLU C 54 2.89 -32.60 -24.71
CA GLU C 54 2.03 -31.43 -24.67
C GLU C 54 1.30 -31.23 -25.99
N ARG C 55 2.04 -31.38 -27.10
CA ARG C 55 1.40 -31.29 -28.42
C ARG C 55 0.34 -32.37 -28.58
N LYS C 56 0.65 -33.60 -28.15
CA LYS C 56 -0.32 -34.67 -28.24
C LYS C 56 -1.61 -34.30 -27.50
N VAL C 57 -1.47 -33.84 -26.26
CA VAL C 57 -2.65 -33.58 -25.44
C VAL C 57 -3.47 -32.43 -26.02
N VAL C 58 -2.81 -31.35 -26.43
CA VAL C 58 -3.55 -30.22 -26.99
C VAL C 58 -4.28 -30.63 -28.27
N LYS C 59 -3.57 -31.37 -29.15
CA LYS C 59 -4.21 -31.82 -30.38
C LYS C 59 -5.40 -32.72 -30.09
N MET C 60 -5.27 -33.63 -29.13
CA MET C 60 -6.34 -34.58 -28.87
C MET C 60 -7.54 -33.91 -28.21
N ILE C 61 -7.30 -32.97 -27.29
CA ILE C 61 -8.42 -32.25 -26.68
C ILE C 61 -9.15 -31.45 -27.75
N LEU C 62 -8.42 -30.77 -28.62
CA LEU C 62 -9.07 -30.01 -29.68
C LEU C 62 -9.85 -30.93 -30.62
N LYS C 63 -9.28 -32.10 -30.95
CA LYS C 63 -9.97 -33.04 -31.82
C LYS C 63 -11.26 -33.55 -31.18
N LEU C 64 -11.22 -33.88 -29.89
CA LEU C 64 -12.40 -34.33 -29.19
C LEU C 64 -13.41 -33.21 -28.99
N LEU C 65 -12.97 -31.95 -29.06
CA LEU C 65 -13.84 -30.79 -28.86
C LEU C 65 -15.16 -30.91 -29.61
N GLU C 66 -15.16 -31.50 -30.80
CA GLU C 66 -16.34 -31.57 -31.66
C GLU C 66 -16.77 -33.01 -31.90
N ASP C 67 -16.68 -33.86 -30.88
CA ASP C 67 -17.12 -35.24 -30.99
C ASP C 67 -18.63 -35.33 -30.84
N LYS C 68 -19.14 -36.54 -30.73
CA LYS C 68 -20.54 -36.79 -30.41
C LYS C 68 -20.67 -36.97 -28.90
N ASN C 69 -21.86 -37.36 -28.44
CA ASN C 69 -22.13 -37.58 -27.02
C ASN C 69 -21.83 -36.30 -26.23
N GLY C 70 -22.68 -35.30 -26.50
CA GLY C 70 -22.48 -33.94 -26.03
C GLY C 70 -21.84 -33.79 -24.66
N GLU C 71 -22.23 -34.64 -23.71
CA GLU C 71 -21.64 -34.56 -22.37
C GLU C 71 -20.11 -34.57 -22.44
N VAL C 72 -19.55 -35.39 -23.32
CA VAL C 72 -18.10 -35.48 -23.43
C VAL C 72 -17.51 -34.15 -23.84
N GLN C 73 -18.03 -33.55 -24.92
CA GLN C 73 -17.52 -32.25 -25.36
C GLN C 73 -17.89 -31.15 -24.38
N ASN C 74 -19.03 -31.30 -23.68
CA ASN C 74 -19.40 -30.34 -22.67
C ASN C 74 -18.36 -30.28 -21.55
N LEU C 75 -17.89 -31.45 -21.11
CA LEU C 75 -16.81 -31.47 -20.13
C LEU C 75 -15.49 -31.00 -20.73
N ALA C 76 -15.24 -31.37 -21.99
CA ALA C 76 -13.96 -31.03 -22.62
C ALA C 76 -13.79 -29.51 -22.74
N VAL C 77 -14.86 -28.80 -23.10
CA VAL C 77 -14.76 -27.37 -23.33
C VAL C 77 -14.36 -26.61 -22.08
N LYS C 78 -14.47 -27.24 -20.90
CA LYS C 78 -14.08 -26.62 -19.64
C LYS C 78 -12.58 -26.71 -19.38
N CYS C 79 -11.78 -27.01 -20.39
CA CYS C 79 -10.34 -27.13 -20.20
C CYS C 79 -9.74 -25.81 -19.72
N LEU C 80 -8.74 -25.92 -18.87
CA LEU C 80 -8.09 -24.73 -18.32
C LEU C 80 -7.41 -23.92 -19.41
N GLY C 81 -7.41 -22.61 -19.25
CA GLY C 81 -6.90 -21.70 -20.25
C GLY C 81 -5.42 -21.88 -20.53
N PRO C 82 -4.59 -21.90 -19.47
CA PRO C 82 -3.15 -22.07 -19.69
C PRO C 82 -2.74 -23.53 -19.87
N LEU C 83 -1.44 -23.77 -20.00
CA LEU C 83 -0.93 -25.12 -20.19
C LEU C 83 -1.30 -26.01 -19.00
N GLU C 89 4.77 -19.70 -24.44
CA GLU C 89 3.41 -19.60 -24.96
C GLU C 89 3.41 -19.76 -26.48
N TYR C 90 4.19 -20.73 -26.97
CA TYR C 90 4.26 -20.96 -28.40
C TYR C 90 3.01 -21.69 -28.90
N GLN C 91 2.51 -22.67 -28.14
CA GLN C 91 1.43 -23.52 -28.62
C GLN C 91 0.06 -22.88 -28.50
N VAL C 92 -0.12 -21.90 -27.61
CA VAL C 92 -1.44 -21.29 -27.45
C VAL C 92 -1.88 -20.62 -28.75
N GLU C 93 -0.92 -20.20 -29.58
CA GLU C 93 -1.28 -19.60 -30.87
C GLU C 93 -2.07 -20.58 -31.73
N THR C 94 -1.63 -21.84 -31.76
CA THR C 94 -2.36 -22.85 -32.52
C THR C 94 -3.76 -23.04 -31.96
N ILE C 95 -3.89 -23.04 -30.64
CA ILE C 95 -5.19 -23.26 -30.01
C ILE C 95 -6.14 -22.14 -30.41
N VAL C 96 -5.69 -20.89 -30.30
CA VAL C 96 -6.56 -19.76 -30.64
C VAL C 96 -6.88 -19.76 -32.13
N ASP C 97 -5.89 -20.08 -32.97
CA ASP C 97 -6.14 -20.13 -34.41
C ASP C 97 -7.19 -21.18 -34.75
N THR C 98 -7.10 -22.36 -34.15
CA THR C 98 -8.10 -23.39 -34.40
C THR C 98 -9.46 -22.95 -33.88
N LEU C 99 -9.51 -22.32 -32.71
CA LEU C 99 -10.79 -21.92 -32.13
C LEU C 99 -11.48 -20.88 -33.00
N CYS C 100 -10.73 -19.89 -33.49
CA CYS C 100 -11.34 -18.82 -34.27
C CYS C 100 -11.72 -19.26 -35.68
N THR C 101 -11.00 -20.26 -36.22
CA THR C 101 -11.29 -20.73 -37.56
C THR C 101 -12.54 -21.61 -37.63
N ASN C 102 -13.10 -21.99 -36.47
CA ASN C 102 -14.26 -22.87 -36.44
C ASN C 102 -15.59 -22.12 -36.43
N MET C 103 -15.63 -20.93 -35.82
CA MET C 103 -16.89 -20.21 -35.72
C MET C 103 -17.48 -19.92 -37.09
N LEU C 104 -16.64 -19.79 -38.12
CA LEU C 104 -17.11 -19.54 -39.47
C LEU C 104 -17.30 -20.81 -40.28
N SER C 105 -17.06 -21.98 -39.69
CA SER C 105 -17.25 -23.23 -40.41
C SER C 105 -18.74 -23.53 -40.57
N ASP C 106 -19.03 -24.46 -41.49
CA ASP C 106 -20.42 -24.80 -41.78
C ASP C 106 -21.11 -25.43 -40.58
N LYS C 107 -20.38 -26.24 -39.82
CA LYS C 107 -20.98 -26.95 -38.69
C LYS C 107 -21.61 -25.97 -37.70
N GLU C 108 -22.79 -26.34 -37.19
CA GLU C 108 -23.53 -25.46 -36.30
C GLU C 108 -23.07 -25.60 -34.85
N GLN C 109 -23.05 -26.82 -34.33
CA GLN C 109 -22.65 -27.02 -32.94
C GLN C 109 -21.20 -26.61 -32.72
N LEU C 110 -20.31 -26.95 -33.67
CA LEU C 110 -18.92 -26.55 -33.54
C LEU C 110 -18.79 -25.04 -33.56
N ARG C 111 -19.55 -24.37 -34.43
CA ARG C 111 -19.53 -22.91 -34.46
C ARG C 111 -19.99 -22.32 -33.12
N ASP C 112 -21.06 -22.87 -32.56
CA ASP C 112 -21.57 -22.35 -31.29
C ASP C 112 -20.54 -22.55 -30.18
N ILE C 113 -19.91 -23.72 -30.13
CA ILE C 113 -18.93 -23.99 -29.08
C ILE C 113 -17.64 -23.20 -29.29
N SER C 114 -17.34 -22.80 -30.52
CA SER C 114 -16.13 -22.04 -30.77
C SER C 114 -16.16 -20.70 -30.05
N SER C 115 -17.32 -20.04 -30.02
CA SER C 115 -17.41 -18.77 -29.31
C SER C 115 -17.15 -18.95 -27.83
N ILE C 116 -17.73 -19.99 -27.22
CA ILE C 116 -17.51 -20.24 -25.80
C ILE C 116 -16.04 -20.54 -25.53
N GLY C 117 -15.42 -21.36 -26.37
CA GLY C 117 -14.01 -21.66 -26.19
C GLY C 117 -13.13 -20.44 -26.33
N LEU C 118 -13.44 -19.58 -27.31
CA LEU C 118 -12.68 -18.35 -27.49
C LEU C 118 -12.82 -17.44 -26.29
N LYS C 119 -14.05 -17.31 -25.77
CA LYS C 119 -14.25 -16.48 -24.59
C LYS C 119 -13.50 -17.03 -23.39
N THR C 120 -13.50 -18.35 -23.23
CA THR C 120 -12.78 -18.96 -22.10
C THR C 120 -11.29 -18.74 -22.21
N VAL C 121 -10.72 -18.96 -23.40
CA VAL C 121 -9.27 -18.85 -23.55
C VAL C 121 -8.82 -17.40 -23.45
N ILE C 122 -9.56 -16.48 -24.09
CA ILE C 122 -9.18 -15.07 -24.06
C ILE C 122 -9.34 -14.46 -22.68
N GLY C 123 -10.06 -15.12 -21.77
CA GLY C 123 -10.18 -14.65 -20.41
C GLY C 123 -9.02 -15.09 -19.54
N GLU C 124 -7.79 -14.88 -20.04
CA GLU C 124 -6.58 -15.27 -19.34
C GLU C 124 -5.61 -14.10 -19.14
N LEU C 125 -6.07 -12.87 -19.35
CA LEU C 125 -5.18 -11.72 -19.24
C LEU C 125 -4.68 -11.59 -17.80
N PRO C 126 -3.48 -11.01 -17.61
CA PRO C 126 -2.91 -10.87 -16.27
C PRO C 126 -3.74 -9.98 -15.35
N ALA C 135 1.74 -11.96 -24.87
CA ALA C 135 0.31 -12.23 -24.80
C ALA C 135 -0.47 -11.31 -25.73
N ALA C 136 0.11 -10.14 -26.03
CA ALA C 136 -0.58 -9.18 -26.89
C ALA C 136 -0.63 -9.65 -28.33
N ASN C 137 0.36 -10.44 -28.76
CA ASN C 137 0.29 -11.04 -30.09
C ASN C 137 -0.99 -11.85 -30.23
N VAL C 138 -1.44 -12.49 -29.15
CA VAL C 138 -2.65 -13.30 -29.21
C VAL C 138 -3.85 -12.42 -29.52
N CYS C 139 -3.99 -11.28 -28.83
CA CYS C 139 -5.14 -10.42 -29.09
C CYS C 139 -5.07 -9.83 -30.48
N LYS C 140 -3.87 -9.44 -30.94
CA LYS C 140 -3.74 -8.97 -32.31
C LYS C 140 -4.24 -10.01 -33.30
N LYS C 141 -3.75 -11.25 -33.16
CA LYS C 141 -4.13 -12.29 -34.11
C LYS C 141 -5.62 -12.57 -34.09
N ILE C 142 -6.21 -12.68 -32.89
CA ILE C 142 -7.62 -13.00 -32.81
C ILE C 142 -8.45 -11.87 -33.41
N THR C 143 -8.11 -10.62 -33.11
CA THR C 143 -8.85 -9.50 -33.66
C THR C 143 -8.75 -9.49 -35.19
N GLY C 144 -7.54 -9.68 -35.72
CA GLY C 144 -7.37 -9.67 -37.16
C GLY C 144 -8.13 -10.79 -37.84
N ARG C 145 -8.20 -11.96 -37.19
CA ARG C 145 -8.95 -13.08 -37.77
C ARG C 145 -10.45 -12.91 -37.61
N LEU C 146 -10.89 -12.20 -36.57
CA LEU C 146 -12.30 -12.07 -36.25
C LEU C 146 -12.94 -10.82 -36.87
N THR C 147 -12.15 -9.94 -37.50
CA THR C 147 -12.74 -8.79 -38.17
C THR C 147 -13.88 -9.20 -39.10
N SER C 148 -13.65 -10.24 -39.91
CA SER C 148 -14.56 -10.57 -41.00
C SER C 148 -15.76 -11.41 -40.56
N ALA C 149 -15.77 -11.93 -39.33
CA ALA C 149 -16.83 -12.84 -38.92
C ALA C 149 -18.18 -12.15 -38.78
N ILE C 150 -18.21 -10.81 -38.71
CA ILE C 150 -19.48 -10.10 -38.54
C ILE C 150 -20.32 -10.10 -39.79
N ALA C 151 -19.78 -10.58 -40.91
CA ALA C 151 -20.55 -10.62 -42.16
C ALA C 151 -21.90 -11.28 -41.94
N LYS C 152 -22.84 -10.96 -42.80
CA LYS C 152 -24.19 -11.51 -42.67
C LYS C 152 -24.17 -13.03 -42.78
N GLN C 153 -24.74 -13.69 -41.76
CA GLN C 153 -24.86 -15.13 -41.72
C GLN C 153 -26.32 -15.51 -41.48
N GLU C 154 -26.65 -16.74 -41.88
CA GLU C 154 -28.03 -17.22 -41.70
C GLU C 154 -28.37 -17.29 -40.22
N ASP C 155 -27.46 -17.77 -39.39
CA ASP C 155 -27.66 -17.89 -37.96
C ASP C 155 -27.05 -16.69 -37.25
N VAL C 156 -27.83 -16.06 -36.37
CA VAL C 156 -27.39 -14.87 -35.64
C VAL C 156 -26.94 -15.20 -34.23
N SER C 157 -26.88 -16.48 -33.87
CA SER C 157 -26.46 -16.85 -32.52
C SER C 157 -25.02 -16.43 -32.25
N VAL C 158 -24.14 -16.62 -33.24
CA VAL C 158 -22.73 -16.28 -33.05
C VAL C 158 -22.46 -14.80 -33.18
N GLN C 159 -23.38 -14.04 -33.79
CA GLN C 159 -23.15 -12.61 -34.00
C GLN C 159 -23.02 -11.88 -32.66
N LEU C 160 -23.93 -12.18 -31.72
CA LEU C 160 -23.88 -11.52 -30.42
C LEU C 160 -22.59 -11.86 -29.68
N GLU C 161 -22.19 -13.13 -29.70
CA GLU C 161 -20.96 -13.53 -29.03
C GLU C 161 -19.75 -12.84 -29.64
N ALA C 162 -19.68 -12.78 -30.97
CA ALA C 162 -18.57 -12.12 -31.63
C ALA C 162 -18.53 -10.64 -31.29
N LEU C 163 -19.68 -9.98 -31.31
CA LEU C 163 -19.72 -8.56 -30.96
C LEU C 163 -19.26 -8.35 -29.53
N ASP C 164 -19.73 -9.18 -28.60
CA ASP C 164 -19.36 -9.01 -27.19
C ASP C 164 -17.86 -9.22 -26.99
N ILE C 165 -17.31 -10.29 -27.57
CA ILE C 165 -15.89 -10.57 -27.34
C ILE C 165 -15.02 -9.49 -27.99
N MET C 166 -15.40 -9.03 -29.19
CA MET C 166 -14.63 -7.98 -29.84
C MET C 166 -14.70 -6.67 -29.05
N ALA C 167 -15.88 -6.34 -28.52
CA ALA C 167 -15.98 -5.17 -27.66
C ALA C 167 -15.10 -5.32 -26.43
N ASP C 168 -15.05 -6.52 -25.86
CA ASP C 168 -14.18 -6.76 -24.71
C ASP C 168 -12.72 -6.50 -25.06
N MET C 169 -12.26 -7.06 -26.17
CA MET C 169 -10.85 -6.84 -26.55
C MET C 169 -10.59 -5.36 -26.80
N LEU C 170 -11.50 -4.69 -27.51
CA LEU C 170 -11.27 -3.28 -27.84
C LEU C 170 -11.23 -2.42 -26.58
N SER C 171 -12.15 -2.67 -25.64
CA SER C 171 -12.18 -1.90 -24.41
C SER C 171 -10.93 -2.16 -23.57
N ARG C 172 -10.56 -3.44 -23.41
CA ARG C 172 -9.41 -3.76 -22.57
C ARG C 172 -8.11 -3.24 -23.18
N GLN C 173 -7.94 -3.42 -24.50
CA GLN C 173 -6.73 -2.98 -25.19
C GLN C 173 -7.16 -2.36 -26.52
N GLY C 174 -7.08 -1.03 -26.61
CA GLY C 174 -7.42 -0.32 -27.82
C GLY C 174 -6.21 0.24 -28.53
N GLY C 175 -5.11 0.41 -27.79
CA GLY C 175 -3.92 1.01 -28.39
C GLY C 175 -3.28 0.14 -29.46
N LEU C 176 -3.29 -1.18 -29.25
CA LEU C 176 -2.61 -2.09 -30.16
C LEU C 176 -3.34 -2.29 -31.48
N LEU C 177 -4.57 -1.81 -31.60
CA LEU C 177 -5.35 -1.94 -32.82
C LEU C 177 -5.08 -0.80 -33.82
N VAL C 178 -3.93 -0.15 -33.71
CA VAL C 178 -3.64 1.03 -34.54
C VAL C 178 -3.62 0.66 -36.02
N ASN C 179 -3.26 -0.58 -36.34
CA ASN C 179 -3.04 -0.94 -37.73
C ASN C 179 -4.35 -1.08 -38.50
N PHE C 180 -5.19 -2.03 -38.10
CA PHE C 180 -6.40 -2.36 -38.85
C PHE C 180 -7.64 -1.75 -38.19
N HIS C 181 -7.68 -0.42 -38.19
CA HIS C 181 -8.87 0.32 -37.75
C HIS C 181 -9.93 0.37 -38.84
N PRO C 182 -9.59 0.83 -40.05
CA PRO C 182 -10.63 0.96 -41.09
C PRO C 182 -11.31 -0.35 -41.43
N SER C 183 -10.59 -1.48 -41.36
CA SER C 183 -11.23 -2.76 -41.63
C SER C 183 -12.33 -3.05 -40.60
N ILE C 184 -12.04 -2.80 -39.33
CA ILE C 184 -13.05 -2.98 -38.28
C ILE C 184 -14.22 -2.02 -38.53
N LEU C 185 -13.91 -0.77 -38.88
CA LEU C 185 -14.97 0.18 -39.15
C LEU C 185 -15.90 -0.32 -40.25
N THR C 186 -15.31 -0.77 -41.36
CA THR C 186 -16.10 -1.17 -42.52
C THR C 186 -16.84 -2.48 -42.27
N CYS C 187 -16.31 -3.35 -41.41
CA CYS C 187 -17.01 -4.56 -41.05
C CYS C 187 -18.10 -4.32 -40.01
N LEU C 188 -18.03 -3.19 -39.28
CA LEU C 188 -18.98 -2.92 -38.22
C LEU C 188 -20.16 -2.07 -38.67
N LEU C 189 -19.97 -1.17 -39.64
CA LEU C 189 -21.12 -0.36 -40.09
C LEU C 189 -22.22 -1.19 -40.75
N PRO C 190 -21.94 -2.03 -41.75
CA PRO C 190 -23.03 -2.51 -42.62
C PRO C 190 -24.18 -3.19 -41.89
N GLN C 191 -23.89 -4.02 -40.88
CA GLN C 191 -24.93 -4.79 -40.20
C GLN C 191 -25.65 -4.00 -39.10
N LEU C 192 -25.51 -2.67 -39.09
CA LEU C 192 -26.19 -1.88 -38.06
C LEU C 192 -27.71 -2.03 -38.15
N THR C 193 -28.23 -2.31 -39.34
CA THR C 193 -29.67 -2.43 -39.56
C THR C 193 -30.14 -3.88 -39.55
N SER C 194 -29.50 -4.74 -38.77
CA SER C 194 -29.91 -6.13 -38.70
C SER C 194 -31.31 -6.24 -38.09
N PRO C 195 -32.11 -7.22 -38.52
CA PRO C 195 -33.47 -7.33 -37.97
C PRO C 195 -33.51 -7.53 -36.47
N ARG C 196 -32.54 -8.24 -35.91
CA ARG C 196 -32.53 -8.51 -34.48
C ARG C 196 -32.14 -7.24 -33.72
N LEU C 197 -32.88 -6.95 -32.64
CA LEU C 197 -32.61 -5.75 -31.86
C LEU C 197 -31.35 -5.90 -31.01
N ALA C 198 -31.09 -7.12 -30.51
CA ALA C 198 -29.90 -7.33 -29.70
C ALA C 198 -28.63 -7.05 -30.50
N VAL C 199 -28.59 -7.51 -31.75
CA VAL C 199 -27.44 -7.22 -32.61
C VAL C 199 -27.26 -5.72 -32.76
N ARG C 200 -28.36 -5.00 -32.97
CA ARG C 200 -28.28 -3.55 -33.14
C ARG C 200 -27.70 -2.90 -31.89
N LYS C 201 -28.21 -3.29 -30.71
CA LYS C 201 -27.75 -2.69 -29.46
C LYS C 201 -26.27 -2.98 -29.20
N ARG C 202 -25.85 -4.23 -29.44
CA ARG C 202 -24.44 -4.56 -29.30
C ARG C 202 -23.58 -3.77 -30.27
N THR C 203 -24.10 -3.53 -31.49
CA THR C 203 -23.37 -2.70 -32.43
C THR C 203 -23.26 -1.27 -31.95
N ILE C 204 -24.31 -0.73 -31.32
CA ILE C 204 -24.22 0.63 -30.78
C ILE C 204 -23.09 0.71 -29.76
N ILE C 205 -23.05 -0.25 -28.83
CA ILE C 205 -22.01 -0.19 -27.80
C ILE C 205 -20.62 -0.37 -28.42
N ALA C 206 -20.49 -1.30 -29.38
CA ALA C 206 -19.19 -1.50 -30.02
C ALA C 206 -18.74 -0.26 -30.77
N LEU C 207 -19.67 0.41 -31.47
CA LEU C 207 -19.33 1.63 -32.19
C LEU C 207 -18.93 2.73 -31.22
N GLY C 208 -19.63 2.85 -30.10
CA GLY C 208 -19.23 3.82 -29.09
C GLY C 208 -17.84 3.54 -28.57
N HIS C 209 -17.52 2.27 -28.32
CA HIS C 209 -16.19 1.90 -27.83
C HIS C 209 -15.12 2.26 -28.85
N LEU C 210 -15.35 1.92 -30.12
CA LEU C 210 -14.33 2.20 -31.13
C LEU C 210 -14.17 3.69 -31.37
N VAL C 211 -15.25 4.47 -31.26
CA VAL C 211 -15.11 5.92 -31.30
C VAL C 211 -14.29 6.40 -30.12
N MET C 212 -14.53 5.83 -28.93
CA MET C 212 -13.72 6.17 -27.77
C MET C 212 -12.25 5.83 -27.99
N SER C 213 -11.98 4.82 -28.81
CA SER C 213 -10.59 4.41 -29.03
C SER C 213 -9.75 5.56 -29.57
N CYS C 214 -10.29 6.31 -30.52
CA CYS C 214 -9.56 7.44 -31.09
C CYS C 214 -9.18 8.45 -30.02
N PHE C 219 -6.63 7.93 -35.17
CA PHE C 219 -6.87 8.41 -36.54
C PHE C 219 -8.11 9.30 -36.58
N VAL C 220 -7.92 10.58 -36.88
CA VAL C 220 -9.04 11.51 -36.93
C VAL C 220 -9.99 11.13 -38.05
N ASP C 221 -9.46 10.62 -39.17
CA ASP C 221 -10.29 10.26 -40.30
C ASP C 221 -11.38 9.27 -39.90
N LEU C 222 -11.08 8.40 -38.92
CA LEU C 222 -12.03 7.37 -38.53
C LEU C 222 -13.41 7.94 -38.22
N ILE C 223 -13.45 9.09 -37.53
CA ILE C 223 -14.73 9.64 -37.09
C ILE C 223 -15.55 10.15 -38.28
N GLU C 224 -14.88 10.81 -39.24
CA GLU C 224 -15.61 11.49 -40.31
C GLU C 224 -16.51 10.53 -41.08
N HIS C 225 -16.04 9.30 -41.32
CA HIS C 225 -16.87 8.32 -42.01
C HIS C 225 -18.19 8.16 -41.27
N LEU C 226 -18.12 7.69 -40.02
CA LEU C 226 -19.32 7.51 -39.21
C LEU C 226 -20.21 8.74 -39.24
N LEU C 227 -19.63 9.93 -39.04
CA LEU C 227 -20.44 11.14 -38.97
C LEU C 227 -21.22 11.36 -40.26
N SER C 228 -20.53 11.33 -41.39
CA SER C 228 -21.20 11.58 -42.67
C SER C 228 -22.21 10.48 -42.99
N GLU C 229 -21.86 9.23 -42.67
CA GLU C 229 -22.75 8.11 -42.97
C GLU C 229 -24.05 8.24 -42.19
N LEU C 230 -23.96 8.60 -40.91
CA LEU C 230 -25.17 8.76 -40.11
C LEU C 230 -25.94 10.01 -40.54
N SER C 231 -25.24 11.06 -40.94
CA SER C 231 -25.93 12.26 -41.41
C SER C 231 -26.75 11.96 -42.67
N LYS C 232 -26.17 11.19 -43.60
CA LYS C 232 -26.88 10.89 -44.85
C LYS C 232 -27.97 9.84 -44.65
N ASN C 233 -27.70 8.83 -43.82
CA ASN C 233 -28.65 7.72 -43.68
C ASN C 233 -29.91 8.12 -42.90
N ASP C 234 -29.84 9.19 -42.11
CA ASP C 234 -31.00 9.63 -41.35
C ASP C 234 -31.93 10.52 -42.16
N SER C 235 -31.59 10.81 -43.42
CA SER C 235 -32.44 11.67 -44.24
C SER C 235 -33.82 11.06 -44.43
N MET C 236 -33.89 9.75 -44.70
CA MET C 236 -35.16 9.05 -44.92
C MET C 236 -35.04 7.66 -44.30
N SER C 237 -35.57 7.51 -43.09
CA SER C 237 -35.59 6.22 -42.41
C SER C 237 -36.48 6.34 -41.18
N THR C 238 -37.25 5.29 -40.92
CA THR C 238 -38.14 5.25 -39.75
C THR C 238 -37.49 4.56 -38.56
N THR C 239 -36.23 4.16 -38.66
CA THR C 239 -35.55 3.47 -37.57
C THR C 239 -34.96 4.48 -36.59
N ARG C 240 -35.16 4.23 -35.30
CA ARG C 240 -34.73 5.16 -34.25
C ARG C 240 -33.30 4.90 -33.78
N THR C 241 -32.67 3.81 -34.22
CA THR C 241 -31.32 3.51 -33.76
C THR C 241 -30.28 4.47 -34.31
N TYR C 242 -30.56 5.11 -35.46
CA TYR C 242 -29.58 6.05 -36.01
C TYR C 242 -29.37 7.23 -35.08
N ILE C 243 -30.46 7.84 -34.60
CA ILE C 243 -30.33 8.95 -33.66
C ILE C 243 -29.74 8.46 -32.34
N GLN C 244 -30.07 7.24 -31.94
CA GLN C 244 -29.52 6.68 -30.71
C GLN C 244 -28.00 6.60 -30.79
N CYS C 245 -27.47 6.06 -31.88
CA CYS C 245 -26.02 5.96 -32.02
C CYS C 245 -25.38 7.33 -32.23
N ILE C 246 -26.08 8.25 -32.91
CA ILE C 246 -25.56 9.61 -33.04
C ILE C 246 -25.36 10.23 -31.67
N ALA C 247 -26.35 10.07 -30.78
CA ALA C 247 -26.20 10.56 -29.41
C ALA C 247 -25.09 9.82 -28.68
N ALA C 248 -25.00 8.50 -28.87
CA ALA C 248 -24.04 7.71 -28.12
C ALA C 248 -22.61 8.09 -28.46
N ILE C 249 -22.31 8.29 -29.74
CA ILE C 249 -20.93 8.55 -30.13
C ILE C 249 -20.41 9.85 -29.52
N SER C 250 -21.28 10.87 -29.40
CA SER C 250 -20.85 12.14 -28.83
C SER C 250 -20.45 12.01 -27.36
N ARG C 251 -20.93 10.98 -26.67
CA ARG C 251 -20.60 10.83 -25.26
C ARG C 251 -19.09 10.67 -25.07
N GLN C 252 -18.45 9.86 -25.91
CA GLN C 252 -17.02 9.62 -25.81
C GLN C 252 -16.17 10.62 -26.56
N ALA C 253 -16.73 11.26 -27.60
CA ALA C 253 -15.99 12.20 -28.43
C ALA C 253 -15.91 13.54 -27.71
N GLY C 254 -14.83 13.73 -26.97
CA GLY C 254 -14.61 14.97 -26.25
C GLY C 254 -14.04 16.07 -27.13
N HIS C 255 -14.84 17.09 -27.41
CA HIS C 255 -14.41 18.20 -28.26
C HIS C 255 -13.95 17.70 -29.63
N ARG C 256 -14.66 16.72 -30.17
CA ARG C 256 -14.34 16.15 -31.46
C ARG C 256 -15.53 16.08 -32.41
N ILE C 257 -16.71 16.52 -31.98
CA ILE C 257 -17.91 16.51 -32.81
C ILE C 257 -18.49 17.91 -32.94
N GLY C 258 -17.67 18.95 -32.73
CA GLY C 258 -18.17 20.31 -32.79
C GLY C 258 -18.74 20.67 -34.15
N GLU C 259 -18.06 20.27 -35.22
CA GLU C 259 -18.53 20.57 -36.57
C GLU C 259 -19.86 19.87 -36.86
N TYR C 260 -20.01 18.64 -36.37
CA TYR C 260 -21.23 17.88 -36.67
C TYR C 260 -22.47 18.58 -36.14
N LEU C 261 -22.34 19.31 -35.03
CA LEU C 261 -23.49 19.94 -34.40
C LEU C 261 -24.24 20.83 -35.37
N GLU C 262 -23.51 21.70 -36.08
CA GLU C 262 -24.16 22.67 -36.95
C GLU C 262 -25.08 22.00 -37.95
N LYS C 263 -24.75 20.78 -38.39
CA LYS C 263 -25.55 20.08 -39.38
C LYS C 263 -26.58 19.13 -38.75
N ILE C 264 -26.36 18.67 -37.52
CA ILE C 264 -27.28 17.68 -36.95
C ILE C 264 -28.38 18.34 -36.13
N ILE C 265 -28.13 19.47 -35.49
CA ILE C 265 -29.16 20.10 -34.65
C ILE C 265 -30.44 20.33 -35.44
N PRO C 266 -30.42 20.91 -36.64
CA PRO C 266 -31.67 21.04 -37.40
C PRO C 266 -32.36 19.70 -37.61
N LEU C 267 -31.60 18.65 -37.90
CA LEU C 267 -32.21 17.36 -38.18
C LEU C 267 -32.92 16.81 -36.94
N VAL C 268 -32.27 16.91 -35.78
CA VAL C 268 -32.88 16.40 -34.55
C VAL C 268 -34.10 17.22 -34.17
N VAL C 269 -34.02 18.54 -34.29
CA VAL C 269 -35.19 19.35 -33.94
C VAL C 269 -36.34 19.05 -34.90
N LYS C 270 -36.05 18.79 -36.17
CA LYS C 270 -37.10 18.42 -37.11
C LYS C 270 -37.70 17.07 -36.74
N PHE C 271 -36.86 16.09 -36.40
CA PHE C 271 -37.36 14.77 -36.05
C PHE C 271 -38.13 14.76 -34.74
N CYS C 272 -37.89 15.74 -33.86
CA CYS C 272 -38.59 15.78 -32.58
C CYS C 272 -40.11 15.76 -32.77
N ASN C 273 -40.61 16.39 -33.84
CA ASN C 273 -42.05 16.44 -34.07
C ASN C 273 -42.62 15.09 -34.49
N VAL C 274 -41.78 14.15 -34.93
CA VAL C 274 -42.27 12.84 -35.35
C VAL C 274 -42.92 12.14 -34.16
N ASP C 275 -44.10 11.57 -34.40
CA ASP C 275 -44.85 10.89 -33.34
C ASP C 275 -44.43 9.42 -33.21
N ASP C 276 -43.14 9.20 -33.02
CA ASP C 276 -42.63 7.86 -32.80
C ASP C 276 -43.06 7.36 -31.42
N ASP C 277 -42.93 6.05 -31.21
CA ASP C 277 -43.36 5.45 -29.96
C ASP C 277 -42.59 6.00 -28.77
N GLU C 278 -41.39 6.55 -28.98
CA GLU C 278 -40.60 7.15 -27.91
C GLU C 278 -39.82 8.33 -28.45
N LEU C 279 -39.89 9.46 -27.75
CA LEU C 279 -39.15 10.66 -28.10
C LEU C 279 -37.95 10.89 -27.19
N ARG C 280 -37.59 9.90 -26.38
CA ARG C 280 -36.52 10.08 -25.40
C ARG C 280 -35.18 10.33 -26.09
N GLU C 281 -34.93 9.64 -27.21
CA GLU C 281 -33.61 9.68 -27.82
C GLU C 281 -33.21 11.11 -28.21
N TYR C 282 -34.16 11.88 -28.74
CA TYR C 282 -33.84 13.26 -29.09
C TYR C 282 -33.48 14.06 -27.85
N CYS C 283 -34.20 13.84 -26.74
CA CYS C 283 -33.88 14.53 -25.49
C CYS C 283 -32.48 14.17 -25.01
N ILE C 284 -32.12 12.89 -25.08
CA ILE C 284 -30.77 12.48 -24.66
C ILE C 284 -29.72 13.11 -25.56
N GLN C 285 -29.98 13.13 -26.86
CA GLN C 285 -29.03 13.74 -27.78
C GLN C 285 -28.79 15.21 -27.43
N ALA C 286 -29.88 15.97 -27.28
CA ALA C 286 -29.75 17.38 -26.94
C ALA C 286 -29.06 17.56 -25.59
N PHE C 287 -29.44 16.75 -24.61
CA PHE C 287 -28.82 16.82 -23.29
C PHE C 287 -27.31 16.64 -23.37
N GLU C 288 -26.87 15.54 -23.99
CA GLU C 288 -25.45 15.24 -24.03
C GLU C 288 -24.68 16.27 -24.84
N SER C 289 -25.24 16.68 -25.99
CA SER C 289 -24.56 17.69 -26.80
C SER C 289 -24.45 19.01 -26.05
N PHE C 290 -25.46 19.36 -25.25
CA PHE C 290 -25.41 20.61 -24.51
C PHE C 290 -24.38 20.54 -23.38
N VAL C 291 -24.37 19.46 -22.61
CA VAL C 291 -23.44 19.38 -21.49
C VAL C 291 -22.00 19.28 -21.99
N ARG C 292 -21.75 18.42 -22.98
CA ARG C 292 -20.38 18.15 -23.40
C ARG C 292 -19.83 19.28 -24.28
N ARG C 293 -20.65 19.81 -25.19
CA ARG C 293 -20.20 20.86 -26.09
C ARG C 293 -20.45 22.23 -25.45
N CYS C 294 -19.38 23.01 -25.31
CA CYS C 294 -19.53 24.35 -24.74
C CYS C 294 -20.25 25.29 -25.69
N PRO C 295 -19.83 25.46 -26.94
CA PRO C 295 -20.52 26.40 -27.85
C PRO C 295 -21.76 25.80 -28.51
N LYS C 296 -22.79 25.55 -27.71
CA LYS C 296 -24.13 25.25 -28.21
C LYS C 296 -24.96 26.51 -28.01
N GLU C 297 -25.01 27.35 -29.04
CA GLU C 297 -25.50 28.72 -28.91
C GLU C 297 -26.96 28.85 -29.37
N VAL C 298 -27.76 27.80 -29.19
CA VAL C 298 -29.20 27.88 -29.38
C VAL C 298 -29.84 27.29 -28.12
N TYR C 299 -30.07 28.15 -27.13
CA TYR C 299 -30.73 27.75 -25.88
C TYR C 299 -32.25 27.74 -26.02
N PRO C 300 -32.86 28.81 -26.53
CA PRO C 300 -34.32 28.94 -26.42
C PRO C 300 -35.11 27.79 -27.02
N HIS C 301 -34.71 27.29 -28.19
CA HIS C 301 -35.52 26.27 -28.87
C HIS C 301 -35.56 24.98 -28.06
N VAL C 302 -34.40 24.47 -27.66
CA VAL C 302 -34.35 23.23 -26.90
C VAL C 302 -35.15 23.36 -25.61
N SER C 303 -34.94 24.46 -24.88
CA SER C 303 -35.64 24.64 -23.61
C SER C 303 -37.14 24.71 -23.83
N THR C 304 -37.58 25.45 -24.85
CA THR C 304 -39.02 25.56 -25.11
C THR C 304 -39.63 24.20 -25.40
N ILE C 305 -38.97 23.39 -26.24
CA ILE C 305 -39.50 22.06 -26.52
C ILE C 305 -39.47 21.20 -25.26
N ILE C 306 -38.49 21.39 -24.37
CA ILE C 306 -38.52 20.69 -23.08
C ILE C 306 -39.80 21.04 -22.35
N ASN C 307 -40.15 22.33 -22.29
CA ASN C 307 -41.38 22.72 -21.60
C ASN C 307 -42.61 22.11 -22.25
N ILE C 308 -42.66 22.09 -23.59
CA ILE C 308 -43.83 21.53 -24.25
C ILE C 308 -43.98 20.05 -23.90
N CYS C 309 -42.88 19.29 -23.94
CA CYS C 309 -42.94 17.84 -23.75
C CYS C 309 -42.87 17.44 -22.28
N LEU C 310 -42.72 18.39 -21.35
CA LEU C 310 -42.58 18.03 -19.94
C LEU C 310 -43.88 17.45 -19.39
N LYS C 311 -45.02 18.08 -19.72
CA LYS C 311 -46.31 17.68 -19.17
C LYS C 311 -47.09 16.79 -20.11
N TYR C 312 -46.40 15.94 -20.88
CA TYR C 312 -47.06 15.03 -21.83
C TYR C 312 -47.52 13.78 -21.09
N LEU C 313 -48.59 13.95 -20.30
CA LEU C 313 -49.16 12.81 -19.59
C LEU C 313 -49.71 11.77 -20.56
N THR C 314 -50.36 12.22 -21.63
CA THR C 314 -50.93 11.33 -22.64
C THR C 314 -51.99 10.47 -21.96
N TYR C 315 -51.98 9.15 -22.12
CA TYR C 315 -52.98 8.29 -21.49
C TYR C 315 -52.83 8.32 -19.97
N TYR C 347 -51.29 -5.60 -12.74
CA TYR C 347 -52.38 -5.83 -13.68
C TYR C 347 -51.86 -6.49 -14.95
N SER C 348 -52.79 -6.89 -15.82
CA SER C 348 -52.46 -7.53 -17.08
C SER C 348 -52.59 -6.60 -18.27
N ASP C 349 -52.66 -5.29 -18.03
CA ASP C 349 -52.80 -4.32 -19.11
C ASP C 349 -51.52 -4.29 -19.95
N ASP C 350 -51.55 -3.45 -20.98
CA ASP C 350 -50.42 -3.33 -21.89
C ASP C 350 -49.32 -2.47 -21.26
N ASP C 351 -48.22 -2.32 -21.98
CA ASP C 351 -47.08 -1.55 -21.50
C ASP C 351 -47.36 -0.06 -21.61
N ASP C 352 -46.54 0.73 -20.90
CA ASP C 352 -46.66 2.19 -20.90
C ASP C 352 -45.28 2.77 -20.63
N MET C 353 -44.62 3.26 -21.68
CA MET C 353 -43.30 3.85 -21.57
C MET C 353 -43.31 5.36 -21.78
N SER C 354 -44.48 5.99 -21.77
CA SER C 354 -44.55 7.42 -22.01
C SER C 354 -43.78 8.20 -20.95
N TRP C 355 -43.98 7.83 -19.67
CA TRP C 355 -43.38 8.53 -18.55
C TRP C 355 -41.91 8.87 -18.81
N LYS C 356 -41.20 7.96 -19.50
CA LYS C 356 -39.80 8.17 -19.82
C LYS C 356 -39.54 9.59 -20.29
N VAL C 357 -40.22 10.01 -21.36
CA VAL C 357 -39.94 11.33 -21.93
C VAL C 357 -39.96 12.38 -20.82
N ARG C 358 -41.00 12.35 -19.98
CA ARG C 358 -41.11 13.30 -18.89
C ARG C 358 -39.80 13.38 -18.12
N ARG C 359 -39.38 12.25 -17.52
CA ARG C 359 -38.18 12.28 -16.71
C ARG C 359 -37.00 12.78 -17.53
N ALA C 360 -36.88 12.33 -18.78
CA ALA C 360 -35.78 12.82 -19.63
C ALA C 360 -35.80 14.34 -19.66
N ALA C 361 -36.95 14.92 -19.99
CA ALA C 361 -37.06 16.37 -20.01
C ALA C 361 -36.54 16.96 -18.70
N ALA C 362 -37.03 16.44 -17.58
CA ALA C 362 -36.60 16.97 -16.29
C ALA C 362 -35.08 17.01 -16.22
N LYS C 363 -34.44 15.88 -16.52
CA LYS C 363 -32.98 15.82 -16.42
C LYS C 363 -32.35 16.91 -17.25
N CYS C 364 -32.79 17.06 -18.51
CA CYS C 364 -32.16 18.06 -19.36
C CYS C 364 -32.36 19.45 -18.79
N LEU C 365 -33.55 19.74 -18.26
CA LEU C 365 -33.74 21.02 -17.59
C LEU C 365 -32.69 21.20 -16.51
N ASP C 366 -32.50 20.18 -15.66
CA ASP C 366 -31.48 20.27 -14.64
C ASP C 366 -30.16 20.73 -15.26
N ALA C 367 -29.75 20.08 -16.34
CA ALA C 367 -28.47 20.39 -16.96
C ALA C 367 -28.34 21.89 -17.21
N VAL C 368 -29.35 22.48 -17.86
CA VAL C 368 -29.21 23.89 -18.20
C VAL C 368 -29.08 24.72 -16.93
N VAL C 369 -29.94 24.45 -15.94
CA VAL C 369 -29.91 25.23 -14.71
C VAL C 369 -28.66 24.96 -13.89
N SER C 370 -27.84 23.98 -14.31
CA SER C 370 -26.57 23.72 -13.67
C SER C 370 -25.37 24.17 -14.51
N THR C 371 -25.59 24.52 -15.78
CA THR C 371 -24.50 24.92 -16.66
C THR C 371 -24.34 26.43 -16.73
N ARG C 372 -25.38 27.13 -17.14
CA ARG C 372 -25.29 28.57 -17.33
C ARG C 372 -25.12 29.27 -15.98
N HIS C 373 -24.20 30.24 -15.95
CA HIS C 373 -23.99 31.07 -14.77
C HIS C 373 -24.21 32.54 -15.03
N GLU C 374 -24.63 32.91 -16.24
CA GLU C 374 -24.90 34.31 -16.60
C GLU C 374 -26.33 34.52 -17.05
N MET C 375 -27.21 33.54 -16.88
CA MET C 375 -28.60 33.62 -17.30
C MET C 375 -29.53 33.43 -16.10
N LEU C 376 -29.15 33.99 -14.96
CA LEU C 376 -29.95 33.92 -13.75
C LEU C 376 -31.06 34.98 -13.73
N PRO C 377 -30.79 36.24 -14.13
CA PRO C 377 -31.77 37.32 -13.89
C PRO C 377 -33.20 36.97 -14.28
N GLU C 378 -33.45 36.61 -15.53
CA GLU C 378 -34.80 36.42 -16.03
C GLU C 378 -35.22 34.96 -16.11
N PHE C 379 -34.38 34.02 -15.64
CA PHE C 379 -34.76 32.62 -15.69
C PHE C 379 -36.00 32.35 -14.84
N TYR C 380 -36.06 32.96 -13.65
CA TYR C 380 -37.23 32.77 -12.80
C TYR C 380 -38.48 33.34 -13.45
N LYS C 381 -38.35 34.50 -14.11
CA LYS C 381 -39.49 35.09 -14.79
C LYS C 381 -40.01 34.21 -15.93
N THR C 382 -39.17 33.35 -16.48
CA THR C 382 -39.60 32.47 -17.54
C THR C 382 -40.67 31.49 -17.02
N VAL C 383 -41.25 30.74 -17.96
CA VAL C 383 -42.32 29.79 -17.62
C VAL C 383 -41.79 28.52 -16.98
N SER C 384 -40.47 28.38 -16.81
CA SER C 384 -39.92 27.14 -16.28
C SER C 384 -40.36 26.87 -14.85
N PRO C 385 -40.05 27.73 -13.87
CA PRO C 385 -40.44 27.41 -12.49
C PRO C 385 -41.94 27.22 -12.31
N ALA C 386 -42.74 28.00 -13.03
CA ALA C 386 -44.19 27.84 -12.95
C ALA C 386 -44.61 26.45 -13.41
N LEU C 387 -44.03 25.98 -14.51
CA LEU C 387 -44.35 24.63 -14.98
C LEU C 387 -43.86 23.57 -13.99
N ILE C 388 -42.68 23.76 -13.42
CA ILE C 388 -42.14 22.77 -12.49
C ILE C 388 -43.03 22.66 -11.26
N SER C 389 -43.47 23.79 -10.72
CA SER C 389 -44.27 23.78 -9.51
C SER C 389 -45.77 23.62 -9.77
N ARG C 390 -46.19 23.63 -11.03
CA ARG C 390 -47.62 23.52 -11.33
C ARG C 390 -48.17 22.16 -10.91
N PHE C 391 -47.43 21.09 -11.20
CA PHE C 391 -47.89 19.73 -10.88
C PHE C 391 -46.67 18.89 -10.55
N LYS C 392 -46.38 18.76 -9.25
CA LYS C 392 -45.29 17.93 -8.77
C LYS C 392 -45.75 16.52 -8.42
N GLU C 393 -47.01 16.18 -8.65
CA GLU C 393 -47.57 14.88 -8.31
C GLU C 393 -47.90 14.14 -9.61
N ARG C 394 -46.89 13.42 -10.13
CA ARG C 394 -47.05 12.61 -11.32
C ARG C 394 -46.92 11.12 -11.01
N GLU C 395 -45.79 10.72 -10.41
CA GLU C 395 -45.56 9.34 -10.01
C GLU C 395 -44.24 9.31 -9.25
N GLU C 396 -43.85 8.12 -8.78
CA GLU C 396 -42.73 8.01 -7.87
C GLU C 396 -41.43 8.50 -8.51
N ASN C 397 -41.12 8.02 -9.71
CA ASN C 397 -39.79 8.27 -10.28
C ASN C 397 -39.65 9.72 -10.74
N VAL C 398 -40.65 10.26 -11.43
CA VAL C 398 -40.53 11.61 -12.00
C VAL C 398 -40.31 12.65 -10.90
N LYS C 399 -40.86 12.40 -9.71
CA LYS C 399 -40.75 13.38 -8.63
C LYS C 399 -39.30 13.60 -8.24
N ALA C 400 -38.51 12.52 -8.17
CA ALA C 400 -37.11 12.67 -7.76
C ALA C 400 -36.35 13.57 -8.73
N ASP C 401 -36.51 13.34 -10.03
CA ASP C 401 -35.76 14.13 -11.01
C ASP C 401 -36.24 15.57 -11.05
N VAL C 402 -37.56 15.81 -10.94
CA VAL C 402 -38.02 17.20 -10.94
C VAL C 402 -37.52 17.93 -9.70
N PHE C 403 -37.55 17.27 -8.55
CA PHE C 403 -37.01 17.88 -7.33
C PHE C 403 -35.53 18.16 -7.48
N HIS C 404 -34.79 17.24 -8.11
CA HIS C 404 -33.36 17.46 -8.32
C HIS C 404 -33.11 18.66 -9.23
N ALA C 405 -33.92 18.80 -10.28
CA ALA C 405 -33.77 19.96 -11.17
C ALA C 405 -34.03 21.26 -10.41
N TYR C 406 -35.09 21.29 -9.60
CA TYR C 406 -35.38 22.50 -8.82
C TYR C 406 -34.26 22.78 -7.83
N LEU C 407 -33.72 21.73 -7.20
CA LEU C 407 -32.61 21.90 -6.28
C LEU C 407 -31.38 22.45 -6.99
N SER C 408 -31.11 21.97 -8.20
CA SER C 408 -29.97 22.49 -8.96
C SER C 408 -30.15 23.96 -9.28
N LEU C 409 -31.36 24.36 -9.67
CA LEU C 409 -31.61 25.77 -9.92
C LEU C 409 -31.40 26.59 -8.65
N LEU C 410 -31.91 26.12 -7.52
CA LEU C 410 -31.73 26.84 -6.27
C LEU C 410 -30.27 26.95 -5.90
N LYS C 411 -29.50 25.88 -6.09
CA LYS C 411 -28.07 25.92 -5.80
C LYS C 411 -27.36 26.92 -6.70
N GLN C 412 -27.71 26.94 -7.99
CA GLN C 412 -27.13 27.92 -8.89
C GLN C 412 -27.52 29.35 -8.51
N THR C 413 -28.64 29.52 -7.82
CA THR C 413 -29.05 30.86 -7.41
C THR C 413 -28.01 31.49 -6.48
N ARG C 414 -27.49 30.71 -5.53
CA ARG C 414 -26.60 31.27 -4.53
C ARG C 414 -25.33 31.81 -5.19
N PRO C 415 -24.94 33.07 -4.91
CA PRO C 415 -23.71 33.58 -5.52
C PRO C 415 -22.46 32.82 -5.11
N VAL C 416 -22.40 32.33 -3.87
CA VAL C 416 -21.24 31.62 -3.37
C VAL C 416 -21.65 30.26 -2.83
N GLU C 430 -33.46 44.62 -11.36
CA GLU C 430 -34.18 43.83 -10.37
C GLU C 430 -33.40 42.58 -9.99
N THR C 431 -33.12 42.43 -8.70
CA THR C 431 -32.39 41.27 -8.24
C THR C 431 -33.22 40.00 -8.46
N PRO C 432 -32.62 38.91 -8.94
CA PRO C 432 -33.42 37.71 -9.21
C PRO C 432 -34.11 37.15 -7.97
N LEU C 433 -33.48 37.26 -6.80
CA LEU C 433 -34.03 36.63 -5.59
C LEU C 433 -35.47 37.07 -5.35
N THR C 434 -35.78 38.34 -5.63
CA THR C 434 -37.13 38.83 -5.41
C THR C 434 -38.17 37.94 -6.07
N MET C 435 -37.91 37.51 -7.31
CA MET C 435 -38.84 36.61 -7.98
C MET C 435 -39.09 35.38 -7.13
N LEU C 436 -38.02 34.71 -6.70
CA LEU C 436 -38.18 33.56 -5.83
C LEU C 436 -38.90 33.95 -4.55
N GLN C 437 -38.57 35.12 -3.99
CA GLN C 437 -39.24 35.59 -2.80
C GLN C 437 -40.74 35.71 -3.03
N SER C 438 -41.14 36.09 -4.25
CA SER C 438 -42.56 36.17 -4.57
C SER C 438 -43.18 34.81 -4.83
N GLN C 439 -42.37 33.81 -5.19
CA GLN C 439 -42.87 32.49 -5.53
C GLN C 439 -42.80 31.51 -4.36
N VAL C 440 -42.30 31.93 -3.20
CA VAL C 440 -42.23 31.03 -2.06
C VAL C 440 -43.59 30.48 -1.65
N PRO C 441 -44.69 31.26 -1.68
CA PRO C 441 -45.95 30.71 -1.16
C PRO C 441 -46.42 29.50 -1.96
N ASN C 442 -46.55 29.66 -3.27
CA ASN C 442 -47.12 28.59 -4.10
C ASN C 442 -46.38 27.29 -3.88
N ILE C 443 -45.05 27.30 -4.02
CA ILE C 443 -44.28 26.08 -3.84
C ILE C 443 -44.54 25.50 -2.45
N VAL C 444 -44.54 26.36 -1.43
CA VAL C 444 -44.83 25.89 -0.08
C VAL C 444 -46.17 25.19 -0.05
N LYS C 445 -47.19 25.81 -0.65
CA LYS C 445 -48.49 25.17 -0.75
C LYS C 445 -48.36 23.82 -1.43
N ALA C 446 -47.69 23.79 -2.59
CA ALA C 446 -47.52 22.53 -3.31
C ALA C 446 -46.79 21.51 -2.46
N LEU C 447 -45.92 21.96 -1.56
CA LEU C 447 -45.19 21.04 -0.69
C LEU C 447 -46.09 20.50 0.43
N HIS C 448 -47.01 21.32 0.93
CA HIS C 448 -47.73 20.97 2.15
C HIS C 448 -48.43 19.62 2.02
N LYS C 449 -48.88 19.27 0.82
CA LYS C 449 -49.60 18.01 0.63
C LYS C 449 -48.66 16.83 0.63
N GLN C 450 -47.48 16.97 0.03
CA GLN C 450 -46.60 15.82 -0.17
C GLN C 450 -46.14 15.20 1.14
N MET C 451 -46.27 15.91 2.26
CA MET C 451 -45.92 15.34 3.56
C MET C 451 -46.78 14.12 3.89
N LYS C 452 -47.97 14.01 3.30
CA LYS C 452 -48.84 12.87 3.57
C LYS C 452 -48.50 11.65 2.73
N GLU C 453 -47.58 11.77 1.76
CA GLU C 453 -47.21 10.64 0.94
C GLU C 453 -46.52 9.58 1.78
N LYS C 454 -46.85 8.31 1.51
CA LYS C 454 -46.26 7.21 2.27
C LYS C 454 -44.79 6.98 1.90
N SER C 455 -44.37 7.39 0.72
CA SER C 455 -42.98 7.21 0.31
C SER C 455 -42.05 8.07 1.17
N VAL C 456 -40.85 7.54 1.42
CA VAL C 456 -39.86 8.23 2.23
C VAL C 456 -39.01 9.17 1.38
N LYS C 457 -38.69 8.75 0.15
CA LYS C 457 -37.86 9.58 -0.72
C LYS C 457 -38.51 10.93 -0.98
N THR C 458 -39.84 10.97 -1.09
CA THR C 458 -40.53 12.23 -1.32
C THR C 458 -40.31 13.19 -0.15
N ARG C 459 -40.46 12.69 1.08
CA ARG C 459 -40.22 13.52 2.25
C ARG C 459 -38.76 13.96 2.31
N GLN C 460 -37.83 13.05 1.98
CA GLN C 460 -36.42 13.41 1.99
C GLN C 460 -36.14 14.55 1.02
N CYS C 461 -36.66 14.45 -0.20
CA CYS C 461 -36.45 15.49 -1.19
C CYS C 461 -37.09 16.80 -0.76
N CYS C 462 -38.29 16.74 -0.19
CA CYS C 462 -38.95 17.96 0.28
C CYS C 462 -38.14 18.63 1.37
N PHE C 463 -37.63 17.87 2.33
CA PHE C 463 -36.82 18.45 3.39
C PHE C 463 -35.52 19.02 2.85
N ASN C 464 -34.89 18.34 1.89
CA ASN C 464 -33.68 18.87 1.28
C ASN C 464 -33.96 20.20 0.59
N MET C 465 -35.06 20.27 -0.16
CA MET C 465 -35.43 21.52 -0.81
C MET C 465 -35.68 22.61 0.21
N LEU C 466 -36.36 22.28 1.31
CA LEU C 466 -36.66 23.28 2.32
C LEU C 466 -35.39 23.82 2.95
N THR C 467 -34.45 22.94 3.31
CA THR C 467 -33.20 23.41 3.91
C THR C 467 -32.40 24.24 2.91
N GLU C 468 -32.37 23.83 1.64
CA GLU C 468 -31.64 24.61 0.64
C GLU C 468 -32.27 26.00 0.49
N LEU C 469 -33.60 26.07 0.46
CA LEU C 469 -34.26 27.37 0.33
C LEU C 469 -33.99 28.25 1.55
N VAL C 470 -33.99 27.65 2.75
CA VAL C 470 -33.71 28.43 3.95
C VAL C 470 -32.27 28.93 3.92
N ASN C 471 -31.35 28.12 3.40
CA ASN C 471 -29.94 28.50 3.41
C ASN C 471 -29.64 29.58 2.38
N VAL C 472 -30.21 29.47 1.19
CA VAL C 472 -29.82 30.37 0.10
C VAL C 472 -30.10 31.82 0.46
N LEU C 473 -31.28 32.10 1.03
CA LEU C 473 -31.63 33.44 1.47
C LEU C 473 -32.18 33.38 2.89
N PRO C 474 -31.64 34.16 3.82
CA PRO C 474 -32.12 34.07 5.21
C PRO C 474 -33.56 34.54 5.35
N GLY C 475 -34.25 33.95 6.31
CA GLY C 475 -35.58 34.41 6.70
C GLY C 475 -36.59 34.42 5.58
N ALA C 476 -36.56 33.41 4.71
CA ALA C 476 -37.55 33.34 3.63
C ALA C 476 -38.92 32.91 4.16
N LEU C 477 -38.94 31.89 5.02
CA LEU C 477 -40.19 31.33 5.53
C LEU C 477 -40.51 31.91 6.91
N THR C 478 -40.89 33.19 6.90
CA THR C 478 -41.21 33.92 8.12
C THR C 478 -42.71 33.98 8.41
N GLN C 479 -43.54 33.39 7.56
CA GLN C 479 -44.99 33.48 7.72
C GLN C 479 -45.69 32.13 7.71
N HIS C 480 -45.21 31.18 6.90
CA HIS C 480 -45.87 29.90 6.73
C HIS C 480 -45.39 28.84 7.71
N ILE C 481 -44.81 29.25 8.84
CA ILE C 481 -44.36 28.29 9.84
C ILE C 481 -45.52 27.49 10.41
N PRO C 482 -46.67 28.08 10.74
CA PRO C 482 -47.77 27.27 11.30
C PRO C 482 -48.21 26.14 10.40
N VAL C 483 -48.18 26.32 9.08
CA VAL C 483 -48.60 25.27 8.15
C VAL C 483 -47.49 24.28 7.84
N LEU C 484 -46.24 24.60 8.17
CA LEU C 484 -45.10 23.74 7.90
C LEU C 484 -44.68 22.90 9.08
N VAL C 485 -44.80 23.42 10.30
CA VAL C 485 -44.44 22.64 11.49
C VAL C 485 -45.20 21.33 11.56
N PRO C 486 -46.50 21.28 11.25
CA PRO C 486 -47.21 19.99 11.31
C PRO C 486 -46.54 18.88 10.52
N GLY C 487 -46.02 19.19 9.34
CA GLY C 487 -45.33 18.16 8.56
C GLY C 487 -44.09 17.64 9.26
N ILE C 488 -43.29 18.54 9.83
CA ILE C 488 -42.08 18.13 10.53
C ILE C 488 -42.42 17.27 11.73
N ILE C 489 -43.42 17.67 12.52
CA ILE C 489 -43.76 16.90 13.70
C ILE C 489 -44.33 15.53 13.30
N PHE C 490 -45.11 15.48 12.21
CA PHE C 490 -45.60 14.20 11.73
C PHE C 490 -44.43 13.30 11.32
N SER C 491 -43.47 13.86 10.58
CA SER C 491 -42.33 13.06 10.15
C SER C 491 -41.55 12.53 11.34
N LEU C 492 -41.33 13.37 12.36
CA LEU C 492 -40.58 12.93 13.53
C LEU C 492 -41.34 11.88 14.32
N ASN C 493 -42.66 12.04 14.44
CA ASN C 493 -43.44 11.21 15.37
C ASN C 493 -43.47 9.75 14.94
N ASP C 494 -43.82 9.48 13.69
CA ASP C 494 -44.12 8.13 13.23
C ASP C 494 -43.09 7.65 12.22
N LYS C 495 -43.13 6.34 11.97
CA LYS C 495 -42.25 5.68 11.00
C LYS C 495 -40.78 5.99 11.31
N SER C 496 -40.34 5.53 12.47
CA SER C 496 -38.96 5.75 12.92
C SER C 496 -37.99 4.73 12.31
N SER C 497 -38.48 3.77 11.54
CA SER C 497 -37.57 2.80 10.92
C SER C 497 -36.59 3.47 9.97
N SER C 498 -37.08 4.43 9.18
CA SER C 498 -36.25 5.13 8.22
C SER C 498 -35.38 6.14 8.97
N SER C 499 -34.11 5.79 9.16
CA SER C 499 -33.19 6.68 9.87
C SER C 499 -32.87 7.92 9.03
N ASN C 500 -32.74 7.74 7.71
CA ASN C 500 -32.43 8.87 6.84
C ASN C 500 -33.51 9.94 6.93
N LEU C 501 -34.78 9.52 6.94
CA LEU C 501 -35.86 10.49 7.05
C LEU C 501 -35.75 11.29 8.34
N LYS C 502 -35.50 10.61 9.46
CA LYS C 502 -35.43 11.31 10.74
C LYS C 502 -34.25 12.26 10.79
N ILE C 503 -33.08 11.82 10.33
CA ILE C 503 -31.90 12.69 10.37
C ILE C 503 -32.12 13.92 9.49
N ASP C 504 -32.67 13.71 8.28
CA ASP C 504 -32.91 14.84 7.39
C ASP C 504 -33.95 15.80 7.97
N ALA C 505 -35.01 15.25 8.60
CA ALA C 505 -36.02 16.11 9.19
C ALA C 505 -35.44 16.93 10.34
N LEU C 506 -34.60 16.31 11.18
CA LEU C 506 -33.98 17.04 12.28
C LEU C 506 -33.05 18.13 11.74
N SER C 507 -32.30 17.83 10.68
CA SER C 507 -31.43 18.84 10.08
C SER C 507 -32.26 19.99 9.52
N CYS C 508 -33.38 19.68 8.86
CA CYS C 508 -34.25 20.74 8.33
C CYS C 508 -34.80 21.60 9.46
N LEU C 509 -35.23 20.97 10.56
CA LEU C 509 -35.73 21.73 11.70
C LEU C 509 -34.64 22.64 12.26
N TYR C 510 -33.43 22.12 12.40
CA TYR C 510 -32.34 22.92 12.94
C TYR C 510 -32.04 24.12 12.04
N VAL C 511 -31.99 23.90 10.73
CA VAL C 511 -31.65 24.99 9.82
C VAL C 511 -32.76 26.04 9.79
N ILE C 512 -34.03 25.60 9.81
CA ILE C 512 -35.11 26.58 9.79
C ILE C 512 -35.14 27.35 11.10
N LEU C 513 -34.76 26.73 12.22
CA LEU C 513 -34.70 27.43 13.49
C LEU C 513 -33.43 28.25 13.65
N CYS C 514 -32.43 28.06 12.78
CA CYS C 514 -31.16 28.74 12.96
C CYS C 514 -31.28 30.25 12.79
N ASN C 515 -31.91 30.71 11.71
CA ASN C 515 -31.95 32.13 11.36
C ASN C 515 -33.41 32.57 11.14
N HIS C 516 -34.07 32.93 12.24
CA HIS C 516 -35.40 33.50 12.19
C HIS C 516 -35.63 34.30 13.47
N SER C 517 -36.59 35.22 13.40
CA SER C 517 -36.88 36.05 14.56
C SER C 517 -37.45 35.17 15.68
N PRO C 518 -37.07 35.43 16.93
CA PRO C 518 -37.53 34.55 18.03
C PRO C 518 -39.03 34.55 18.22
N GLN C 519 -39.76 35.55 17.72
CA GLN C 519 -41.17 35.72 18.01
C GLN C 519 -42.07 35.01 17.01
N VAL C 520 -41.59 33.93 16.38
CA VAL C 520 -42.39 33.16 15.42
C VAL C 520 -42.69 31.76 15.93
N PHE C 521 -41.73 31.13 16.61
CA PHE C 521 -41.89 29.75 17.08
C PHE C 521 -42.56 29.66 18.44
N HIS C 522 -42.83 30.79 19.11
CA HIS C 522 -43.39 30.75 20.46
C HIS C 522 -44.65 29.92 20.54
N PRO C 523 -45.75 30.27 19.87
CA PRO C 523 -47.00 29.53 20.04
C PRO C 523 -46.95 28.08 19.58
N HIS C 524 -45.85 27.65 18.97
CA HIS C 524 -45.68 26.26 18.57
C HIS C 524 -44.75 25.47 19.48
N VAL C 525 -44.06 26.13 20.41
CA VAL C 525 -43.11 25.43 21.26
C VAL C 525 -43.80 24.27 21.97
N GLN C 526 -45.00 24.51 22.52
CA GLN C 526 -45.69 23.49 23.28
C GLN C 526 -45.87 22.21 22.47
N ALA C 527 -45.96 22.32 21.14
CA ALA C 527 -46.13 21.15 20.30
C ALA C 527 -44.81 20.56 19.83
N LEU C 528 -43.73 21.34 19.81
CA LEU C 528 -42.48 20.86 19.23
C LEU C 528 -41.59 20.18 20.27
N VAL C 529 -41.61 20.66 21.52
CA VAL C 529 -40.68 20.13 22.52
C VAL C 529 -40.88 18.63 22.75
N PRO C 530 -42.09 18.12 22.98
CA PRO C 530 -42.23 16.69 23.32
C PRO C 530 -41.52 15.81 22.32
N PRO C 531 -41.88 15.87 21.02
CA PRO C 531 -41.23 14.99 20.04
C PRO C 531 -39.71 14.96 20.22
N VAL C 532 -39.10 16.14 20.18
CA VAL C 532 -37.64 16.22 20.27
C VAL C 532 -37.15 15.55 21.55
N VAL C 533 -37.76 15.88 22.69
CA VAL C 533 -37.28 15.31 23.94
C VAL C 533 -37.53 13.81 23.97
N ALA C 534 -38.57 13.34 23.25
CA ALA C 534 -38.78 11.91 23.12
C ALA C 534 -37.81 11.28 22.14
N CYS C 535 -37.35 12.05 21.15
CA CYS C 535 -36.44 11.54 20.13
C CYS C 535 -34.98 11.59 20.53
N VAL C 536 -34.64 12.32 21.60
CA VAL C 536 -33.24 12.38 22.04
C VAL C 536 -32.78 11.01 22.52
N GLY C 537 -33.67 10.26 23.16
CA GLY C 537 -33.34 8.96 23.70
C GLY C 537 -33.38 7.81 22.71
N ASP C 538 -33.48 8.11 21.42
CA ASP C 538 -33.52 7.04 20.42
C ASP C 538 -32.21 6.26 20.47
N PRO C 539 -32.26 4.92 20.41
CA PRO C 539 -31.00 4.16 20.48
C PRO C 539 -30.01 4.53 19.40
N PHE C 540 -30.49 4.84 18.20
CA PHE C 540 -29.60 5.23 17.11
C PHE C 540 -28.86 6.51 17.48
N TYR C 541 -27.53 6.50 17.35
CA TYR C 541 -26.74 7.60 17.89
C TYR C 541 -26.79 8.85 17.02
N LYS C 542 -26.91 8.71 15.69
CA LYS C 542 -27.04 9.89 14.85
C LYS C 542 -28.32 10.66 15.14
N ILE C 543 -29.38 9.96 15.54
CA ILE C 543 -30.63 10.63 15.87
C ILE C 543 -30.39 11.63 17.01
N THR C 544 -29.71 11.19 18.07
CA THR C 544 -29.37 12.10 19.16
C THR C 544 -28.36 13.15 18.69
N SER C 545 -27.40 12.74 17.87
CA SER C 545 -26.37 13.64 17.37
C SER C 545 -26.93 14.75 16.49
N GLU C 546 -28.18 14.62 16.05
CA GLU C 546 -28.87 15.73 15.41
C GLU C 546 -29.93 16.37 16.29
N ALA C 547 -30.50 15.64 17.25
CA ALA C 547 -31.57 16.18 18.08
C ALA C 547 -31.04 17.10 19.17
N LEU C 548 -29.83 16.86 19.68
CA LEU C 548 -29.32 17.72 20.76
C LEU C 548 -29.07 19.13 20.27
N LEU C 549 -28.64 19.30 19.02
CA LEU C 549 -28.46 20.66 18.48
C LEU C 549 -29.78 21.39 18.36
N VAL C 550 -30.83 20.68 17.92
CA VAL C 550 -32.16 21.27 17.88
C VAL C 550 -32.61 21.65 19.28
N THR C 551 -32.31 20.81 20.27
CA THR C 551 -32.65 21.13 21.66
C THR C 551 -31.93 22.37 22.13
N GLN C 552 -30.64 22.50 21.79
CA GLN C 552 -29.89 23.70 22.17
C GLN C 552 -30.48 24.94 21.53
N GLN C 553 -30.82 24.86 20.24
CA GLN C 553 -31.42 26.00 19.56
C GLN C 553 -32.77 26.35 20.18
N LEU C 554 -33.56 25.34 20.55
CA LEU C 554 -34.86 25.58 21.15
C LEU C 554 -34.71 26.29 22.50
N VAL C 555 -33.84 25.76 23.36
CA VAL C 555 -33.64 26.39 24.66
C VAL C 555 -33.08 27.80 24.48
N LYS C 556 -32.36 28.04 23.38
CA LYS C 556 -31.88 29.38 23.09
C LYS C 556 -32.99 30.29 22.58
N VAL C 557 -34.02 29.74 21.94
CA VAL C 557 -35.05 30.55 21.29
C VAL C 557 -36.24 30.75 22.22
N ILE C 558 -36.07 30.45 23.50
CA ILE C 558 -37.13 30.60 24.49
C ILE C 558 -36.98 31.89 25.28
N ARG C 559 -35.76 32.20 25.74
CA ARG C 559 -35.49 33.40 26.54
C ARG C 559 -34.28 34.12 25.96
N PRO C 560 -34.43 34.75 24.80
CA PRO C 560 -33.34 35.58 24.27
C PRO C 560 -33.00 36.71 25.23
N LEU C 561 -31.70 36.99 25.36
CA LEU C 561 -31.26 38.02 26.27
C LEU C 561 -31.49 39.42 25.72
N ASP C 562 -31.39 39.60 24.40
CA ASP C 562 -31.51 40.92 23.81
C ASP C 562 -32.91 41.49 24.03
N GLN C 563 -33.94 40.67 23.90
CA GLN C 563 -35.33 41.11 23.98
C GLN C 563 -36.07 40.32 25.05
N PRO C 564 -37.14 40.89 25.62
CA PRO C 564 -37.90 40.16 26.64
C PRO C 564 -38.89 39.18 26.03
N SER C 565 -38.96 38.00 26.63
CA SER C 565 -39.84 36.94 26.17
C SER C 565 -41.04 36.86 27.10
N SER C 566 -42.24 37.09 26.55
CA SER C 566 -43.45 37.00 27.36
C SER C 566 -43.70 35.58 27.83
N PHE C 567 -43.47 34.60 26.96
CA PHE C 567 -43.73 33.21 27.32
C PHE C 567 -42.86 32.78 28.49
N ASP C 568 -43.49 32.09 29.45
CA ASP C 568 -42.76 31.58 30.61
C ASP C 568 -41.98 30.32 30.21
N ALA C 569 -40.71 30.27 30.61
CA ALA C 569 -39.84 29.16 30.26
C ALA C 569 -39.78 28.08 31.34
N THR C 570 -40.38 28.32 32.50
CA THR C 570 -40.29 27.34 33.59
C THR C 570 -40.92 26.00 33.22
N PRO C 571 -42.11 25.94 32.62
CA PRO C 571 -42.77 24.63 32.46
C PRO C 571 -41.97 23.63 31.64
N TYR C 572 -41.23 24.07 30.63
CA TYR C 572 -40.61 23.16 29.68
C TYR C 572 -39.12 22.95 29.92
N ILE C 573 -38.50 23.74 30.78
CA ILE C 573 -37.06 23.60 31.00
C ILE C 573 -36.73 22.27 31.69
N LYS C 574 -37.66 21.75 32.50
CA LYS C 574 -37.38 20.51 33.22
C LYS C 574 -37.17 19.35 32.26
N ASP C 575 -38.00 19.25 31.22
CA ASP C 575 -37.85 18.16 30.26
C ASP C 575 -36.50 18.23 29.56
N LEU C 576 -36.11 19.41 29.08
CA LEU C 576 -34.82 19.54 28.41
C LEU C 576 -33.67 19.24 29.36
N PHE C 577 -33.73 19.77 30.58
CA PHE C 577 -32.65 19.54 31.53
C PHE C 577 -32.47 18.05 31.78
N THR C 578 -33.57 17.33 32.05
CA THR C 578 -33.46 15.91 32.33
C THR C 578 -32.99 15.14 31.08
N CYS C 579 -33.52 15.50 29.91
CA CYS C 579 -33.16 14.76 28.70
C CYS C 579 -31.67 14.88 28.39
N THR C 580 -31.11 16.09 28.54
CA THR C 580 -29.67 16.24 28.29
C THR C 580 -28.82 15.66 29.41
N ILE C 581 -29.24 15.83 30.67
CA ILE C 581 -28.41 15.32 31.76
C ILE C 581 -28.35 13.79 31.74
N LYS C 582 -29.45 13.14 31.36
CA LYS C 582 -29.44 11.68 31.30
C LYS C 582 -28.40 11.18 30.30
N ARG C 583 -28.32 11.81 29.14
CA ARG C 583 -27.34 11.44 28.13
C ARG C 583 -25.93 11.92 28.46
N LEU C 584 -25.80 12.94 29.32
CA LEU C 584 -24.49 13.50 29.59
C LEU C 584 -23.58 12.49 30.26
N LYS C 585 -24.09 11.73 31.23
CA LYS C 585 -23.29 10.80 32.01
C LYS C 585 -23.57 9.38 31.53
N ALA C 586 -22.56 8.76 30.91
CA ALA C 586 -22.64 7.38 30.43
C ALA C 586 -21.29 7.03 29.83
N ALA C 587 -21.11 5.73 29.55
CA ALA C 587 -19.86 5.22 29.03
C ALA C 587 -19.95 4.63 27.63
N ASP C 588 -21.14 4.26 27.16
CA ASP C 588 -21.32 3.68 25.84
C ASP C 588 -21.61 4.72 24.77
N ILE C 589 -21.57 6.01 25.12
CA ILE C 589 -21.93 7.05 24.18
C ILE C 589 -20.74 7.40 23.29
N ASP C 590 -21.04 7.95 22.11
CA ASP C 590 -20.01 8.32 21.15
C ASP C 590 -19.35 9.63 21.55
N GLN C 591 -18.21 9.91 20.90
CA GLN C 591 -17.43 11.11 21.22
C GLN C 591 -18.17 12.37 20.79
N GLU C 592 -18.67 12.39 19.56
CA GLU C 592 -19.39 13.56 19.08
C GLU C 592 -20.64 13.82 19.91
N VAL C 593 -21.34 12.77 20.29
CA VAL C 593 -22.54 12.93 21.12
C VAL C 593 -22.17 13.56 22.46
N LYS C 594 -21.08 13.09 23.08
CA LYS C 594 -20.64 13.67 24.34
C LYS C 594 -20.26 15.13 24.18
N GLU C 595 -19.52 15.46 23.11
CA GLU C 595 -19.12 16.84 22.86
C GLU C 595 -20.35 17.74 22.76
N ARG C 596 -21.31 17.34 21.93
CA ARG C 596 -22.50 18.16 21.73
C ARG C 596 -23.36 18.21 22.99
N ALA C 597 -23.39 17.12 23.77
CA ALA C 597 -24.15 17.14 25.01
C ALA C 597 -23.57 18.12 26.01
N ILE C 598 -22.25 18.14 26.16
CA ILE C 598 -21.63 19.09 27.08
C ILE C 598 -21.85 20.52 26.57
N SER C 599 -21.75 20.71 25.25
CA SER C 599 -22.01 22.04 24.69
C SER C 599 -23.43 22.51 25.01
N CYS C 600 -24.41 21.64 24.80
CA CYS C 600 -25.80 22.00 25.06
C CYS C 600 -26.05 22.25 26.53
N MET C 601 -25.45 21.43 27.41
CA MET C 601 -25.60 21.64 28.84
C MET C 601 -25.03 23.00 29.25
N GLY C 602 -23.85 23.33 28.75
CA GLY C 602 -23.28 24.64 29.03
C GLY C 602 -24.16 25.77 28.53
N GLN C 603 -24.70 25.62 27.32
CA GLN C 603 -25.56 26.65 26.75
C GLN C 603 -26.79 26.87 27.61
N ILE C 604 -27.46 25.78 28.00
CA ILE C 604 -28.69 25.93 28.81
C ILE C 604 -28.35 26.52 30.17
N ILE C 605 -27.25 26.07 30.78
CA ILE C 605 -26.88 26.60 32.09
C ILE C 605 -26.62 28.08 32.01
N CYS C 606 -25.90 28.53 30.97
CA CYS C 606 -25.65 29.95 30.82
C CYS C 606 -26.94 30.72 30.56
N ASN C 607 -27.83 30.16 29.75
CA ASN C 607 -29.02 30.89 29.34
C ASN C 607 -30.00 31.03 30.50
N LEU C 608 -30.50 29.91 31.03
CA LEU C 608 -31.54 29.94 32.05
C LEU C 608 -31.20 28.96 33.17
N GLY C 609 -29.96 29.01 33.64
CA GLY C 609 -29.56 28.19 34.77
C GLY C 609 -30.00 28.70 36.12
N ASP C 610 -30.53 29.93 36.19
CA ASP C 610 -30.95 30.50 37.46
C ASP C 610 -32.08 29.67 38.07
N ASN C 611 -33.08 29.30 37.27
CA ASN C 611 -34.18 28.50 37.77
C ASN C 611 -33.70 27.12 38.20
N LEU C 612 -32.79 26.53 37.45
CA LEU C 612 -32.27 25.20 37.76
C LEU C 612 -31.09 25.29 38.73
N GLY C 613 -31.31 25.96 39.86
CA GLY C 613 -30.28 26.10 40.87
C GLY C 613 -30.25 24.95 41.84
N SER C 614 -31.34 24.19 41.91
CA SER C 614 -31.41 23.06 42.84
C SER C 614 -30.37 22.00 42.49
N ASP C 615 -30.23 21.69 41.20
CA ASP C 615 -29.33 20.65 40.74
C ASP C 615 -27.99 21.20 40.23
N LEU C 616 -27.78 22.51 40.29
CA LEU C 616 -26.58 23.11 39.73
C LEU C 616 -25.28 22.50 40.25
N PRO C 617 -25.10 22.28 41.56
CA PRO C 617 -23.80 21.79 42.03
C PRO C 617 -23.40 20.45 41.42
N ASN C 618 -24.35 19.54 41.20
CA ASN C 618 -23.99 18.25 40.63
C ASN C 618 -23.59 18.39 39.16
N THR C 619 -24.26 19.28 38.42
CA THR C 619 -23.84 19.55 37.04
C THR C 619 -22.45 20.14 37.02
N LEU C 620 -22.14 21.06 37.93
CA LEU C 620 -20.81 21.65 37.98
C LEU C 620 -19.76 20.60 38.33
N GLN C 621 -20.08 19.69 39.25
CA GLN C 621 -19.16 18.62 39.59
C GLN C 621 -18.92 17.71 38.38
N ILE C 622 -19.98 17.39 37.63
CA ILE C 622 -19.82 16.57 36.44
C ILE C 622 -18.95 17.28 35.42
N PHE C 623 -19.14 18.60 35.27
CA PHE C 623 -18.28 19.37 34.37
C PHE C 623 -16.82 19.30 34.80
N LEU C 624 -16.56 19.46 36.10
CA LEU C 624 -15.19 19.38 36.59
C LEU C 624 -14.59 18.01 36.33
N GLU C 625 -15.39 16.95 36.55
CA GLU C 625 -14.90 15.60 36.29
C GLU C 625 -14.58 15.40 34.82
N ARG C 626 -15.46 15.89 33.93
CA ARG C 626 -15.25 15.73 32.50
C ARG C 626 -14.07 16.56 32.01
N LEU C 627 -13.75 17.65 32.71
CA LEU C 627 -12.62 18.48 32.31
C LEU C 627 -11.33 17.68 32.24
N LYS C 628 -11.21 16.64 33.08
CA LYS C 628 -9.96 15.88 33.13
C LYS C 628 -9.70 15.15 31.82
N ASN C 629 -10.73 14.61 31.19
CA ASN C 629 -10.55 13.80 29.99
C ASN C 629 -9.85 14.61 28.90
N GLU C 630 -8.84 13.99 28.29
CA GLU C 630 -8.08 14.66 27.23
C GLU C 630 -8.94 14.83 25.98
N ILE C 631 -9.75 13.83 25.65
CA ILE C 631 -10.51 13.87 24.39
C ILE C 631 -11.49 15.03 24.41
N THR C 632 -12.09 15.31 25.56
CA THR C 632 -13.06 16.40 25.70
C THR C 632 -12.45 17.47 26.61
N ARG C 633 -11.70 18.38 26.01
CA ARG C 633 -11.20 19.57 26.69
C ARG C 633 -11.77 20.85 26.10
N LEU C 634 -11.78 20.98 24.76
CA LEU C 634 -12.18 22.26 24.13
C LEU C 634 -13.65 22.59 24.39
N THR C 635 -14.53 21.59 24.33
CA THR C 635 -15.94 21.85 24.55
C THR C 635 -16.22 22.35 25.96
N THR C 636 -15.59 21.73 26.96
CA THR C 636 -15.84 22.16 28.34
C THR C 636 -15.28 23.56 28.58
N VAL C 637 -14.11 23.87 28.01
CA VAL C 637 -13.55 25.20 28.15
C VAL C 637 -14.46 26.23 27.49
N LYS C 638 -14.96 25.92 26.29
CA LYS C 638 -15.87 26.83 25.61
C LYS C 638 -17.15 27.03 26.40
N ALA C 639 -17.67 25.95 27.00
CA ALA C 639 -18.88 26.08 27.81
C ALA C 639 -18.65 26.94 29.04
N LEU C 640 -17.52 26.73 29.73
CA LEU C 640 -17.22 27.53 30.91
C LEU C 640 -17.05 29.00 30.54
N THR C 641 -16.37 29.28 29.42
CA THR C 641 -16.24 30.67 28.97
C THR C 641 -17.59 31.25 28.61
N LEU C 642 -18.45 30.46 27.97
CA LEU C 642 -19.75 30.94 27.53
C LEU C 642 -20.67 31.28 28.69
N ILE C 643 -20.36 30.81 29.90
CA ILE C 643 -21.22 31.06 31.06
C ILE C 643 -20.77 32.39 31.63
N ALA C 644 -21.25 33.47 31.00
CA ALA C 644 -20.99 34.84 31.46
C ALA C 644 -22.20 35.73 31.25
N GLY C 645 -23.40 35.16 31.22
CA GLY C 645 -24.57 35.92 30.86
C GLY C 645 -24.94 36.94 31.92
N SER C 646 -25.77 37.90 31.51
CA SER C 646 -26.24 38.92 32.44
C SER C 646 -26.92 38.32 33.67
N PRO C 647 -27.65 37.19 33.60
CA PRO C 647 -28.11 36.54 34.83
C PRO C 647 -26.94 35.85 35.51
N LEU C 648 -26.18 36.59 36.31
CA LEU C 648 -24.91 36.12 36.84
C LEU C 648 -25.00 34.69 37.32
N LYS C 649 -24.22 33.81 36.69
CA LYS C 649 -24.22 32.38 37.02
C LYS C 649 -23.30 32.16 38.20
N ILE C 650 -23.87 31.96 39.38
CA ILE C 650 -23.10 31.80 40.61
C ILE C 650 -22.64 30.34 40.67
N ASP C 651 -21.34 30.13 40.43
CA ASP C 651 -20.69 28.85 40.68
C ASP C 651 -19.81 29.06 41.91
N LEU C 652 -20.20 28.45 43.03
CA LEU C 652 -19.59 28.75 44.32
C LEU C 652 -18.07 28.84 44.18
N ARG C 653 -17.51 29.87 44.81
CA ARG C 653 -16.11 30.22 44.55
C ARG C 653 -15.15 29.06 44.82
N PRO C 654 -15.27 28.31 45.92
CA PRO C 654 -14.38 27.16 46.09
C PRO C 654 -14.54 26.11 44.99
N VAL C 655 -15.76 25.98 44.45
CA VAL C 655 -16.03 24.93 43.47
C VAL C 655 -15.24 25.17 42.19
N LEU C 656 -15.17 26.43 41.74
CA LEU C 656 -14.26 26.77 40.66
C LEU C 656 -12.82 26.87 41.14
N GLY C 657 -12.62 27.05 42.44
CA GLY C 657 -11.27 27.17 42.96
C GLY C 657 -10.48 25.88 42.83
N GLU C 658 -11.09 24.75 43.16
CA GLU C 658 -10.33 23.50 43.04
C GLU C 658 -10.03 23.16 41.58
N GLY C 659 -10.82 23.69 40.64
CA GLY C 659 -10.62 23.40 39.23
C GLY C 659 -9.69 24.39 38.55
N VAL C 660 -9.53 25.58 39.13
CA VAL C 660 -8.62 26.56 38.54
C VAL C 660 -7.21 26.02 38.39
N PRO C 661 -6.62 25.35 39.39
CA PRO C 661 -5.29 24.75 39.17
C PRO C 661 -5.27 23.77 38.01
N ILE C 662 -6.33 23.00 37.83
CA ILE C 662 -6.40 22.08 36.68
C ILE C 662 -6.45 22.89 35.39
N LEU C 663 -7.26 23.95 35.36
CA LEU C 663 -7.40 24.74 34.13
C LEU C 663 -6.07 25.39 33.76
N ALA C 664 -5.33 25.89 34.76
CA ALA C 664 -4.07 26.59 34.49
C ALA C 664 -2.96 25.64 34.02
N SER C 665 -3.12 24.33 34.23
CA SER C 665 -2.07 23.38 33.89
C SER C 665 -2.03 23.04 32.41
N PHE C 666 -2.96 23.57 31.61
CA PHE C 666 -3.05 23.19 30.21
C PHE C 666 -1.95 23.84 29.39
N LEU C 667 -1.23 23.02 28.62
CA LEU C 667 -0.23 23.48 27.66
C LEU C 667 -0.30 22.68 26.37
N ARG C 668 -1.50 22.27 25.96
CA ARG C 668 -1.68 21.23 24.95
C ARG C 668 -1.63 21.83 23.54
N LYS C 669 -0.40 22.11 23.09
CA LYS C 669 -0.10 22.31 21.67
C LYS C 669 -1.10 23.23 20.97
N ASN C 670 -1.07 24.49 21.40
CA ASN C 670 -1.74 25.58 20.66
C ASN C 670 -3.26 25.47 20.73
N GLN C 671 -3.78 25.18 21.93
CA GLN C 671 -5.21 25.25 22.20
C GLN C 671 -5.39 26.34 23.26
N ARG C 672 -5.53 27.58 22.79
CA ARG C 672 -5.48 28.75 23.66
C ARG C 672 -6.83 29.46 23.75
N ALA C 673 -7.91 28.67 23.81
CA ALA C 673 -9.13 29.17 24.43
C ALA C 673 -8.99 29.19 25.95
N LEU C 674 -7.84 28.78 26.48
CA LEU C 674 -7.64 28.69 27.91
C LEU C 674 -7.73 30.06 28.56
N LYS C 675 -6.83 30.97 28.16
CA LYS C 675 -6.78 32.31 28.74
C LYS C 675 -7.92 33.20 28.26
N LEU C 676 -8.67 32.79 27.24
CA LEU C 676 -9.86 33.51 26.84
C LEU C 676 -11.06 33.18 27.73
N GLY C 677 -10.95 32.18 28.60
CA GLY C 677 -12.04 31.81 29.49
C GLY C 677 -11.71 32.03 30.95
N THR C 678 -10.43 31.88 31.31
CA THR C 678 -10.01 32.12 32.69
C THR C 678 -10.31 33.55 33.10
N LEU C 679 -10.00 34.50 32.22
CA LEU C 679 -10.23 35.91 32.52
C LEU C 679 -11.71 36.21 32.67
N SER C 680 -12.55 35.65 31.80
CA SER C 680 -13.98 35.84 31.95
C SER C 680 -14.48 35.25 33.26
N ALA C 681 -14.00 34.06 33.62
CA ALA C 681 -14.43 33.41 34.85
C ALA C 681 -14.05 34.25 36.07
N LEU C 682 -12.83 34.78 36.09
CA LEU C 682 -12.39 35.60 37.22
C LEU C 682 -12.92 37.03 37.16
N ASP C 683 -13.49 37.45 36.04
CA ASP C 683 -14.08 38.77 35.90
C ASP C 683 -15.54 38.77 36.36
N ILE C 684 -16.36 37.89 35.79
CA ILE C 684 -17.77 37.83 36.20
C ILE C 684 -17.87 37.49 37.67
N LEU C 685 -17.07 36.53 38.14
CA LEU C 685 -16.99 36.17 39.56
C LEU C 685 -15.62 36.60 40.05
N ILE C 686 -15.59 37.70 40.81
CA ILE C 686 -14.33 38.30 41.25
C ILE C 686 -14.40 38.53 42.76
N LYS C 687 -15.39 37.92 43.42
CA LYS C 687 -15.54 38.10 44.85
C LYS C 687 -14.25 37.77 45.59
N ASN C 688 -13.65 36.62 45.28
CA ASN C 688 -12.31 36.29 45.74
C ASN C 688 -11.52 35.73 44.56
N TYR C 689 -10.39 36.37 44.26
CA TYR C 689 -9.49 35.89 43.22
C TYR C 689 -8.03 35.97 43.61
N SER C 690 -7.68 36.66 44.69
CA SER C 690 -6.29 36.83 45.10
C SER C 690 -5.82 35.73 46.04
N ASP C 691 -6.66 34.77 46.37
CA ASP C 691 -6.25 33.64 47.21
C ASP C 691 -5.31 32.76 46.37
N SER C 692 -4.00 32.94 46.58
CA SER C 692 -3.02 32.29 45.72
C SER C 692 -3.14 30.77 45.79
N LEU C 693 -3.48 30.23 46.97
CA LEU C 693 -3.54 28.79 47.12
C LEU C 693 -4.60 28.18 46.21
N THR C 694 -5.74 28.85 46.07
CA THR C 694 -6.86 28.34 45.28
C THR C 694 -7.32 29.34 44.22
N ALA C 695 -6.38 30.11 43.66
CA ALA C 695 -6.70 31.04 42.59
C ALA C 695 -5.41 31.42 41.87
N ALA C 696 -5.49 32.42 41.01
CA ALA C 696 -4.39 32.83 40.15
C ALA C 696 -3.48 33.80 40.90
N MET C 697 -2.59 34.47 40.16
CA MET C 697 -1.59 35.44 40.60
C MET C 697 -0.35 34.76 41.19
N ILE C 698 -0.38 33.47 41.47
CA ILE C 698 0.84 32.72 41.80
C ILE C 698 0.92 31.49 40.92
N ASP C 699 -0.15 30.68 40.92
CA ASP C 699 -0.15 29.44 40.15
C ASP C 699 -0.21 29.71 38.66
N ALA C 700 -1.25 30.41 38.21
CA ALA C 700 -1.40 30.68 36.79
C ALA C 700 -0.24 31.52 36.25
N VAL C 701 0.32 32.40 37.09
CA VAL C 701 1.40 33.27 36.64
C VAL C 701 2.66 32.45 36.31
N LEU C 702 2.90 31.38 37.08
CA LEU C 702 4.12 30.61 36.89
C LEU C 702 4.20 30.03 35.48
N ASP C 703 3.06 29.75 34.85
CA ASP C 703 3.02 29.19 33.50
C ASP C 703 2.85 30.25 32.42
N GLU C 704 3.25 31.49 32.70
CA GLU C 704 3.05 32.60 31.77
C GLU C 704 4.32 32.95 30.99
N LEU C 705 5.40 32.19 31.14
CA LEU C 705 6.63 32.54 30.45
C LEU C 705 6.57 32.15 28.97
N PRO C 706 6.33 30.89 28.61
CA PRO C 706 6.23 30.53 27.17
C PRO C 706 5.12 31.30 26.47
N PRO C 707 4.00 31.58 27.16
CA PRO C 707 2.86 32.24 26.48
C PRO C 707 3.02 33.74 26.24
N LEU C 708 4.23 34.28 26.27
CA LEU C 708 4.46 35.67 25.87
C LEU C 708 5.69 35.77 24.95
N ILE C 709 5.74 34.94 23.92
CA ILE C 709 6.91 34.89 23.05
C ILE C 709 6.59 35.10 21.56
N SER C 710 5.34 34.99 21.10
CA SER C 710 5.02 35.03 19.69
C SER C 710 3.73 35.81 19.47
N GLU C 711 3.82 36.93 18.76
CA GLU C 711 2.77 37.95 18.71
C GLU C 711 1.34 37.40 18.74
N SER C 712 1.07 36.34 17.97
CA SER C 712 -0.32 35.92 17.77
C SER C 712 -1.00 35.58 19.08
N ASP C 713 -0.38 34.70 19.89
CA ASP C 713 -0.99 34.28 21.14
C ASP C 713 -0.80 35.31 22.25
N MET C 714 0.31 36.05 22.20
CA MET C 714 0.58 37.04 23.24
C MET C 714 -0.28 38.28 23.11
N HIS C 715 -0.87 38.55 21.94
CA HIS C 715 -1.85 39.62 21.85
C HIS C 715 -2.97 39.41 22.85
N VAL C 716 -3.33 38.15 23.11
CA VAL C 716 -4.34 37.86 24.12
C VAL C 716 -3.70 37.56 25.48
N SER C 717 -2.48 37.03 25.49
CA SER C 717 -1.83 36.72 26.77
C SER C 717 -1.58 38.00 27.59
N GLN C 718 -1.12 39.06 26.94
CA GLN C 718 -0.74 40.27 27.68
C GLN C 718 -1.95 40.92 28.36
N MET C 719 -3.09 40.96 27.66
CA MET C 719 -4.27 41.58 28.27
C MET C 719 -4.77 40.78 29.46
N ALA C 720 -4.32 39.54 29.64
CA ALA C 720 -4.59 38.81 30.88
C ALA C 720 -3.97 39.52 32.08
N ILE C 721 -2.66 39.81 31.99
CA ILE C 721 -2.00 40.55 33.06
C ILE C 721 -2.57 41.96 33.15
N SER C 722 -2.93 42.54 32.01
CA SER C 722 -3.54 43.87 32.03
C SER C 722 -4.80 43.88 32.90
N PHE C 723 -5.68 42.91 32.68
CA PHE C 723 -6.89 42.83 33.49
C PHE C 723 -6.57 42.49 34.95
N LEU C 724 -5.61 41.59 35.17
CA LEU C 724 -5.26 41.22 36.54
C LEU C 724 -4.80 42.42 37.34
N THR C 725 -4.07 43.34 36.69
CA THR C 725 -3.55 44.50 37.40
C THR C 725 -4.67 45.37 37.96
N THR C 726 -5.73 45.58 37.17
CA THR C 726 -6.76 46.54 37.56
C THR C 726 -7.51 46.07 38.80
N LEU C 727 -7.96 44.81 38.80
CA LEU C 727 -8.81 44.30 39.87
C LEU C 727 -8.03 43.67 41.01
N ALA C 728 -6.71 43.69 40.97
CA ALA C 728 -5.87 43.13 42.03
C ALA C 728 -6.07 41.62 42.14
N ILE C 738 -2.55 44.33 46.51
CA ILE C 738 -1.98 43.03 46.19
C ILE C 738 -1.97 42.82 44.67
N SER C 739 -2.07 43.91 43.93
CA SER C 739 -2.09 43.86 42.47
C SER C 739 -0.68 43.63 41.94
N GLY C 740 -0.49 42.51 41.25
CA GLY C 740 0.81 42.21 40.66
C GLY C 740 1.91 42.14 41.70
N SER C 741 1.67 41.42 42.79
CA SER C 741 2.65 41.37 43.87
C SER C 741 3.98 40.79 43.40
N ILE C 742 3.92 39.70 42.65
CA ILE C 742 5.12 39.01 42.18
C ILE C 742 4.97 38.84 40.67
N LEU C 743 5.46 39.83 39.90
CA LEU C 743 5.51 39.72 38.44
C LEU C 743 6.82 40.24 37.88
N ASN C 744 7.88 40.30 38.70
CA ASN C 744 9.13 40.89 38.23
C ASN C 744 9.67 40.14 37.02
N GLU C 745 9.68 38.82 37.07
CA GLU C 745 10.16 38.03 35.93
C GLU C 745 9.28 38.27 34.71
N LEU C 746 7.96 38.32 34.90
CA LEU C 746 7.06 38.53 33.78
C LEU C 746 7.28 39.89 33.13
N ILE C 747 7.42 40.94 33.94
CA ILE C 747 7.67 42.27 33.39
C ILE C 747 9.02 42.31 32.68
N GLY C 748 10.05 41.70 33.28
CA GLY C 748 11.35 41.69 32.64
C GLY C 748 11.33 40.99 31.30
N LEU C 749 10.66 39.85 31.22
CA LEU C 749 10.59 39.11 29.96
C LEU C 749 9.75 39.87 28.93
N VAL C 750 8.68 40.52 29.38
CA VAL C 750 7.81 41.26 28.45
C VAL C 750 8.58 42.36 27.75
N ARG C 751 9.60 42.92 28.41
CA ARG C 751 10.40 43.96 27.80
C ARG C 751 11.02 43.47 26.50
N SER C 752 10.93 44.29 25.46
CA SER C 752 11.47 43.94 24.14
C SER C 752 10.69 42.78 23.54
N LEU C 760 9.91 43.56 13.79
CA LEU C 760 9.68 42.31 14.52
C LEU C 760 8.22 42.20 14.93
N SER C 761 7.81 43.00 15.90
CA SER C 761 6.41 43.06 16.32
C SER C 761 5.64 43.96 15.36
N ALA C 762 4.69 43.38 14.62
CA ALA C 762 3.98 44.11 13.59
C ALA C 762 3.29 45.34 14.14
N MET C 763 2.32 45.14 15.03
CA MET C 763 1.64 46.25 15.68
C MET C 763 1.30 46.02 17.14
N LEU C 764 1.35 44.78 17.63
CA LEU C 764 0.89 44.47 18.98
C LEU C 764 1.44 45.46 20.00
N ASP C 765 0.54 46.21 20.62
CA ASP C 765 0.89 47.20 21.62
C ASP C 765 0.14 46.91 22.90
N PHE C 766 0.84 47.05 24.03
CA PHE C 766 0.27 46.80 25.35
C PHE C 766 0.26 48.07 26.19
N PHE C 767 0.20 49.23 25.52
CA PHE C 767 0.22 50.50 26.25
C PHE C 767 -1.00 50.63 27.16
N GLN C 768 -2.17 50.23 26.66
CA GLN C 768 -3.36 50.25 27.50
C GLN C 768 -3.23 49.30 28.68
N ALA C 769 -2.36 48.28 28.56
CA ALA C 769 -2.14 47.33 29.63
C ALA C 769 -1.15 47.82 30.68
N LEU C 770 -0.41 48.90 30.41
CA LEU C 770 0.56 49.43 31.35
C LEU C 770 -0.12 50.31 32.39
N VAL C 771 -1.01 49.69 33.17
CA VAL C 771 -1.73 50.37 34.24
C VAL C 771 -1.15 50.04 35.61
N VAL C 772 -0.04 49.28 35.65
CA VAL C 772 0.57 48.94 36.93
C VAL C 772 1.05 50.19 37.66
N THR C 773 1.41 51.23 36.92
CA THR C 773 1.87 52.46 37.55
C THR C 773 0.77 53.10 38.40
N GLY C 774 -0.47 53.09 37.90
CA GLY C 774 -1.56 53.69 38.64
C GLY C 774 -1.89 52.94 39.92
N THR C 775 -1.95 51.61 39.85
CA THR C 775 -2.33 50.83 41.02
C THR C 775 -1.20 50.78 42.05
N ASN C 776 0.04 50.70 41.59
CA ASN C 776 1.18 50.60 42.49
C ASN C 776 1.85 51.95 42.69
N TYR C 780 6.37 56.86 38.72
CA TYR C 780 7.07 56.08 37.71
C TYR C 780 7.62 54.79 38.31
N MET C 781 6.75 53.79 38.48
CA MET C 781 7.20 52.51 39.01
C MET C 781 8.21 51.86 38.07
N ASP C 782 7.91 51.87 36.77
CA ASP C 782 8.82 51.37 35.75
C ASP C 782 9.49 52.57 35.09
N LEU C 783 10.52 53.09 35.76
CA LEU C 783 11.19 54.30 35.30
C LEU C 783 12.24 54.00 34.24
N LEU C 784 13.26 53.22 34.59
CA LEU C 784 14.38 52.98 33.71
C LEU C 784 14.10 51.95 32.63
N ARG C 785 13.02 51.17 32.75
CA ARG C 785 12.77 50.11 31.78
C ARG C 785 12.60 50.68 30.38
N MET C 786 12.05 51.89 30.27
CA MET C 786 11.88 52.55 28.98
C MET C 786 12.99 53.54 28.65
N LEU C 787 13.75 53.99 29.66
CA LEU C 787 14.84 54.93 29.46
C LEU C 787 16.20 54.23 29.36
N THR C 788 16.22 52.94 29.03
CA THR C 788 17.47 52.22 28.89
C THR C 788 18.20 52.55 27.59
N GLY C 789 17.57 53.31 26.70
CA GLY C 789 18.14 53.62 25.41
C GLY C 789 19.56 54.14 25.45
N PRO C 790 19.75 55.33 26.04
CA PRO C 790 21.07 55.99 25.93
C PRO C 790 22.22 55.13 26.45
N VAL C 791 22.02 54.40 27.54
CA VAL C 791 23.11 53.59 28.08
C VAL C 791 23.30 52.34 27.22
N TYR C 792 22.21 51.68 26.82
CA TYR C 792 22.27 50.43 26.06
C TYR C 792 21.61 50.67 24.70
N SER C 793 22.42 50.58 23.64
CA SER C 793 21.92 50.78 22.29
C SER C 793 22.42 49.75 21.28
N GLN C 794 23.39 48.91 21.64
CA GLN C 794 23.94 47.96 20.68
C GLN C 794 22.90 46.89 20.33
N SER C 795 22.87 46.52 19.05
CA SER C 795 21.97 45.48 18.55
C SER C 795 20.51 45.82 18.88
N THR C 796 20.05 46.93 18.30
CA THR C 796 18.69 47.40 18.50
C THR C 796 18.01 47.59 17.15
N ALA C 797 16.70 47.35 17.13
CA ALA C 797 15.89 47.46 15.92
C ALA C 797 14.97 48.67 16.04
N LEU C 798 14.83 49.40 14.92
CA LEU C 798 13.98 50.59 14.92
C LEU C 798 12.54 50.25 15.28
N THR C 799 12.07 49.07 14.86
CA THR C 799 10.70 48.66 15.19
C THR C 799 10.47 48.68 16.69
N HIS C 800 11.49 48.31 17.46
CA HIS C 800 11.39 48.35 18.92
C HIS C 800 11.75 49.70 19.50
N LYS C 801 12.57 50.51 18.81
CA LYS C 801 12.84 51.86 19.29
C LYS C 801 11.57 52.72 19.25
N GLN C 802 10.77 52.59 18.19
CA GLN C 802 9.51 53.30 18.13
C GLN C 802 8.59 52.87 19.28
N SER C 803 8.54 51.57 19.56
CA SER C 803 7.74 51.09 20.68
C SER C 803 8.27 51.62 22.01
N TYR C 804 9.59 51.74 22.14
CA TYR C 804 10.17 52.28 23.36
C TYR C 804 9.74 53.72 23.57
N TYR C 805 9.80 54.54 22.52
CA TYR C 805 9.33 55.91 22.63
C TYR C 805 7.83 55.95 22.96
N SER C 806 7.06 55.07 22.32
CA SER C 806 5.63 55.01 22.59
C SER C 806 5.37 54.71 24.06
N ILE C 807 6.03 53.70 24.61
CA ILE C 807 5.80 53.33 26.00
C ILE C 807 6.27 54.43 26.94
N ALA C 808 7.34 55.14 26.58
CA ALA C 808 7.72 56.32 27.36
C ALA C 808 6.57 57.32 27.41
N LYS C 809 5.97 57.59 26.25
CA LYS C 809 4.83 58.51 26.22
C LYS C 809 3.68 58.00 27.06
N CYS C 810 3.37 56.71 26.98
CA CYS C 810 2.26 56.15 27.74
C CYS C 810 2.52 56.22 29.24
N VAL C 811 3.74 55.92 29.68
CA VAL C 811 4.07 56.06 31.08
C VAL C 811 3.92 57.51 31.53
N ALA C 812 4.28 58.45 30.64
CA ALA C 812 4.03 59.85 30.94
C ALA C 812 2.55 60.22 30.84
N ALA C 813 1.71 59.35 30.30
CA ALA C 813 0.31 59.69 30.08
C ALA C 813 -0.43 59.89 31.40
N LEU C 814 -0.30 58.93 32.32
CA LEU C 814 -1.05 58.94 33.58
C LEU C 814 -0.07 58.85 34.74
N THR C 815 0.22 59.98 35.37
CA THR C 815 1.09 60.05 36.54
C THR C 815 1.11 61.50 37.00
N ARG C 816 1.65 61.72 38.21
CA ARG C 816 1.74 63.07 38.74
C ARG C 816 2.64 63.94 37.87
N ALA C 817 3.63 63.34 37.21
CA ALA C 817 4.48 64.11 36.31
C ALA C 817 3.72 64.53 35.07
N CYS C 818 4.21 65.57 34.41
CA CYS C 818 3.59 66.14 33.23
C CYS C 818 4.61 66.19 32.09
N PRO C 819 4.14 66.27 30.85
CA PRO C 819 5.10 66.29 29.72
C PRO C 819 6.06 67.45 29.79
N LYS C 820 5.67 68.58 30.40
CA LYS C 820 6.58 69.72 30.51
C LYS C 820 7.83 69.40 31.30
N GLU C 821 7.81 68.33 32.11
CA GLU C 821 8.96 67.91 32.89
C GLU C 821 9.29 66.45 32.66
N GLY C 822 8.93 65.92 31.48
CA GLY C 822 9.18 64.53 31.17
C GLY C 822 10.61 64.30 30.70
N PRO C 823 10.89 63.05 30.33
CA PRO C 823 12.24 62.73 29.83
C PRO C 823 12.64 63.57 28.63
N ALA C 824 11.70 63.90 27.75
CA ALA C 824 12.02 64.78 26.63
C ALA C 824 12.26 66.21 27.12
N VAL C 825 11.50 66.65 28.12
CA VAL C 825 11.63 68.03 28.60
C VAL C 825 13.00 68.25 29.22
N VAL C 826 13.46 67.32 30.06
CA VAL C 826 14.73 67.50 30.74
C VAL C 826 15.87 67.56 29.73
N GLY C 827 15.84 66.69 28.73
CA GLY C 827 16.82 66.72 27.66
C GLY C 827 16.36 67.62 26.53
N GLN C 828 16.26 68.92 26.80
CA GLN C 828 15.72 69.86 25.81
C GLN C 828 16.77 70.21 24.75
N PHE C 829 17.93 70.69 25.19
CA PHE C 829 19.01 71.12 24.30
C PHE C 829 20.17 70.16 24.49
N ILE C 830 20.29 69.17 23.61
CA ILE C 830 21.34 68.17 23.67
C ILE C 830 21.97 68.07 22.29
N GLN C 831 23.10 68.75 22.10
CA GLN C 831 23.87 68.67 20.87
C GLN C 831 25.19 67.91 21.05
N ASP C 832 25.57 67.60 22.28
CA ASP C 832 26.76 66.81 22.58
C ASP C 832 26.40 65.36 22.89
N VAL C 833 25.40 64.83 22.18
CA VAL C 833 24.91 63.48 22.45
C VAL C 833 26.07 62.50 22.46
N LYS C 834 26.11 61.66 23.49
CA LYS C 834 27.20 60.69 23.61
C LYS C 834 27.10 59.62 22.54
N ASN C 835 25.89 59.16 22.22
CA ASN C 835 25.70 58.08 21.27
C ASN C 835 24.36 58.26 20.57
N SER C 836 24.13 57.43 19.56
CA SER C 836 22.90 57.50 18.77
C SER C 836 21.67 57.17 19.61
N ARG C 837 21.82 56.41 20.69
CA ARG C 837 20.68 56.09 21.54
C ARG C 837 20.09 57.35 22.18
N SER C 838 20.96 58.27 22.63
CA SER C 838 20.48 59.52 23.19
C SER C 838 19.72 60.33 22.14
N THR C 839 20.13 60.25 20.88
CA THR C 839 19.39 60.94 19.82
C THR C 839 18.05 60.29 19.56
N ASP C 840 18.02 58.95 19.53
CA ASP C 840 16.75 58.24 19.33
C ASP C 840 15.78 58.50 20.48
N SER C 841 16.31 58.73 21.68
CA SER C 841 15.44 59.03 22.82
C SER C 841 14.64 60.30 22.58
N ILE C 842 15.28 61.33 22.02
CA ILE C 842 14.61 62.60 21.74
C ILE C 842 14.00 62.63 20.34
N ARG C 843 14.22 61.60 19.53
CA ARG C 843 13.69 61.59 18.17
C ARG C 843 12.19 61.85 18.16
N LEU C 844 11.45 61.17 19.01
CA LEU C 844 10.00 61.38 19.17
C LEU C 844 9.78 62.02 20.53
N LEU C 845 9.87 63.35 20.58
CA LEU C 845 9.71 64.12 21.81
C LEU C 845 8.34 64.75 21.93
N ALA C 846 7.83 65.34 20.84
CA ALA C 846 6.50 65.93 20.86
C ALA C 846 5.39 64.90 21.01
N LEU C 847 5.70 63.61 20.86
CA LEU C 847 4.70 62.57 21.08
C LEU C 847 4.07 62.71 22.46
N LEU C 848 4.87 63.13 23.45
CA LEU C 848 4.36 63.32 24.81
C LEU C 848 3.58 64.63 24.88
N SER C 849 2.45 64.64 24.17
CA SER C 849 1.53 65.77 24.17
C SER C 849 0.17 65.40 24.77
N LEU C 850 -0.49 64.38 24.23
CA LEU C 850 -1.76 63.90 24.76
C LEU C 850 -2.29 62.78 23.87
N ASP C 858 8.42 74.10 22.01
CA ASP C 858 8.98 75.24 21.30
C ASP C 858 10.20 75.77 22.03
N LEU C 859 10.56 75.21 23.17
CA LEU C 859 11.69 75.78 23.87
C LEU C 859 12.99 75.00 23.72
N SER C 860 12.94 73.89 23.01
CA SER C 860 14.09 73.03 22.90
C SER C 860 14.61 72.88 21.49
N GLY C 861 15.82 73.36 21.17
CA GLY C 861 16.38 73.28 19.80
C GLY C 861 15.30 73.82 18.88
N GLN C 862 14.89 75.04 19.13
CA GLN C 862 13.66 75.53 18.65
C GLN C 862 13.39 75.39 17.21
N LEU C 863 14.29 75.72 16.31
CA LEU C 863 14.01 75.38 14.92
C LEU C 863 15.22 74.71 14.29
N GLU C 864 15.90 73.91 15.09
CA GLU C 864 17.09 73.24 14.66
C GLU C 864 16.90 71.82 14.17
N LEU C 865 15.67 71.38 13.91
CA LEU C 865 15.42 70.00 13.51
C LEU C 865 16.07 69.68 12.18
N LYS C 866 15.92 70.58 11.19
CA LYS C 866 16.40 70.27 9.85
C LYS C 866 17.92 70.11 9.79
N SER C 867 18.64 70.54 10.82
CA SER C 867 20.06 70.22 10.96
C SER C 867 20.20 68.80 11.51
N VAL C 868 19.59 67.86 10.79
CA VAL C 868 19.48 66.49 11.27
C VAL C 868 20.84 65.83 11.30
N ILE C 869 21.16 65.17 12.41
CA ILE C 869 22.34 64.31 12.45
C ILE C 869 22.17 63.16 11.46
N LEU C 870 21.03 62.46 11.54
CA LEU C 870 20.64 61.48 10.53
C LEU C 870 19.34 61.86 9.86
N GLU C 871 18.27 62.08 10.62
CA GLU C 871 16.96 62.46 10.08
C GLU C 871 16.00 62.67 11.24
N ALA C 872 14.80 63.14 10.92
CA ALA C 872 13.73 63.32 11.89
C ALA C 872 12.40 62.99 11.22
N PHE C 873 11.45 62.52 12.03
CA PHE C 873 10.15 62.07 11.51
C PHE C 873 9.00 62.94 11.97
N SER C 874 8.81 63.11 13.28
CA SER C 874 7.62 63.78 13.79
C SER C 874 7.95 64.71 14.96
N SER C 875 9.16 65.25 15.00
CA SER C 875 9.50 66.19 16.07
C SER C 875 8.57 67.40 16.10
N PRO C 876 8.22 68.04 14.96
CA PRO C 876 7.32 69.20 14.97
C PRO C 876 5.83 68.82 15.06
N SER C 877 5.52 67.91 15.99
CA SER C 877 4.14 67.52 16.24
C SER C 877 3.44 68.44 17.22
N GLU C 878 4.13 69.47 17.73
CA GLU C 878 3.49 70.41 18.64
C GLU C 878 2.32 71.11 17.97
N GLU C 879 2.48 71.49 16.70
CA GLU C 879 1.41 72.18 16.01
C GLU C 879 0.16 71.32 15.92
N VAL C 880 0.32 70.03 15.59
CA VAL C 880 -0.83 69.17 15.35
C VAL C 880 -1.63 68.99 16.64
N LYS C 881 -0.95 68.72 17.74
CA LYS C 881 -1.62 68.48 19.01
C LYS C 881 -1.96 69.76 19.75
N SER C 882 -1.51 70.91 19.26
CA SER C 882 -1.84 72.20 19.86
C SER C 882 -2.96 72.92 19.14
N ALA C 883 -3.17 72.64 17.85
CA ALA C 883 -4.22 73.33 17.11
C ALA C 883 -5.59 73.05 17.70
N ALA C 884 -5.85 71.80 18.09
CA ALA C 884 -7.18 71.43 18.57
C ALA C 884 -7.36 71.80 20.04
N SER C 885 -6.57 71.18 20.92
CA SER C 885 -6.75 71.42 22.35
C SER C 885 -6.31 72.81 22.75
N TYR C 886 -5.14 73.23 22.28
CA TYR C 886 -4.59 74.54 22.59
C TYR C 886 -5.02 75.53 21.51
N ALA C 887 -4.33 76.68 21.43
CA ALA C 887 -4.70 77.71 20.48
C ALA C 887 -4.50 77.23 19.04
N LEU C 888 -4.88 78.06 18.06
CA LEU C 888 -4.88 77.61 16.68
C LEU C 888 -3.50 77.12 16.25
N GLY C 889 -2.45 77.85 16.63
CA GLY C 889 -1.10 77.44 16.27
C GLY C 889 -0.07 78.14 17.11
N SER C 890 1.10 77.50 17.21
CA SER C 890 2.24 78.04 17.93
C SER C 890 3.35 78.50 17.01
N ILE C 891 3.61 77.77 15.92
CA ILE C 891 4.64 78.13 14.95
C ILE C 891 4.12 78.11 13.52
N SER C 892 2.85 77.71 13.31
CA SER C 892 2.32 77.62 11.95
C SER C 892 2.35 78.96 11.23
N VAL C 893 2.42 80.08 11.96
CA VAL C 893 2.42 81.38 11.31
C VAL C 893 3.66 81.53 10.42
N GLY C 894 4.82 81.17 10.95
CA GLY C 894 6.07 81.25 10.20
C GLY C 894 6.75 79.92 10.04
N ASN C 895 5.97 78.86 9.78
CA ASN C 895 6.50 77.50 9.74
C ASN C 895 7.53 77.32 8.62
N LEU C 896 7.09 77.46 7.37
CA LEU C 896 7.91 77.13 6.21
C LEU C 896 8.90 78.22 5.83
N PRO C 897 8.47 79.49 5.73
CA PRO C 897 9.31 80.47 5.01
C PRO C 897 10.71 80.64 5.58
N GLU C 898 10.89 80.51 6.90
CA GLU C 898 12.19 80.78 7.49
C GLU C 898 13.27 79.84 6.96
N TYR C 899 12.94 78.55 6.84
CA TYR C 899 13.89 77.53 6.40
C TYR C 899 13.49 77.07 5.00
N LEU C 900 14.27 77.47 4.00
CA LEU C 900 14.03 77.00 2.64
C LEU C 900 14.16 75.49 2.52
N PRO C 901 15.19 74.83 3.09
CA PRO C 901 15.29 73.37 2.99
C PRO C 901 14.05 72.65 3.49
N LEU C 916 14.79 69.58 2.46
CA LEU C 916 13.64 68.72 2.26
C LEU C 916 12.78 68.66 3.51
N LEU C 917 12.31 69.83 3.95
CA LEU C 917 11.47 69.93 5.14
C LEU C 917 9.99 69.82 4.82
N LEU C 918 9.63 69.62 3.54
CA LEU C 918 8.22 69.49 3.19
C LEU C 918 7.58 68.26 3.82
N HIS C 919 8.39 67.31 4.30
CA HIS C 919 7.84 66.14 4.98
C HIS C 919 6.91 66.55 6.11
N SER C 920 7.33 67.53 6.92
CA SER C 920 6.50 67.97 8.04
C SER C 920 5.11 68.39 7.58
N LEU C 921 4.99 68.85 6.34
CA LEU C 921 3.67 69.19 5.81
C LEU C 921 2.71 68.02 5.95
N LYS C 922 3.11 66.85 5.46
CA LYS C 922 2.23 65.70 5.51
C LYS C 922 1.86 65.34 6.94
N GLU C 923 2.63 65.83 7.91
CA GLU C 923 2.35 65.53 9.31
C GLU C 923 1.30 66.46 9.89
N ILE C 924 1.33 67.75 9.52
CA ILE C 924 0.53 68.72 10.28
C ILE C 924 -0.96 68.48 10.07
N ILE C 925 -1.36 68.09 8.86
CA ILE C 925 -2.76 67.89 8.54
C ILE C 925 -3.18 66.43 8.62
N SER C 926 -2.30 65.54 9.07
CA SER C 926 -2.62 64.12 9.08
C SER C 926 -3.62 63.77 10.17
N SER C 927 -3.43 64.30 11.38
CA SER C 927 -4.16 63.80 12.54
C SER C 927 -5.56 64.40 12.63
N ALA C 928 -5.66 65.71 12.79
CA ALA C 928 -6.92 66.38 13.10
C ALA C 928 -7.45 67.11 11.88
N SER C 929 -8.78 67.08 11.71
CA SER C 929 -9.44 67.77 10.62
C SER C 929 -10.44 68.82 11.09
N VAL C 930 -10.91 68.76 12.34
CA VAL C 930 -11.81 69.80 12.84
C VAL C 930 -11.10 71.15 12.85
N VAL C 931 -9.84 71.17 13.30
CA VAL C 931 -8.99 72.34 13.21
C VAL C 931 -7.92 72.20 12.14
N GLY C 932 -7.95 71.10 11.39
CA GLY C 932 -6.90 70.86 10.42
C GLY C 932 -6.80 71.97 9.38
N LEU C 933 -7.95 72.37 8.82
CA LEU C 933 -7.99 73.46 7.84
C LEU C 933 -9.06 74.46 8.24
N LYS C 934 -8.72 75.35 9.17
CA LYS C 934 -9.40 76.64 9.28
C LYS C 934 -8.74 77.59 8.29
N PRO C 935 -7.41 77.65 8.24
CA PRO C 935 -6.76 78.42 7.18
C PRO C 935 -6.63 77.59 5.91
N TYR C 936 -6.61 78.30 4.78
CA TYR C 936 -6.55 77.62 3.48
C TYR C 936 -5.60 78.33 2.51
N VAL C 937 -4.61 79.06 3.02
CA VAL C 937 -3.72 79.82 2.14
C VAL C 937 -2.57 78.94 1.65
N GLU C 938 -1.74 78.44 2.57
CA GLU C 938 -0.51 77.76 2.18
C GLU C 938 -0.77 76.52 1.34
N ASN C 939 -1.95 75.92 1.44
CA ASN C 939 -2.23 74.70 0.71
C ASN C 939 -2.48 74.96 -0.77
N ILE C 940 -3.14 76.09 -1.09
CA ILE C 940 -3.64 76.33 -2.44
C ILE C 940 -2.87 77.45 -3.13
N TRP C 941 -2.52 78.52 -2.40
CA TRP C 941 -1.89 79.66 -3.07
C TRP C 941 -0.57 79.27 -3.71
N ALA C 942 0.09 78.24 -3.18
CA ALA C 942 1.35 77.76 -3.71
C ALA C 942 1.21 76.28 -4.06
N LEU C 943 1.65 75.91 -5.26
CA LEU C 943 1.63 74.52 -5.70
C LEU C 943 2.88 73.76 -5.29
N LEU C 944 3.81 74.42 -4.57
CA LEU C 944 5.00 73.76 -4.05
C LEU C 944 5.87 73.21 -5.18
N LEU C 945 6.13 74.06 -6.17
CA LEU C 945 7.00 73.71 -7.28
C LEU C 945 6.53 72.44 -7.99
N THR C 955 9.73 68.01 -2.82
CA THR C 955 9.23 68.65 -4.03
C THR C 955 8.61 67.61 -4.98
N ARG C 956 8.67 66.35 -4.58
CA ARG C 956 8.12 65.25 -5.37
C ARG C 956 6.66 65.01 -4.93
N ASN C 957 6.11 63.86 -5.34
CA ASN C 957 4.72 63.54 -5.04
C ASN C 957 4.36 63.72 -3.58
N VAL C 958 5.34 63.77 -2.69
CA VAL C 958 5.11 63.98 -1.26
C VAL C 958 4.30 65.25 -1.05
N VAL C 959 4.36 66.17 -2.01
CA VAL C 959 3.60 67.42 -1.90
C VAL C 959 2.11 67.12 -1.82
N ALA C 960 1.63 66.19 -2.65
CA ALA C 960 0.22 65.84 -2.69
C ALA C 960 -0.07 64.51 -2.00
N GLU C 961 0.75 64.12 -1.02
CA GLU C 961 0.52 62.89 -0.29
C GLU C 961 -0.82 62.94 0.44
N CYS C 962 -1.13 64.07 1.07
CA CYS C 962 -2.38 64.25 1.79
C CYS C 962 -3.44 65.00 1.00
N LEU C 963 -3.09 65.57 -0.15
CA LEU C 963 -4.05 66.34 -0.93
C LEU C 963 -5.21 65.48 -1.41
N GLY C 964 -5.01 64.16 -1.53
CA GLY C 964 -6.10 63.30 -1.95
C GLY C 964 -7.27 63.32 -0.98
N LYS C 965 -6.97 63.32 0.32
CA LYS C 965 -7.99 63.37 1.38
C LYS C 965 -7.49 64.35 2.45
N LEU C 966 -7.90 65.61 2.32
CA LEU C 966 -7.48 66.64 3.26
C LEU C 966 -8.03 66.36 4.66
N PRO D 2 41.61 27.15 -2.02
CA PRO D 2 42.68 26.29 -2.51
C PRO D 2 44.05 26.96 -2.49
N SER D 3 44.47 27.41 -1.30
CA SER D 3 45.76 28.07 -1.14
C SER D 3 46.22 27.86 0.29
N ILE D 4 47.23 27.00 0.48
CA ILE D 4 47.79 26.70 1.79
C ILE D 4 49.29 26.99 1.74
N LYS D 5 49.79 27.63 2.80
CA LYS D 5 51.18 28.02 2.90
C LYS D 5 51.97 26.96 3.65
N LEU D 6 53.09 26.53 3.08
CA LEU D 6 53.97 25.53 3.69
C LEU D 6 55.35 26.15 3.89
N GLN D 7 55.91 25.97 5.09
CA GLN D 7 57.23 26.47 5.40
C GLN D 7 58.17 25.32 5.72
N SER D 8 59.38 25.38 5.19
CA SER D 8 60.40 24.38 5.45
C SER D 8 61.26 24.83 6.63
N SER D 9 62.21 23.96 7.02
CA SER D 9 63.08 24.30 8.14
C SER D 9 63.92 25.53 7.83
N ASP D 10 64.44 25.63 6.61
CA ASP D 10 65.31 26.74 6.26
C ASP D 10 64.57 28.07 6.23
N GLY D 11 63.26 28.04 5.99
CA GLY D 11 62.46 29.25 6.05
C GLY D 11 61.98 29.77 4.70
N GLU D 12 61.61 28.86 3.80
CA GLU D 12 61.04 29.22 2.51
C GLU D 12 59.56 28.86 2.48
N ILE D 13 58.74 29.76 1.93
CA ILE D 13 57.30 29.61 1.90
C ILE D 13 56.88 29.16 0.51
N PHE D 14 56.08 28.10 0.44
CA PHE D 14 55.54 27.57 -0.80
C PHE D 14 54.02 27.56 -0.74
N GLU D 15 53.40 27.69 -1.90
CA GLU D 15 51.95 27.68 -2.02
C GLU D 15 51.53 26.59 -3.00
N VAL D 16 50.58 25.75 -2.59
CA VAL D 16 50.08 24.66 -3.42
C VAL D 16 48.56 24.62 -3.29
N ASP D 17 47.88 24.58 -4.43
CA ASP D 17 46.43 24.38 -4.42
C ASP D 17 46.11 23.01 -3.82
N VAL D 18 45.00 22.93 -3.10
CA VAL D 18 44.67 21.72 -2.34
C VAL D 18 43.95 20.78 -3.31
N GLU D 19 44.76 20.13 -4.16
CA GLU D 19 44.35 18.95 -4.90
C GLU D 19 45.41 17.86 -4.93
N ILE D 20 46.69 18.18 -4.70
CA ILE D 20 47.78 17.24 -4.83
C ILE D 20 48.44 16.96 -3.48
N ALA D 21 48.58 18.00 -2.65
CA ALA D 21 49.09 17.81 -1.30
C ALA D 21 48.13 17.03 -0.43
N LYS D 22 46.87 16.92 -0.85
CA LYS D 22 45.90 16.11 -0.10
C LYS D 22 46.24 14.64 -0.13
N GLN D 23 47.07 14.20 -1.08
CA GLN D 23 47.44 12.79 -1.15
C GLN D 23 48.16 12.35 0.12
N SER D 24 49.08 13.17 0.62
CA SER D 24 49.79 12.87 1.84
C SER D 24 48.82 12.92 3.02
N VAL D 25 48.47 11.75 3.55
CA VAL D 25 47.48 11.68 4.63
C VAL D 25 47.99 12.37 5.89
N THR D 26 49.31 12.39 6.09
CA THR D 26 49.85 12.97 7.32
C THR D 26 49.48 14.44 7.45
N ILE D 27 49.59 15.20 6.35
CA ILE D 27 49.24 16.61 6.37
C ILE D 27 47.75 16.84 6.17
N LYS D 28 47.04 15.88 5.57
CA LYS D 28 45.62 16.06 5.28
C LYS D 28 44.75 15.79 6.50
N THR D 29 45.14 14.83 7.33
CA THR D 29 44.28 14.40 8.42
C THR D 29 43.98 15.55 9.39
N MET D 30 45.01 16.30 9.77
CA MET D 30 44.80 17.38 10.72
C MET D 30 44.21 18.62 10.05
N LEU D 31 44.54 18.86 8.77
CA LEU D 31 44.00 20.00 8.07
C LEU D 31 42.48 19.97 8.04
N GLU D 32 41.89 18.77 8.08
CA GLU D 32 40.44 18.65 8.01
C GLU D 32 39.78 19.40 9.16
N ASP D 33 40.33 19.28 10.37
CA ASP D 33 39.80 19.98 11.54
C ASP D 33 40.85 20.89 12.15
N VAL D 45 51.80 26.23 8.94
CA VAL D 45 52.15 24.86 9.28
C VAL D 45 53.59 24.58 8.91
N PRO D 46 54.52 25.22 9.60
CA PRO D 46 55.95 25.02 9.29
C PRO D 46 56.46 23.65 9.70
N LEU D 47 56.71 22.79 8.73
CA LEU D 47 57.26 21.47 9.02
C LEU D 47 58.73 21.60 9.38
N PRO D 48 59.16 21.21 10.58
CA PRO D 48 60.56 21.42 10.97
C PRO D 48 61.52 20.39 10.40
N ASN D 49 61.06 19.15 10.26
CA ASN D 49 61.95 18.07 9.86
C ASN D 49 62.28 18.11 8.37
N VAL D 50 61.32 18.50 7.54
CA VAL D 50 61.49 18.44 6.09
C VAL D 50 62.38 19.59 5.63
N ASN D 51 63.23 19.30 4.65
CA ASN D 51 64.10 20.31 4.05
C ASN D 51 63.42 20.92 2.83
N ALA D 52 63.82 22.16 2.50
CA ALA D 52 63.16 22.89 1.43
C ALA D 52 63.27 22.16 0.09
N ALA D 53 64.47 21.67 -0.24
CA ALA D 53 64.64 20.95 -1.50
C ALA D 53 63.83 19.65 -1.51
N ILE D 54 63.87 18.91 -0.40
CA ILE D 54 63.08 17.68 -0.32
C ILE D 54 61.59 18.02 -0.35
N LEU D 55 61.20 19.13 0.27
CA LEU D 55 59.80 19.55 0.21
C LEU D 55 59.39 19.81 -1.24
N LYS D 56 60.24 20.49 -2.00
CA LYS D 56 59.95 20.72 -3.41
C LYS D 56 59.83 19.40 -4.16
N LYS D 57 60.73 18.46 -3.89
CA LYS D 57 60.69 17.17 -4.57
C LYS D 57 59.40 16.42 -4.28
N VAL D 58 59.00 16.38 -3.01
CA VAL D 58 57.78 15.64 -2.66
C VAL D 58 56.56 16.34 -3.24
N ILE D 59 56.56 17.68 -3.27
CA ILE D 59 55.43 18.40 -3.84
C ILE D 59 55.32 18.10 -5.33
N GLN D 60 56.45 18.10 -6.06
CA GLN D 60 56.41 17.88 -7.49
C GLN D 60 56.25 16.41 -7.87
N TRP D 61 56.46 15.48 -6.93
CA TRP D 61 56.33 14.07 -7.24
C TRP D 61 54.90 13.63 -7.52
N CYS D 62 53.90 14.48 -7.25
CA CYS D 62 52.49 14.12 -7.41
C CYS D 62 51.93 14.51 -8.78
N THR D 63 52.79 14.72 -9.78
CA THR D 63 52.33 15.19 -11.07
C THR D 63 51.58 14.10 -11.83
N HIS D 64 52.11 12.87 -11.82
CA HIS D 64 51.54 11.81 -12.65
C HIS D 64 50.32 11.16 -12.02
N HIS D 65 50.30 11.03 -10.69
CA HIS D 65 49.31 10.22 -10.01
C HIS D 65 48.06 11.02 -9.63
N LYS D 66 47.80 12.14 -10.30
CA LYS D 66 46.59 12.91 -10.01
C LYS D 66 45.36 12.16 -10.49
N ASP D 67 45.39 11.70 -11.75
CA ASP D 67 44.25 11.02 -12.34
C ASP D 67 43.98 9.68 -11.65
N ASP D 68 45.03 8.94 -11.34
CA ASP D 68 44.86 7.62 -10.73
C ASP D 68 44.34 7.77 -9.31
N PRO D 69 43.22 7.15 -8.95
CA PRO D 69 42.73 7.29 -7.58
C PRO D 69 43.67 6.61 -6.61
N PRO D 70 43.74 7.09 -5.35
CA PRO D 70 44.62 6.47 -4.36
C PRO D 70 44.36 4.97 -4.20
N THR D 82 61.29 -5.04 -7.99
CA THR D 82 61.28 -6.32 -8.70
C THR D 82 60.27 -6.32 -9.83
N ASP D 83 59.00 -6.11 -9.50
CA ASP D 83 57.96 -6.08 -10.51
C ASP D 83 58.04 -4.78 -11.32
N ASP D 84 57.28 -4.76 -12.41
CA ASP D 84 57.32 -3.62 -13.33
C ASP D 84 56.82 -2.35 -12.64
N ILE D 85 57.47 -1.24 -12.93
CA ILE D 85 57.07 0.07 -12.42
C ILE D 85 57.12 1.07 -13.58
N PRO D 86 56.45 2.22 -13.44
CA PRO D 86 56.40 3.16 -14.56
C PRO D 86 57.80 3.55 -15.03
N VAL D 87 57.95 3.65 -16.36
CA VAL D 87 59.25 3.95 -16.94
C VAL D 87 59.70 5.35 -16.55
N TRP D 88 58.75 6.29 -16.49
CA TRP D 88 59.10 7.67 -16.13
C TRP D 88 59.68 7.73 -14.73
N ASP D 89 59.14 6.92 -13.81
CA ASP D 89 59.57 6.98 -12.41
C ASP D 89 61.09 6.86 -12.28
N GLN D 90 61.73 6.07 -13.15
CA GLN D 90 63.17 5.92 -13.08
C GLN D 90 63.86 7.29 -13.07
N GLU D 91 63.46 8.17 -14.00
CA GLU D 91 64.09 9.48 -14.07
C GLU D 91 63.94 10.22 -12.74
N PHE D 92 62.79 10.09 -12.10
CA PHE D 92 62.62 10.68 -10.77
C PHE D 92 63.31 9.86 -9.69
N LEU D 93 63.36 8.54 -9.86
CA LEU D 93 64.02 7.68 -8.89
C LEU D 93 65.52 7.58 -9.11
N LYS D 94 66.02 8.01 -10.27
CA LYS D 94 67.46 8.07 -10.52
C LYS D 94 67.98 9.40 -9.98
N VAL D 95 68.15 9.43 -8.67
CA VAL D 95 68.46 10.66 -7.94
C VAL D 95 69.75 10.47 -7.15
N ASP D 96 70.42 11.58 -6.86
CA ASP D 96 71.73 11.52 -6.20
C ASP D 96 71.60 11.02 -4.78
N GLN D 97 72.69 10.43 -4.28
CA GLN D 97 72.68 9.85 -2.94
C GLN D 97 72.42 10.92 -1.87
N GLY D 98 73.05 12.09 -2.00
CA GLY D 98 72.91 13.12 -0.98
C GLY D 98 71.47 13.52 -0.77
N THR D 99 70.74 13.74 -1.86
CA THR D 99 69.31 14.02 -1.76
C THR D 99 68.51 12.75 -1.52
N LEU D 100 68.98 11.61 -2.04
CA LEU D 100 68.21 10.38 -1.94
C LEU D 100 68.01 9.96 -0.49
N PHE D 101 69.10 9.92 0.28
CA PHE D 101 68.99 9.44 1.66
C PHE D 101 68.07 10.35 2.47
N GLU D 102 68.21 11.66 2.31
CA GLU D 102 67.32 12.58 3.00
C GLU D 102 65.87 12.33 2.60
N LEU D 103 65.62 12.17 1.30
CA LEU D 103 64.25 12.02 0.82
C LEU D 103 63.61 10.77 1.40
N ILE D 104 64.26 9.62 1.27
CA ILE D 104 63.62 8.38 1.70
C ILE D 104 63.86 8.07 3.17
N LEU D 105 64.51 8.98 3.90
CA LEU D 105 64.50 8.90 5.36
C LEU D 105 63.48 9.84 5.97
N ALA D 106 63.12 10.92 5.29
CA ALA D 106 62.11 11.85 5.76
C ALA D 106 60.75 11.64 5.09
N ALA D 107 60.63 10.69 4.17
CA ALA D 107 59.36 10.48 3.49
C ALA D 107 58.26 10.10 4.47
N ASN D 108 58.59 9.30 5.49
CA ASN D 108 57.56 8.81 6.40
C ASN D 108 56.79 9.96 7.04
N TYR D 109 57.40 11.13 7.15
CA TYR D 109 56.69 12.29 7.68
C TYR D 109 55.50 12.66 6.80
N LEU D 110 55.69 12.63 5.48
CA LEU D 110 54.65 12.95 4.51
C LEU D 110 54.61 11.92 3.40
N ASP D 111 54.82 10.65 3.75
CA ASP D 111 54.83 9.59 2.76
C ASP D 111 53.42 9.38 2.19
N ILE D 112 53.37 9.08 0.90
CA ILE D 112 52.13 8.71 0.24
C ILE D 112 52.06 7.19 0.17
N LYS D 113 50.85 6.67 0.04
CA LYS D 113 50.67 5.22 -0.01
C LYS D 113 51.42 4.59 -1.18
N GLY D 114 51.72 5.35 -2.22
CA GLY D 114 52.45 4.83 -3.35
C GLY D 114 53.93 5.17 -3.31
N LEU D 115 54.25 6.35 -2.76
CA LEU D 115 55.65 6.77 -2.69
C LEU D 115 56.47 5.82 -1.83
N LEU D 116 55.94 5.44 -0.67
CA LEU D 116 56.67 4.54 0.21
C LEU D 116 56.85 3.16 -0.43
N ASP D 117 55.82 2.67 -1.13
CA ASP D 117 55.91 1.37 -1.77
C ASP D 117 57.01 1.36 -2.84
N VAL D 118 57.01 2.37 -3.70
CA VAL D 118 58.02 2.43 -4.74
C VAL D 118 59.40 2.62 -4.13
N THR D 119 59.50 3.40 -3.05
CA THR D 119 60.77 3.58 -2.35
C THR D 119 61.30 2.24 -1.85
N CYS D 120 60.46 1.48 -1.15
CA CYS D 120 60.89 0.18 -0.64
C CYS D 120 61.29 -0.74 -1.79
N LYS D 121 60.53 -0.72 -2.88
CA LYS D 121 60.85 -1.56 -4.02
C LYS D 121 62.22 -1.22 -4.59
N THR D 122 62.50 0.07 -4.77
CA THR D 122 63.76 0.45 -5.41
C THR D 122 64.95 0.15 -4.48
N VAL D 123 64.78 0.43 -3.18
CA VAL D 123 65.89 0.18 -2.25
C VAL D 123 66.15 -1.32 -2.15
N ALA D 124 65.10 -2.14 -2.14
CA ALA D 124 65.31 -3.59 -2.20
C ALA D 124 66.02 -3.97 -3.49
N ASN D 125 65.62 -3.36 -4.62
CA ASN D 125 66.29 -3.66 -5.89
C ASN D 125 67.79 -3.37 -5.82
N MET D 126 68.16 -2.23 -5.22
CA MET D 126 69.58 -1.96 -5.02
C MET D 126 70.21 -3.04 -4.14
N ILE D 127 69.53 -3.40 -3.04
CA ILE D 127 70.08 -4.41 -2.13
C ILE D 127 70.11 -5.77 -2.81
N LYS D 128 69.05 -6.13 -3.52
CA LYS D 128 68.96 -7.44 -4.15
C LYS D 128 70.09 -7.61 -5.17
N GLY D 129 70.70 -8.80 -5.15
CA GLY D 129 71.74 -9.14 -6.09
C GLY D 129 73.16 -8.78 -5.68
N LYS D 130 73.33 -8.16 -4.51
CA LYS D 130 74.66 -7.76 -4.06
C LYS D 130 75.25 -8.82 -3.14
N THR D 131 76.44 -8.53 -2.60
CA THR D 131 77.15 -9.46 -1.73
C THR D 131 77.10 -8.96 -0.29
N PRO D 132 76.56 -9.73 0.67
CA PRO D 132 76.48 -9.21 2.04
C PRO D 132 77.83 -8.80 2.61
N GLU D 133 78.89 -9.54 2.32
CA GLU D 133 80.20 -9.22 2.89
C GLU D 133 80.65 -7.82 2.50
N GLU D 134 80.18 -7.31 1.37
CA GLU D 134 80.54 -5.99 0.90
C GLU D 134 79.41 -4.97 1.07
N ILE D 135 78.32 -5.34 1.75
CA ILE D 135 77.22 -4.40 1.94
C ILE D 135 77.69 -3.18 2.72
N ARG D 136 78.68 -3.36 3.61
CA ARG D 136 79.20 -2.22 4.34
C ARG D 136 79.79 -1.17 3.41
N LYS D 137 80.25 -1.57 2.23
CA LYS D 137 80.82 -0.63 1.28
C LYS D 137 79.77 0.36 0.76
N THR D 138 78.49 0.02 0.84
CA THR D 138 77.42 0.85 0.31
C THR D 138 76.67 1.62 1.38
N PHE D 139 76.21 0.93 2.44
CA PHE D 139 75.40 1.55 3.48
C PHE D 139 76.26 2.12 4.60
N ASN D 140 77.06 1.27 5.25
CA ASN D 140 77.88 1.69 6.37
C ASN D 140 79.26 2.14 5.89
N GLU D 148 83.69 -14.97 12.80
CA GLU D 148 83.20 -15.97 13.74
C GLU D 148 81.71 -16.24 13.52
N GLU D 149 80.93 -15.17 13.44
CA GLU D 149 79.49 -15.31 13.28
C GLU D 149 79.09 -15.78 11.88
N GLU D 150 79.96 -15.59 10.89
CA GLU D 150 79.62 -15.98 9.53
C GLU D 150 79.40 -17.48 9.41
N ALA D 151 80.30 -18.27 10.02
CA ALA D 151 80.17 -19.72 9.94
C ALA D 151 78.91 -20.20 10.65
N GLN D 152 78.62 -19.64 11.83
CA GLN D 152 77.42 -20.04 12.56
C GLN D 152 76.17 -19.66 11.80
N VAL D 153 76.15 -18.47 11.19
CA VAL D 153 75.00 -18.06 10.39
C VAL D 153 74.80 -18.99 9.21
N ARG D 154 75.90 -19.34 8.52
CA ARG D 154 75.79 -20.25 7.39
C ARG D 154 75.26 -21.62 7.82
N LYS D 155 75.76 -22.13 8.95
CA LYS D 155 75.29 -23.42 9.45
C LYS D 155 73.83 -23.34 9.90
N GLU D 156 73.38 -22.17 10.33
CA GLU D 156 71.99 -22.03 10.79
C GLU D 156 71.01 -22.35 9.66
N ASN D 157 71.28 -21.85 8.46
CA ASN D 157 70.45 -22.11 7.28
C ASN D 157 71.36 -22.58 6.16
N GLN D 158 71.62 -23.89 6.13
CA GLN D 158 72.47 -24.49 5.10
C GLN D 158 71.65 -25.09 3.97
N TRP D 159 70.36 -25.38 4.20
CA TRP D 159 69.54 -26.01 3.17
C TRP D 159 69.58 -25.23 1.86
N CYS D 160 69.66 -23.91 1.95
CA CYS D 160 69.76 -23.06 0.77
C CYS D 160 71.22 -22.80 0.42
N VAL E 100 75.94 10.04 5.44
CA VAL E 100 74.94 9.16 4.86
C VAL E 100 74.90 7.85 5.62
N SER E 101 74.88 7.93 6.95
CA SER E 101 74.83 6.73 7.77
C SER E 101 73.51 6.01 7.58
N TRP E 102 73.57 4.67 7.55
CA TRP E 102 72.40 3.82 7.37
C TRP E 102 72.23 2.88 8.56
N ASP E 103 72.49 3.41 9.76
CA ASP E 103 72.37 2.62 11.00
C ASP E 103 71.49 3.30 12.04
N SER E 104 70.73 4.32 11.66
CA SER E 104 69.86 5.06 12.58
C SER E 104 68.46 5.17 12.00
N LEU E 105 67.93 4.06 11.52
CA LEU E 105 66.59 4.00 10.94
C LEU E 105 65.65 3.23 11.86
N PRO E 106 64.32 3.45 11.73
CA PRO E 106 63.38 2.69 12.56
C PRO E 106 63.31 1.23 12.14
N ASP E 107 62.47 0.45 12.81
CA ASP E 107 62.34 -0.98 12.51
C ASP E 107 61.34 -1.24 11.39
N GLU E 108 60.23 -0.51 11.36
CA GLU E 108 59.22 -0.73 10.32
C GLU E 108 59.74 -0.33 8.95
N LEU E 109 60.64 0.65 8.88
CA LEU E 109 61.25 1.00 7.60
C LEU E 109 62.07 -0.17 7.07
N LEU E 110 62.86 -0.81 7.92
CA LEU E 110 63.60 -2.00 7.49
C LEU E 110 62.68 -3.16 7.16
N LEU E 111 61.56 -3.29 7.87
CA LEU E 111 60.57 -4.30 7.51
C LEU E 111 60.02 -4.05 6.11
N GLY E 112 59.72 -2.80 5.80
CA GLY E 112 59.26 -2.47 4.46
C GLY E 112 60.31 -2.76 3.40
N ILE E 113 61.58 -2.47 3.72
CA ILE E 113 62.66 -2.79 2.79
C ILE E 113 62.71 -4.29 2.54
N PHE E 114 62.60 -5.09 3.61
CA PHE E 114 62.73 -6.54 3.48
C PHE E 114 61.52 -7.17 2.82
N SER E 115 60.34 -6.54 2.93
CA SER E 115 59.13 -7.14 2.40
C SER E 115 59.19 -7.38 0.90
N CYS E 116 60.06 -6.67 0.18
CA CYS E 116 60.16 -6.82 -1.26
C CYS E 116 61.11 -7.94 -1.67
N LEU E 117 61.99 -8.39 -0.79
CA LEU E 117 62.98 -9.39 -1.15
C LEU E 117 62.33 -10.75 -1.37
N CYS E 118 62.95 -11.55 -2.24
CA CYS E 118 62.56 -12.93 -2.46
C CYS E 118 63.40 -13.84 -1.57
N LEU E 119 63.14 -15.14 -1.65
CA LEU E 119 63.79 -16.10 -0.76
C LEU E 119 65.31 -15.98 -0.85
N PRO E 120 65.94 -16.36 -1.97
CA PRO E 120 67.42 -16.44 -1.97
C PRO E 120 68.08 -15.16 -1.49
N GLU E 121 67.64 -14.01 -1.98
CA GLU E 121 68.24 -12.75 -1.58
C GLU E 121 68.00 -12.47 -0.10
N LEU E 122 66.80 -12.78 0.39
CA LEU E 122 66.50 -12.56 1.81
C LEU E 122 67.41 -13.40 2.69
N LEU E 123 67.49 -14.71 2.42
CA LEU E 123 68.34 -15.57 3.24
C LEU E 123 69.81 -15.24 3.09
N LYS E 124 70.22 -14.67 1.95
CA LYS E 124 71.61 -14.22 1.82
C LYS E 124 71.84 -12.94 2.63
N VAL E 125 70.81 -12.10 2.77
CA VAL E 125 70.91 -10.88 3.57
C VAL E 125 70.65 -11.14 5.05
N SER E 126 70.22 -12.35 5.42
CA SER E 126 69.86 -12.62 6.81
C SER E 126 70.98 -12.20 7.77
N GLY E 127 72.23 -12.48 7.41
CA GLY E 127 73.35 -12.10 8.25
C GLY E 127 74.20 -11.00 7.67
N VAL E 128 74.14 -9.81 8.27
CA VAL E 128 75.00 -8.69 7.92
C VAL E 128 75.63 -8.07 9.16
N CYS E 129 74.80 -7.72 10.14
CA CYS E 129 75.27 -7.17 11.41
C CYS E 129 74.33 -7.65 12.52
N LYS E 130 74.65 -7.28 13.76
CA LYS E 130 73.83 -7.70 14.88
C LYS E 130 72.42 -7.14 14.77
N ARG E 131 72.29 -5.88 14.37
CA ARG E 131 70.96 -5.27 14.26
C ARG E 131 70.13 -5.98 13.21
N TRP E 132 70.73 -6.31 12.06
CA TRP E 132 69.98 -6.97 11.00
C TRP E 132 69.55 -8.38 11.39
N TYR E 133 70.29 -9.04 12.27
CA TYR E 133 69.96 -10.42 12.64
C TYR E 133 68.60 -10.50 13.31
N ARG E 134 68.30 -9.58 14.23
CA ARG E 134 67.04 -9.63 14.95
C ARG E 134 65.86 -9.47 14.01
N LEU E 135 65.95 -8.53 13.07
CA LEU E 135 64.87 -8.29 12.12
C LEU E 135 64.85 -9.29 10.97
N ALA E 136 65.91 -10.10 10.82
CA ALA E 136 65.93 -11.08 9.75
C ALA E 136 64.80 -12.10 9.90
N SER E 137 64.57 -12.57 11.13
CA SER E 137 63.51 -13.52 11.42
C SER E 137 62.42 -12.78 12.18
N ASP E 138 61.32 -12.48 11.50
CA ASP E 138 60.16 -11.83 12.09
C ASP E 138 58.89 -12.53 11.66
N GLU E 139 57.84 -12.37 12.47
CA GLU E 139 56.56 -12.99 12.16
C GLU E 139 56.00 -12.47 10.84
N SER E 140 56.09 -11.16 10.60
CA SER E 140 55.45 -10.58 9.41
C SER E 140 56.06 -11.10 8.12
N LEU E 141 57.30 -11.60 8.17
CA LEU E 141 57.97 -12.02 6.94
C LEU E 141 57.48 -13.39 6.47
N TRP E 142 57.63 -14.41 7.31
CA TRP E 142 57.32 -15.79 6.92
C TRP E 142 55.83 -16.06 7.14
N GLN E 143 55.08 -16.14 6.04
CA GLN E 143 53.67 -16.48 6.08
C GLN E 143 53.25 -17.55 5.09
N THR E 144 54.04 -17.79 4.03
CA THR E 144 53.72 -18.84 3.06
C THR E 144 55.04 -19.30 2.45
N LEU E 145 55.53 -20.45 2.92
CA LEU E 145 56.86 -20.96 2.57
C LEU E 145 56.71 -22.32 1.91
N ASP E 146 56.96 -22.38 0.60
CA ASP E 146 56.80 -23.62 -0.17
C ASP E 146 58.16 -24.02 -0.75
N LEU E 147 58.79 -25.02 -0.14
CA LEU E 147 59.99 -25.65 -0.68
C LEU E 147 59.66 -27.09 -1.00
N THR E 148 59.92 -27.49 -2.24
CA THR E 148 59.56 -28.83 -2.74
C THR E 148 60.81 -29.53 -3.25
N GLY E 149 60.96 -30.81 -2.87
CA GLY E 149 62.07 -31.59 -3.33
C GLY E 149 63.41 -31.19 -2.76
N LYS E 150 63.43 -30.49 -1.63
CA LYS E 150 64.67 -30.01 -1.02
C LYS E 150 65.20 -30.95 0.05
N ASN E 151 64.51 -32.06 0.33
CA ASN E 151 64.94 -33.10 1.25
C ASN E 151 65.73 -32.52 2.43
N LEU E 152 65.10 -31.61 3.17
CA LEU E 152 65.77 -30.88 4.23
C LEU E 152 66.12 -31.82 5.39
N HIS E 153 66.72 -31.23 6.42
CA HIS E 153 67.13 -31.92 7.64
C HIS E 153 66.35 -31.36 8.83
N PRO E 154 66.21 -32.14 9.91
CA PRO E 154 65.25 -31.74 10.97
C PRO E 154 65.53 -30.39 11.60
N ASP E 155 66.79 -29.98 11.71
CA ASP E 155 67.08 -28.71 12.36
C ASP E 155 66.44 -27.54 11.63
N VAL E 156 66.52 -27.53 10.29
CA VAL E 156 65.99 -26.41 9.52
C VAL E 156 64.48 -26.31 9.71
N THR E 157 63.76 -27.43 9.56
CA THR E 157 62.32 -27.40 9.71
C THR E 157 61.91 -27.04 11.14
N GLY E 158 62.66 -27.53 12.13
CA GLY E 158 62.37 -27.17 13.50
C GLY E 158 62.50 -25.68 13.74
N ARG E 159 63.59 -25.08 13.23
CA ARG E 159 63.77 -23.64 13.36
C ARG E 159 62.67 -22.87 12.65
N LEU E 160 62.31 -23.31 11.44
CA LEU E 160 61.27 -22.61 10.68
C LEU E 160 59.93 -22.67 11.41
N LEU E 161 59.57 -23.84 11.95
CA LEU E 161 58.32 -23.96 12.68
C LEU E 161 58.35 -23.12 13.95
N SER E 162 59.47 -23.11 14.66
CA SER E 162 59.58 -22.31 15.88
C SER E 162 59.56 -20.83 15.58
N GLN E 163 60.03 -20.42 14.39
CA GLN E 163 60.09 -19.00 14.06
C GLN E 163 58.71 -18.37 13.94
N GLY E 164 57.66 -19.18 13.79
CA GLY E 164 56.31 -18.65 13.70
C GLY E 164 55.81 -18.50 12.27
N VAL E 165 56.00 -19.53 11.45
CA VAL E 165 55.48 -19.51 10.09
C VAL E 165 53.97 -19.72 10.14
N ILE E 166 53.21 -18.69 9.76
CA ILE E 166 51.76 -18.74 9.90
C ILE E 166 51.18 -19.95 9.19
N ALA E 167 51.58 -20.18 7.94
CA ALA E 167 51.02 -21.30 7.18
C ALA E 167 51.86 -21.58 5.95
N PHE E 168 52.24 -22.85 5.75
CA PHE E 168 53.13 -23.21 4.67
C PHE E 168 52.80 -24.61 4.17
N ARG E 169 53.12 -24.85 2.90
CA ARG E 169 52.92 -26.14 2.26
C ARG E 169 54.27 -26.70 1.83
N CYS E 170 54.33 -28.02 1.70
CA CYS E 170 55.58 -28.72 1.38
C CYS E 170 55.26 -30.01 0.65
N PRO E 171 54.94 -29.93 -0.64
CA PRO E 171 54.69 -31.14 -1.43
C PRO E 171 55.95 -31.68 -2.09
N ARG E 172 56.00 -33.00 -2.21
CA ARG E 172 57.09 -33.70 -2.89
C ARG E 172 58.44 -33.35 -2.26
N SER E 173 58.60 -33.73 -1.00
CA SER E 173 59.85 -33.53 -0.28
C SER E 173 60.01 -34.67 0.73
N PHE E 174 61.10 -35.41 0.62
CA PHE E 174 61.35 -36.60 1.41
C PHE E 174 62.22 -36.26 2.62
N MET E 175 61.85 -36.82 3.77
CA MET E 175 62.58 -36.62 5.02
C MET E 175 62.83 -37.97 5.67
N ASP E 176 64.10 -38.31 5.87
CA ASP E 176 64.48 -39.57 6.50
C ASP E 176 65.01 -39.40 7.92
N GLN E 177 65.74 -38.32 8.19
CA GLN E 177 66.32 -38.12 9.51
C GLN E 177 65.25 -37.78 10.54
N PHE E 183 55.92 -30.65 21.26
CA PHE E 183 56.78 -29.48 21.27
C PHE E 183 55.96 -28.20 21.30
N SER E 184 56.64 -27.07 21.43
CA SER E 184 55.97 -25.76 21.43
C SER E 184 55.17 -25.59 20.14
N PRO E 185 53.84 -25.58 20.20
CA PRO E 185 53.07 -25.47 18.97
C PRO E 185 53.06 -24.05 18.42
N PHE E 186 53.10 -23.95 17.09
CA PHE E 186 53.07 -22.68 16.39
C PHE E 186 51.91 -22.68 15.39
N ARG E 187 51.52 -21.48 14.98
CA ARG E 187 50.43 -21.31 14.02
C ARG E 187 50.89 -21.78 12.65
N VAL E 188 50.52 -23.01 12.29
CA VAL E 188 50.90 -23.61 11.01
C VAL E 188 49.62 -23.95 10.26
N GLN E 189 48.62 -23.08 10.39
CA GLN E 189 47.24 -23.35 9.99
C GLN E 189 47.12 -24.22 8.74
N HIS E 190 47.87 -23.91 7.68
CA HIS E 190 47.83 -24.68 6.45
C HIS E 190 49.11 -25.50 6.32
N MET E 191 48.95 -26.80 6.09
CA MET E 191 50.07 -27.72 5.91
C MET E 191 49.78 -28.65 4.75
N ASP E 192 50.83 -29.04 4.04
CA ASP E 192 50.73 -29.95 2.91
C ASP E 192 51.94 -30.87 2.91
N LEU E 193 51.75 -32.10 3.37
CA LEU E 193 52.76 -33.15 3.34
C LEU E 193 52.15 -34.30 2.57
N SER E 194 52.29 -34.26 1.25
CA SER E 194 51.57 -35.16 0.35
C SER E 194 52.54 -35.98 -0.47
N ASN E 195 52.32 -37.30 -0.50
CA ASN E 195 53.05 -38.21 -1.38
C ASN E 195 54.56 -38.12 -1.17
N SER E 196 54.97 -37.90 0.07
CA SER E 196 56.39 -37.88 0.45
C SER E 196 56.50 -38.58 1.79
N VAL E 197 56.75 -39.89 1.75
CA VAL E 197 56.88 -40.66 2.98
C VAL E 197 58.06 -40.11 3.79
N ILE E 198 57.87 -40.05 5.11
CA ILE E 198 58.92 -39.57 6.01
C ILE E 198 58.97 -40.51 7.21
N GLU E 199 60.10 -40.46 7.92
CA GLU E 199 60.29 -41.30 9.09
C GLU E 199 59.20 -41.03 10.11
N VAL E 200 58.55 -42.09 10.59
CA VAL E 200 57.45 -41.92 11.55
C VAL E 200 57.98 -41.40 12.88
N SER E 201 59.19 -41.81 13.28
CA SER E 201 59.73 -41.37 14.55
C SER E 201 59.85 -39.85 14.61
N THR E 202 60.45 -39.25 13.58
CA THR E 202 60.61 -37.80 13.57
C THR E 202 59.27 -37.10 13.45
N LEU E 203 58.35 -37.66 12.66
CA LEU E 203 57.02 -37.07 12.54
C LEU E 203 56.33 -37.01 13.90
N HIS E 204 56.38 -38.11 14.65
CA HIS E 204 55.82 -38.11 16.00
C HIS E 204 56.55 -37.13 16.91
N GLY E 205 57.88 -37.06 16.79
CA GLY E 205 58.64 -36.18 17.65
C GLY E 205 58.28 -34.72 17.46
N ILE E 206 58.12 -34.29 16.21
CA ILE E 206 57.82 -32.90 15.90
C ILE E 206 56.33 -32.64 15.81
N LEU E 207 55.57 -33.57 15.24
CA LEU E 207 54.12 -33.41 15.10
C LEU E 207 53.38 -33.92 16.33
N SER E 208 54.07 -34.02 17.47
CA SER E 208 53.44 -34.51 18.70
C SER E 208 52.29 -33.59 19.13
N GLN E 209 52.51 -32.28 19.06
CA GLN E 209 51.55 -31.30 19.57
C GLN E 209 51.46 -30.13 18.61
N CYS E 210 50.28 -29.90 18.05
CA CYS E 210 49.99 -28.72 17.24
C CYS E 210 48.72 -28.09 17.77
N SER E 211 48.78 -26.80 18.08
CA SER E 211 47.67 -26.14 18.76
C SER E 211 46.45 -26.03 17.87
N LYS E 212 46.64 -25.64 16.61
CA LYS E 212 45.52 -25.40 15.71
C LYS E 212 46.01 -25.41 14.28
N LEU E 213 45.44 -26.28 13.45
CA LEU E 213 45.78 -26.39 12.04
C LEU E 213 44.47 -26.47 11.25
N GLN E 214 43.93 -25.32 10.85
CA GLN E 214 42.66 -25.31 10.14
C GLN E 214 42.72 -26.16 8.88
N ASN E 215 43.90 -26.30 8.28
CA ASN E 215 44.11 -27.18 7.14
C ASN E 215 45.32 -28.06 7.42
N LEU E 216 45.08 -29.36 7.50
CA LEU E 216 46.15 -30.34 7.79
C LEU E 216 45.89 -31.56 6.91
N SER E 217 46.61 -31.63 5.79
CA SER E 217 46.48 -32.74 4.84
C SER E 217 47.77 -33.55 4.85
N LEU E 218 47.64 -34.85 5.07
CA LEU E 218 48.77 -35.78 5.08
C LEU E 218 48.40 -36.89 4.10
N GLU E 219 48.77 -36.70 2.83
CA GLU E 219 48.33 -37.55 1.73
C GLU E 219 49.48 -38.44 1.30
N GLY E 220 49.37 -39.74 1.62
CA GLY E 220 50.40 -40.68 1.22
C GLY E 220 51.50 -40.84 2.24
N LEU E 221 51.13 -41.06 3.50
CA LEU E 221 52.10 -41.22 4.57
C LEU E 221 51.67 -42.38 5.46
N ARG E 222 52.64 -43.22 5.82
CA ARG E 222 52.40 -44.41 6.65
C ARG E 222 52.74 -44.04 8.09
N LEU E 223 51.71 -43.78 8.89
CA LEU E 223 51.85 -43.60 10.33
C LEU E 223 50.82 -44.47 11.03
N SER E 224 51.23 -45.06 12.16
CA SER E 224 50.38 -45.99 12.88
C SER E 224 49.52 -45.24 13.89
N ASP E 225 48.88 -45.98 14.80
CA ASP E 225 47.78 -45.47 15.62
C ASP E 225 48.18 -44.52 16.75
N PRO E 226 49.28 -44.78 17.48
CA PRO E 226 49.47 -44.07 18.75
C PRO E 226 49.60 -42.56 18.61
N ILE E 227 49.92 -42.05 17.41
CA ILE E 227 50.06 -40.61 17.21
C ILE E 227 48.94 -40.01 16.38
N VAL E 228 48.03 -40.83 15.85
CA VAL E 228 46.95 -40.29 15.03
C VAL E 228 45.96 -39.50 15.88
N ASN E 229 45.67 -39.99 17.09
CA ASN E 229 44.72 -39.30 17.97
C ASN E 229 45.32 -38.08 18.64
N THR E 230 46.65 -37.96 18.66
CA THR E 230 47.28 -36.82 19.31
C THR E 230 46.94 -35.50 18.62
N LEU E 231 46.36 -35.55 17.41
CA LEU E 231 45.91 -34.35 16.74
C LEU E 231 44.67 -33.75 17.39
N ALA E 232 44.06 -34.46 18.35
CA ALA E 232 42.85 -33.95 19.00
C ALA E 232 43.08 -32.61 19.67
N LYS E 233 44.33 -32.27 19.99
CA LYS E 233 44.61 -30.97 20.59
C LYS E 233 44.17 -29.84 19.67
N ASN E 234 44.13 -30.07 18.36
CA ASN E 234 43.66 -29.05 17.44
C ASN E 234 42.21 -28.69 17.75
N SER E 235 41.92 -27.39 17.69
CA SER E 235 40.57 -26.92 18.02
C SER E 235 39.54 -27.52 17.08
N ASN E 236 39.77 -27.40 15.76
CA ASN E 236 38.87 -27.99 14.78
C ASN E 236 39.48 -27.98 13.38
N LEU E 237 39.44 -29.11 12.70
CA LEU E 237 39.92 -29.24 11.34
C LEU E 237 38.76 -29.63 10.43
N VAL E 238 38.80 -29.13 9.20
CA VAL E 238 37.70 -29.34 8.25
C VAL E 238 38.23 -30.01 6.99
N ARG E 239 39.46 -30.54 7.04
CA ARG E 239 40.06 -31.26 5.93
C ARG E 239 40.45 -32.65 6.39
N LEU E 240 40.26 -33.64 5.51
CA LEU E 240 40.54 -35.03 5.79
C LEU E 240 41.55 -35.56 4.77
N ASN E 241 41.86 -36.85 4.88
CA ASN E 241 42.77 -37.52 3.97
C ASN E 241 42.25 -38.90 3.62
N LEU E 242 42.62 -39.38 2.42
CA LEU E 242 42.21 -40.69 1.95
C LEU E 242 43.34 -41.39 1.19
N SER E 243 44.59 -41.16 1.61
CA SER E 243 45.75 -41.63 0.87
C SER E 243 46.66 -42.47 1.75
N GLY E 244 46.10 -43.47 2.42
CA GLY E 244 46.90 -44.46 3.12
C GLY E 244 47.43 -44.00 4.46
N CYS E 245 46.52 -43.69 5.39
CA CYS E 245 46.92 -43.32 6.75
C CYS E 245 46.96 -44.56 7.64
N ALA E 252 40.35 -42.85 18.35
CA ALA E 252 41.27 -42.52 17.27
C ALA E 252 40.64 -42.85 15.92
N LEU E 253 40.15 -44.08 15.79
CA LEU E 253 39.53 -44.50 14.54
C LEU E 253 38.23 -43.75 14.29
N GLN E 254 37.44 -43.52 15.33
CA GLN E 254 36.16 -42.86 15.22
C GLN E 254 36.08 -41.53 15.97
N THR E 255 36.81 -41.36 17.05
CA THR E 255 36.74 -40.14 17.85
C THR E 255 37.57 -39.01 17.28
N LEU E 256 38.46 -39.28 16.32
CA LEU E 256 39.30 -38.22 15.77
C LEU E 256 38.46 -37.14 15.10
N LEU E 257 37.57 -37.55 14.19
CA LEU E 257 36.73 -36.57 13.50
C LEU E 257 35.79 -35.85 14.45
N SER E 258 35.58 -36.39 15.64
CA SER E 258 34.77 -35.70 16.65
C SER E 258 35.45 -34.44 17.17
N SER E 259 36.73 -34.24 16.86
CA SER E 259 37.41 -33.02 17.28
C SER E 259 36.74 -31.79 16.70
N CYS E 260 36.32 -31.86 15.44
CA CYS E 260 35.63 -30.78 14.76
C CYS E 260 34.17 -31.17 14.57
N SER E 261 33.26 -30.30 15.01
CA SER E 261 31.83 -30.55 14.89
C SER E 261 31.07 -29.25 14.68
N TRP E 270 41.96 -44.67 1.20
CA TRP E 270 42.61 -45.74 0.45
C TRP E 270 43.66 -46.43 1.32
N CYS E 271 43.30 -46.70 2.57
CA CYS E 271 44.22 -47.30 3.53
C CYS E 271 44.30 -48.80 3.29
N PHE E 272 45.40 -49.25 2.71
CA PHE E 272 45.60 -50.69 2.52
C PHE E 272 45.71 -51.40 3.86
N ASP E 273 46.40 -50.80 4.81
CA ASP E 273 46.59 -51.40 6.13
C ASP E 273 45.31 -51.38 6.97
N PHE E 274 44.31 -50.61 6.58
CA PHE E 274 43.08 -50.54 7.36
C PHE E 274 42.42 -51.91 7.44
N THR E 275 42.01 -52.29 8.64
CA THR E 275 41.36 -53.58 8.86
C THR E 275 39.87 -53.50 8.54
N GLU E 276 39.20 -54.65 8.62
CA GLU E 276 37.81 -54.74 8.21
C GLU E 276 36.87 -54.12 9.23
N LYS E 277 37.26 -54.09 10.50
CA LYS E 277 36.33 -53.68 11.55
C LYS E 277 35.85 -52.25 11.36
N HIS E 278 36.76 -51.33 11.00
CA HIS E 278 36.46 -49.91 10.93
C HIS E 278 36.11 -49.45 9.52
N VAL E 279 35.81 -50.39 8.61
CA VAL E 279 35.40 -49.99 7.26
C VAL E 279 34.02 -49.35 7.30
N GLN E 280 33.10 -49.91 8.09
CA GLN E 280 31.73 -49.42 8.16
C GLN E 280 31.52 -48.37 9.23
N VAL E 281 32.51 -48.15 10.11
CA VAL E 281 32.32 -47.23 11.23
C VAL E 281 32.23 -45.79 10.73
N ALA E 282 32.95 -45.47 9.65
CA ALA E 282 33.10 -44.07 9.25
C ALA E 282 31.76 -43.41 8.96
N VAL E 283 31.02 -43.94 7.99
CA VAL E 283 29.79 -43.28 7.55
C VAL E 283 28.58 -43.87 8.26
N ALA E 284 28.83 -44.64 9.35
CA ALA E 284 27.76 -45.21 10.14
C ALA E 284 27.44 -44.35 11.37
N HIS E 285 28.42 -44.16 12.27
CA HIS E 285 28.24 -43.37 13.48
C HIS E 285 29.40 -42.38 13.58
N VAL E 286 29.26 -41.25 12.87
CA VAL E 286 30.25 -40.18 12.91
C VAL E 286 29.52 -38.89 12.56
N SER E 287 30.06 -37.77 13.04
CA SER E 287 29.50 -36.47 12.70
C SER E 287 29.51 -36.27 11.19
N GLU E 288 28.37 -35.86 10.64
CA GLU E 288 28.20 -35.69 9.20
C GLU E 288 28.03 -34.23 8.80
N THR E 289 28.32 -33.28 9.69
CA THR E 289 28.20 -31.87 9.34
C THR E 289 29.18 -31.46 8.26
N ILE E 290 30.22 -32.27 8.02
CA ILE E 290 31.18 -31.96 6.97
C ILE E 290 30.45 -31.88 5.63
N THR E 291 31.00 -31.06 4.72
CA THR E 291 30.34 -30.84 3.44
C THR E 291 30.25 -32.14 2.63
N GLN E 292 31.30 -32.93 2.61
CA GLN E 292 31.33 -34.13 1.80
C GLN E 292 32.21 -35.18 2.46
N LEU E 293 32.00 -36.44 2.06
CA LEU E 293 32.81 -37.57 2.49
C LEU E 293 33.15 -38.39 1.25
N ASN E 294 34.37 -38.23 0.76
CA ASN E 294 34.77 -38.89 -0.48
C ASN E 294 34.74 -40.41 -0.30
N LEU E 295 34.31 -41.10 -1.35
CA LEU E 295 34.24 -42.56 -1.37
C LEU E 295 34.88 -43.06 -2.65
N SER E 296 35.86 -43.96 -2.52
CA SER E 296 36.54 -44.53 -3.67
C SER E 296 37.38 -45.70 -3.19
N GLY E 297 37.39 -46.78 -3.97
CA GLY E 297 38.15 -47.96 -3.62
C GLY E 297 37.48 -48.78 -2.54
N TYR E 298 37.23 -48.16 -1.39
CA TYR E 298 36.55 -48.82 -0.28
C TYR E 298 35.03 -48.76 -0.39
N ARG E 299 34.50 -48.07 -1.39
CA ARG E 299 33.05 -48.01 -1.56
C ARG E 299 32.40 -49.35 -1.85
N LYS E 300 33.06 -50.18 -2.67
CA LYS E 300 32.50 -51.49 -3.00
C LYS E 300 32.38 -52.36 -1.75
N ASN E 301 33.39 -52.34 -0.89
CA ASN E 301 33.39 -53.15 0.32
C ASN E 301 32.61 -52.53 1.46
N LEU E 302 32.13 -51.30 1.30
CA LEU E 302 31.35 -50.66 2.35
C LEU E 302 30.07 -51.45 2.61
N GLN E 303 29.76 -51.64 3.89
CA GLN E 303 28.57 -52.41 4.26
C GLN E 303 27.31 -51.69 3.80
N LYS E 304 26.36 -52.45 3.26
CA LYS E 304 25.11 -51.86 2.79
C LYS E 304 24.22 -51.44 3.95
N SER E 305 24.29 -52.15 5.08
CA SER E 305 23.52 -51.75 6.26
C SER E 305 23.89 -50.36 6.74
N ASP E 306 25.10 -49.91 6.43
CA ASP E 306 25.54 -48.57 6.80
C ASP E 306 24.62 -47.51 6.22
N HIS E 397 37.19 -36.86 -17.67
CA HIS E 397 36.70 -36.36 -16.38
C HIS E 397 37.75 -36.58 -15.29
N PHE E 398 37.57 -35.89 -14.16
CA PHE E 398 38.48 -36.01 -13.04
C PHE E 398 37.73 -35.66 -11.76
N THR E 399 38.29 -36.10 -10.63
CA THR E 399 37.72 -35.84 -9.32
C THR E 399 38.56 -34.79 -8.60
N THR E 400 37.89 -33.76 -8.09
CA THR E 400 38.54 -32.64 -7.40
C THR E 400 37.98 -32.48 -5.99
N ILE E 401 37.84 -33.59 -5.28
CA ILE E 401 37.29 -33.61 -3.93
C ILE E 401 38.40 -33.97 -2.96
N ALA E 402 38.56 -33.16 -1.91
CA ALA E 402 39.55 -33.39 -0.87
C ALA E 402 40.96 -33.46 -1.46
N ARG E 403 41.25 -32.55 -2.38
CA ARG E 403 42.58 -32.45 -2.98
C ARG E 403 43.04 -30.99 -2.96
N PRO E 404 44.35 -30.76 -2.95
CA PRO E 404 44.86 -29.39 -2.78
C PRO E 404 44.90 -28.58 -4.06
N THR E 405 45.04 -29.24 -5.20
CA THR E 405 45.18 -28.56 -6.48
C THR E 405 44.23 -29.15 -7.50
N ILE E 406 43.80 -28.31 -8.43
CA ILE E 406 42.87 -28.73 -9.48
C ILE E 406 43.65 -28.98 -10.77
N ASN E 411 51.87 -21.75 -11.48
CA ASN E 411 50.69 -21.89 -10.65
C ASN E 411 51.02 -22.63 -9.35
N GLN E 412 52.08 -22.19 -8.67
CA GLN E 412 52.49 -22.82 -7.43
C GLN E 412 51.48 -22.61 -6.30
N GLU E 413 50.52 -21.70 -6.46
CA GLU E 413 49.53 -21.48 -5.43
C GLU E 413 48.79 -22.77 -5.13
N ILE E 414 48.62 -23.07 -3.84
CA ILE E 414 48.02 -24.32 -3.39
C ILE E 414 46.99 -24.00 -2.31
N TRP E 415 45.88 -24.73 -2.34
CA TRP E 415 44.78 -24.60 -1.38
C TRP E 415 44.07 -23.26 -1.47
N GLY E 416 44.27 -22.51 -2.56
CA GLY E 416 43.61 -21.23 -2.74
C GLY E 416 44.32 -20.05 -2.12
N ILE E 417 45.42 -20.26 -1.40
CA ILE E 417 46.19 -19.20 -0.79
C ILE E 417 47.53 -19.12 -1.52
N LYS E 418 47.81 -17.95 -2.10
CA LYS E 418 49.03 -17.80 -2.89
C LYS E 418 50.27 -18.02 -2.02
N CYS E 419 51.25 -18.72 -2.59
CA CYS E 419 52.51 -18.98 -1.91
C CYS E 419 53.41 -17.77 -2.10
N ARG E 420 53.44 -16.89 -1.09
CA ARG E 420 54.23 -15.68 -1.18
C ARG E 420 55.73 -15.97 -1.27
N LEU E 421 56.16 -17.17 -0.90
CA LEU E 421 57.58 -17.54 -0.97
C LEU E 421 57.66 -18.97 -1.51
N THR E 422 58.11 -19.10 -2.76
CA THR E 422 58.40 -20.38 -3.37
C THR E 422 59.83 -20.37 -3.90
N LEU E 423 60.56 -21.47 -3.68
CA LEU E 423 61.96 -21.50 -4.04
C LEU E 423 62.16 -21.32 -5.54
N GLN E 424 61.32 -21.95 -6.35
CA GLN E 424 61.44 -21.86 -7.80
C GLN E 424 61.25 -20.42 -8.27
N GLN F 6 52.08 -49.04 -27.11
CA GLN F 6 51.18 -49.51 -26.06
C GLN F 6 51.93 -49.69 -24.75
N ILE F 7 51.26 -50.31 -23.77
CA ILE F 7 51.90 -50.53 -22.47
C ILE F 7 53.08 -51.48 -22.62
N TYR F 8 54.00 -51.39 -21.67
CA TYR F 8 55.20 -52.24 -21.67
C TYR F 8 55.55 -52.52 -20.21
N TYR F 9 55.18 -53.70 -19.73
CA TYR F 9 55.47 -54.07 -18.36
C TYR F 9 56.97 -54.23 -18.14
N SER F 10 57.43 -53.84 -16.95
CA SER F 10 58.83 -53.94 -16.60
C SER F 10 59.15 -55.30 -15.99
N ASP F 11 60.43 -55.55 -15.76
CA ASP F 11 60.86 -56.84 -15.20
C ASP F 11 60.67 -56.85 -13.69
N LYS F 12 61.34 -55.95 -12.98
CA LYS F 12 61.23 -55.89 -11.52
C LYS F 12 61.68 -54.52 -11.06
N TYR F 13 60.77 -53.77 -10.44
CA TYR F 13 61.07 -52.45 -9.91
C TYR F 13 60.68 -52.26 -8.45
N ASP F 14 59.76 -53.06 -7.92
CA ASP F 14 59.33 -52.93 -6.53
C ASP F 14 59.58 -54.23 -5.77
N ASP F 15 60.77 -54.81 -5.92
CA ASP F 15 61.06 -56.10 -5.29
C ASP F 15 60.77 -56.07 -3.80
N GLU F 16 61.06 -54.95 -3.14
CA GLU F 16 60.80 -54.84 -1.70
C GLU F 16 59.31 -55.00 -1.41
N GLU F 17 58.46 -54.32 -2.18
CA GLU F 17 57.00 -54.42 -2.06
C GLU F 17 56.45 -54.32 -3.48
N PHE F 18 56.20 -55.47 -4.09
CA PHE F 18 55.88 -55.54 -5.51
C PHE F 18 54.36 -55.50 -5.71
N GLU F 19 53.90 -54.50 -6.47
CA GLU F 19 52.51 -54.44 -6.90
C GLU F 19 52.35 -54.10 -8.37
N TYR F 20 53.39 -53.63 -9.04
CA TYR F 20 53.36 -53.33 -10.46
C TYR F 20 54.80 -53.01 -10.89
N ARG F 21 54.96 -52.60 -12.15
CA ARG F 21 56.27 -52.25 -12.68
C ARG F 21 56.11 -51.06 -13.62
N HIS F 22 57.22 -50.68 -14.25
CA HIS F 22 57.18 -49.55 -15.18
C HIS F 22 56.27 -49.87 -16.36
N VAL F 23 55.49 -48.87 -16.78
CA VAL F 23 54.55 -49.01 -17.88
C VAL F 23 54.71 -47.82 -18.82
N MET F 24 54.23 -47.99 -20.04
CA MET F 24 54.30 -46.95 -21.04
C MET F 24 53.19 -45.92 -20.80
N LEU F 25 53.18 -44.86 -21.61
CA LEU F 25 52.21 -43.79 -21.49
C LEU F 25 51.54 -43.58 -22.85
N PRO F 26 50.20 -43.62 -22.92
CA PRO F 26 49.53 -43.39 -24.19
C PRO F 26 49.28 -41.91 -24.45
N LYS F 27 48.97 -41.61 -25.72
CA LYS F 27 48.72 -40.23 -26.11
C LYS F 27 47.51 -39.67 -25.37
N ASP F 28 46.43 -40.44 -25.28
CA ASP F 28 45.24 -39.98 -24.58
C ASP F 28 45.47 -39.94 -23.07
N ILE F 29 46.25 -40.89 -22.54
CA ILE F 29 46.49 -40.92 -21.10
C ILE F 29 47.27 -39.70 -20.65
N ALA F 30 48.19 -39.20 -21.48
CA ALA F 30 49.00 -38.06 -21.08
C ALA F 30 48.14 -36.84 -20.79
N LYS F 31 47.14 -36.57 -21.62
CA LYS F 31 46.27 -35.42 -21.40
C LYS F 31 45.53 -35.55 -20.07
N LEU F 32 45.03 -36.74 -19.76
CA LEU F 32 44.29 -36.93 -18.51
C LEU F 32 45.20 -36.95 -17.29
N VAL F 33 46.50 -37.11 -17.48
CA VAL F 33 47.45 -37.16 -16.37
C VAL F 33 47.84 -35.74 -15.98
N PRO F 34 47.25 -35.18 -14.93
CA PRO F 34 47.60 -33.82 -14.51
C PRO F 34 48.71 -33.80 -13.47
N LYS F 35 49.49 -32.72 -13.51
CA LYS F 35 50.56 -32.55 -12.53
C LYS F 35 50.00 -32.24 -11.14
N THR F 36 48.88 -31.53 -11.08
CA THR F 36 48.31 -31.18 -9.78
C THR F 36 47.93 -32.43 -8.99
N HIS F 37 47.32 -33.41 -9.65
CA HIS F 37 46.92 -34.66 -9.02
C HIS F 37 48.00 -35.71 -9.31
N LEU F 38 48.57 -36.28 -8.25
CA LEU F 38 49.64 -37.25 -8.39
C LEU F 38 49.09 -38.54 -9.02
N MET F 39 49.99 -39.48 -9.25
CA MET F 39 49.65 -40.75 -9.89
C MET F 39 49.10 -41.69 -8.82
N SER F 40 47.79 -41.63 -8.61
CA SER F 40 47.14 -42.54 -7.68
C SER F 40 47.23 -43.97 -8.17
N GLU F 41 47.17 -44.92 -7.23
CA GLU F 41 47.35 -46.33 -7.57
C GLU F 41 46.35 -46.78 -8.64
N SER F 42 45.06 -46.54 -8.40
CA SER F 42 44.01 -46.99 -9.31
C SER F 42 42.96 -45.91 -9.52
N GLU F 43 43.34 -44.65 -9.40
CA GLU F 43 42.43 -43.54 -9.66
C GLU F 43 42.37 -43.16 -11.13
N TRP F 44 43.16 -43.81 -11.99
CA TRP F 44 43.16 -43.54 -13.41
C TRP F 44 42.32 -44.53 -14.20
N ARG F 45 41.52 -45.36 -13.52
CA ARG F 45 40.69 -46.32 -14.22
C ARG F 45 39.75 -45.64 -15.21
N ASN F 46 39.22 -44.48 -14.83
CA ASN F 46 38.36 -43.73 -15.75
C ASN F 46 39.14 -43.30 -16.99
N LEU F 47 40.38 -42.87 -16.81
CA LEU F 47 41.21 -42.41 -17.94
C LEU F 47 42.02 -43.56 -18.53
N GLY F 48 41.33 -44.64 -18.90
CA GLY F 48 41.95 -45.77 -19.57
C GLY F 48 43.19 -46.30 -18.86
N VAL F 49 43.01 -46.87 -17.68
CA VAL F 49 44.11 -47.44 -16.90
C VAL F 49 43.85 -48.93 -16.71
N GLN F 50 44.84 -49.75 -17.05
CA GLN F 50 44.74 -51.20 -16.91
C GLN F 50 46.14 -51.76 -16.71
N GLN F 51 46.42 -52.25 -15.51
CA GLN F 51 47.74 -52.78 -15.18
C GLN F 51 47.61 -53.59 -13.91
N SER F 52 48.76 -53.98 -13.34
CA SER F 52 48.77 -54.78 -12.12
C SER F 52 48.02 -54.06 -11.00
N GLN F 53 47.57 -54.84 -10.02
CA GLN F 53 46.81 -54.29 -8.92
C GLN F 53 47.63 -53.26 -8.15
N GLY F 54 47.00 -52.14 -7.84
CA GLY F 54 47.64 -51.07 -7.10
C GLY F 54 48.48 -50.16 -7.98
N TRP F 55 49.67 -50.62 -8.37
CA TRP F 55 50.56 -49.85 -9.22
C TRP F 55 50.72 -48.42 -8.69
N VAL F 56 50.97 -48.31 -7.40
CA VAL F 56 51.13 -47.01 -6.75
C VAL F 56 52.42 -46.38 -7.25
N HIS F 57 52.30 -45.30 -8.01
CA HIS F 57 53.47 -44.60 -8.55
C HIS F 57 53.96 -43.60 -7.52
N TYR F 58 55.15 -43.83 -6.98
CA TYR F 58 55.70 -42.95 -5.95
C TYR F 58 56.19 -41.63 -6.53
N MET F 59 56.48 -41.58 -7.83
CA MET F 59 56.97 -40.36 -8.47
C MET F 59 56.45 -40.33 -9.91
N ILE F 60 56.99 -39.41 -10.71
CA ILE F 60 56.61 -39.26 -12.11
C ILE F 60 57.85 -39.37 -12.97
N HIS F 61 57.68 -39.27 -14.29
CA HIS F 61 58.81 -39.37 -15.20
C HIS F 61 59.83 -38.28 -14.90
N GLU F 62 61.11 -38.68 -14.84
CA GLU F 62 62.16 -37.70 -14.54
C GLU F 62 62.35 -36.73 -15.70
N PRO F 63 62.81 -37.18 -16.88
CA PRO F 63 63.01 -36.22 -17.99
C PRO F 63 61.72 -35.56 -18.42
N GLU F 64 60.70 -36.36 -18.75
CA GLU F 64 59.42 -35.84 -19.20
C GLU F 64 58.40 -36.97 -19.31
N PRO F 65 57.13 -36.71 -19.00
CA PRO F 65 56.12 -37.77 -19.11
C PRO F 65 55.50 -37.83 -20.50
N HIS F 66 55.30 -39.05 -20.97
CA HIS F 66 54.72 -39.28 -22.29
C HIS F 66 53.20 -39.41 -22.19
N THR G 165 70.02 -41.73 -27.36
CA THR G 165 70.28 -42.83 -28.29
C THR G 165 69.65 -44.12 -27.78
N LEU G 166 68.95 -44.82 -28.67
CA LEU G 166 68.31 -46.08 -28.28
C LEU G 166 69.34 -47.12 -27.87
N TRP G 167 70.45 -47.21 -28.61
CA TRP G 167 71.49 -48.19 -28.29
C TRP G 167 72.08 -47.93 -26.92
N TYR G 168 72.36 -46.67 -26.59
CA TYR G 168 72.94 -46.32 -25.31
C TYR G 168 72.40 -44.97 -24.88
N ARG G 169 72.14 -44.82 -23.58
CA ARG G 169 71.62 -43.59 -23.01
C ARG G 169 72.60 -43.05 -21.97
N ALA G 170 72.83 -41.75 -22.02
CA ALA G 170 73.75 -41.12 -21.08
C ALA G 170 73.17 -41.16 -19.67
N PRO G 171 73.92 -41.65 -18.68
CA PRO G 171 73.37 -41.68 -17.32
C PRO G 171 72.98 -40.31 -16.80
N GLU G 172 73.74 -39.27 -17.15
CA GLU G 172 73.40 -37.92 -16.71
C GLU G 172 72.05 -37.49 -17.26
N ILE G 173 71.79 -37.77 -18.54
CA ILE G 173 70.52 -37.39 -19.15
C ILE G 173 69.47 -38.46 -18.89
N TYR G 180 74.80 -31.14 -21.14
CA TYR G 180 74.93 -32.31 -22.00
C TYR G 180 76.36 -32.44 -22.54
N SER G 181 77.30 -31.79 -21.85
CA SER G 181 78.69 -31.84 -22.29
C SER G 181 79.24 -33.25 -22.18
N THR G 182 79.96 -33.68 -23.21
CA THR G 182 80.55 -35.02 -23.26
C THR G 182 79.49 -36.09 -23.01
N ALA G 183 78.36 -35.95 -23.70
CA ALA G 183 77.27 -36.91 -23.53
C ALA G 183 77.70 -38.31 -23.92
N VAL G 184 78.40 -38.44 -25.05
CA VAL G 184 78.88 -39.76 -25.47
C VAL G 184 79.87 -40.31 -24.47
N ASP G 185 80.81 -39.47 -24.02
CA ASP G 185 81.78 -39.90 -23.01
C ASP G 185 81.09 -40.19 -21.68
N ILE G 186 80.11 -39.37 -21.31
CA ILE G 186 79.41 -39.56 -20.05
C ILE G 186 78.68 -40.90 -20.04
N TRP G 187 78.06 -41.25 -21.17
CA TRP G 187 77.33 -42.52 -21.25
C TRP G 187 78.26 -43.71 -21.01
N SER G 188 79.46 -43.68 -21.60
CA SER G 188 80.41 -44.77 -21.42
C SER G 188 81.78 -44.37 -21.97
N SER G 207 61.52 -45.02 -22.37
CA SER G 207 61.95 -44.09 -21.33
C SER G 207 63.43 -44.27 -21.02
N GLU G 208 64.15 -43.16 -20.94
CA GLU G 208 65.58 -43.21 -20.63
C GLU G 208 65.81 -43.75 -19.22
N ILE G 209 64.94 -43.40 -18.28
CA ILE G 209 65.11 -43.86 -16.90
C ILE G 209 65.03 -45.38 -16.83
N ASP G 210 64.07 -45.97 -17.54
CA ASP G 210 63.93 -47.42 -17.53
C ASP G 210 65.17 -48.10 -18.09
N GLN G 211 65.70 -47.57 -19.20
CA GLN G 211 66.91 -48.15 -19.79
C GLN G 211 68.09 -48.03 -18.85
N LEU G 212 68.25 -46.87 -18.20
CA LEU G 212 69.39 -46.65 -17.32
C LEU G 212 69.29 -47.39 -16.00
N PHE G 213 68.07 -47.76 -15.58
CA PHE G 213 67.90 -48.44 -14.30
C PHE G 213 68.50 -49.83 -14.27
N ARG G 214 68.87 -50.40 -15.43
CA ARG G 214 69.39 -51.77 -15.45
C ARG G 214 70.65 -51.88 -14.60
N ILE G 215 71.59 -50.95 -14.78
CA ILE G 215 72.84 -51.02 -14.02
C ILE G 215 72.60 -50.68 -12.55
N PHE G 216 71.81 -49.64 -12.28
CA PHE G 216 71.60 -49.20 -10.90
C PHE G 216 70.92 -50.28 -10.07
N ARG G 217 69.87 -50.92 -10.63
CA ARG G 217 69.15 -51.93 -9.86
C ARG G 217 70.03 -53.11 -9.52
N THR G 218 70.85 -53.58 -10.46
CA THR G 218 71.73 -54.71 -10.23
C THR G 218 73.11 -54.24 -9.80
N VAL G 226 76.23 -43.92 -3.76
CA VAL G 226 77.10 -44.68 -4.65
C VAL G 226 78.24 -43.79 -5.13
N TRP G 227 77.93 -42.53 -5.41
CA TRP G 227 78.93 -41.57 -5.88
C TRP G 227 78.46 -40.18 -5.51
N PRO G 228 79.36 -39.22 -5.43
CA PRO G 228 78.97 -37.85 -5.08
C PRO G 228 78.27 -37.16 -6.24
N GLY G 229 77.64 -36.04 -5.92
CA GLY G 229 76.92 -35.28 -6.93
C GLY G 229 75.60 -35.88 -7.36
N VAL G 230 75.01 -36.75 -6.54
CA VAL G 230 73.74 -37.38 -6.92
C VAL G 230 72.65 -36.33 -7.07
N THR G 231 72.59 -35.38 -6.14
CA THR G 231 71.56 -34.35 -6.16
C THR G 231 71.93 -33.22 -7.13
N SER G 232 72.10 -33.62 -8.40
CA SER G 232 72.42 -32.69 -9.48
C SER G 232 71.36 -32.68 -10.56
N MET G 233 70.93 -33.85 -11.04
CA MET G 233 69.92 -33.93 -12.08
C MET G 233 68.52 -34.01 -11.47
N PRO G 234 67.50 -33.58 -12.20
CA PRO G 234 66.13 -33.66 -11.66
C PRO G 234 65.67 -35.08 -11.38
N ASP G 235 66.26 -36.08 -12.04
CA ASP G 235 65.86 -37.47 -11.83
C ASP G 235 66.19 -37.99 -10.45
N TYR G 236 67.04 -37.28 -9.69
CA TYR G 236 67.40 -37.72 -8.35
C TYR G 236 66.18 -37.64 -7.44
N LYS G 237 65.64 -38.80 -7.06
CA LYS G 237 64.47 -38.85 -6.20
C LYS G 237 64.36 -40.25 -5.62
N PRO G 238 63.99 -40.39 -4.35
CA PRO G 238 63.87 -41.73 -3.74
C PRO G 238 62.48 -42.34 -3.78
N SER G 239 61.52 -41.71 -4.46
CA SER G 239 60.18 -42.27 -4.52
C SER G 239 60.18 -43.64 -5.18
N PHE G 240 60.79 -43.75 -6.35
CA PHE G 240 60.88 -45.03 -7.03
C PHE G 240 61.93 -45.92 -6.35
N PRO G 241 61.75 -47.24 -6.40
CA PRO G 241 62.73 -48.13 -5.78
C PRO G 241 64.00 -48.24 -6.60
N LYS G 242 65.11 -47.71 -6.05
CA LYS G 242 66.40 -47.73 -6.73
C LYS G 242 67.52 -48.09 -5.78
N TRP G 243 67.23 -48.94 -4.78
CA TRP G 243 68.22 -49.36 -3.80
C TRP G 243 68.78 -50.73 -4.17
N ALA G 244 70.04 -50.94 -3.81
CA ALA G 244 70.72 -52.20 -4.10
C ALA G 244 70.73 -52.48 -5.60
#